data_6Y60
#
_entry.id   6Y60
#
_cell.length_a   83.322
_cell.length_b   141.724
_cell.length_c   251.302
_cell.angle_alpha   90.000
_cell.angle_beta   90.000
_cell.angle_gamma   90.000
#
_symmetry.space_group_name_H-M   'P 21 21 21'
#
loop_
_entity.id
_entity.type
_entity.pdbx_description
1 polymer 'Capsid protein VP1'
2 branched 'N-acetyl-alpha-neuraminic acid-(2-3)-beta-D-galactopyranose'
3 non-polymer 'PHOSPHATE ION'
4 non-polymer 'N-acetyl-alpha-neuraminic acid'
5 water water
#
_entity_poly.entity_id   1
_entity_poly.type   'polypeptide(L)'
_entity_poly.pdbx_seq_one_letter_code
;GSHMGGIEVLDVKTGDDSITQIEAFLNPRMGVNDETNTWYGFSEQVTVATARETDRPPKEQMPYYSCARIPLPLLNEDMT
CNTLLMWEAVSVKTEVIGSNTLMNVHDYMTRTDNGVGHPVVGSTYHMFAVGGEPLDLQGIQQSHLVQYPEGLIVPKSVTD
VTAKIQCLDPSAKAKLDKDGKYPIETWSPDPSRNENTRYFGNYYGGLTTPPVLTFTNTVTTILLDENGVGPLCKGDGLFL
SCCDVMGWFTAGSGTHQRFRGLPRYFNVQLRKRAVRN
;
_entity_poly.pdbx_strand_id   AAA,BBB,CCC,DDD,EEE,FFF,GGG,HHH,III,JJJ
#
# COMPACT_ATOMS: atom_id res chain seq x y z
N SER A 18 -49.80 -38.46 -16.04
CA SER A 18 -50.02 -37.74 -14.74
C SER A 18 -48.67 -37.27 -14.18
N ILE A 19 -48.50 -35.95 -13.99
CA ILE A 19 -47.33 -35.33 -13.30
C ILE A 19 -47.78 -34.76 -11.95
N THR A 20 -47.32 -35.34 -10.85
CA THR A 20 -47.46 -34.80 -9.47
C THR A 20 -46.33 -33.78 -9.23
N GLN A 21 -46.63 -32.64 -8.61
CA GLN A 21 -45.65 -31.59 -8.27
C GLN A 21 -45.35 -31.68 -6.78
N ILE A 22 -44.06 -31.69 -6.43
CA ILE A 22 -43.57 -31.55 -5.02
C ILE A 22 -42.75 -30.29 -4.97
N GLU A 23 -43.03 -29.41 -4.00
CA GLU A 23 -42.21 -28.19 -3.81
C GLU A 23 -41.72 -28.12 -2.36
N ALA A 24 -40.54 -27.55 -2.17
CA ALA A 24 -39.92 -27.41 -0.84
C ALA A 24 -38.88 -26.30 -0.88
N PHE A 25 -38.72 -25.62 0.25
CA PHE A 25 -37.56 -24.76 0.59
C PHE A 25 -36.67 -25.51 1.56
N LEU A 26 -35.36 -25.50 1.33
CA LEU A 26 -34.36 -26.01 2.30
C LEU A 26 -33.59 -24.79 2.78
N ASN A 27 -33.60 -24.57 4.09
CA ASN A 27 -32.83 -23.47 4.71
C ASN A 27 -31.38 -23.87 4.85
N PRO A 28 -30.48 -22.87 4.71
CA PRO A 28 -29.04 -23.11 4.84
C PRO A 28 -28.69 -23.53 6.27
N ARG A 29 -27.63 -24.32 6.36
CA ARG A 29 -27.01 -24.80 7.61
C ARG A 29 -25.57 -24.29 7.57
N MET A 30 -25.41 -23.02 7.92
CA MET A 30 -24.13 -22.30 7.85
C MET A 30 -23.37 -22.41 9.17
N GLY A 31 -23.97 -23.03 10.21
CA GLY A 31 -23.31 -23.26 11.51
C GLY A 31 -24.23 -22.83 12.66
N VAL A 32 -24.85 -21.67 12.50
CA VAL A 32 -26.02 -21.21 13.31
C VAL A 32 -27.26 -21.81 12.64
N ASN A 33 -27.60 -23.02 13.06
CA ASN A 33 -28.63 -23.87 12.41
C ASN A 33 -29.96 -23.72 13.16
N ASP A 34 -29.98 -22.87 14.19
CA ASP A 34 -31.14 -22.63 15.11
C ASP A 34 -31.90 -21.38 14.68
N GLU A 35 -33.15 -21.53 14.25
CA GLU A 35 -33.97 -20.42 13.71
C GLU A 35 -34.29 -19.39 14.78
N THR A 36 -34.05 -19.68 16.08
CA THR A 36 -34.29 -18.70 17.19
C THR A 36 -33.04 -17.83 17.40
N ASN A 37 -31.88 -18.29 16.91
CA ASN A 37 -30.60 -17.55 17.04
C ASN A 37 -30.54 -16.37 16.07
N THR A 38 -30.09 -15.21 16.57
CA THR A 38 -30.09 -13.90 15.88
C THR A 38 -29.13 -13.93 14.67
N TRP A 39 -28.19 -14.89 14.60
CA TRP A 39 -27.24 -15.06 13.45
C TRP A 39 -27.66 -16.24 12.57
N TYR A 40 -28.91 -16.71 12.66
CA TYR A 40 -29.47 -17.77 11.76
C TYR A 40 -29.15 -17.42 10.29
N GLY A 41 -28.64 -18.40 9.55
CA GLY A 41 -28.26 -18.26 8.13
C GLY A 41 -26.81 -17.79 7.98
N PHE A 42 -26.09 -17.71 9.09
CA PHE A 42 -24.66 -17.36 9.14
C PHE A 42 -23.96 -18.40 9.99
N SER A 43 -22.64 -18.39 9.96
CA SER A 43 -21.83 -19.20 10.91
C SER A 43 -21.59 -18.32 12.14
N GLU A 44 -21.07 -18.91 13.21
CA GLU A 44 -20.42 -18.09 14.28
C GLU A 44 -19.12 -17.55 13.68
N GLN A 45 -18.51 -16.58 14.34
CA GLN A 45 -17.22 -15.97 13.95
C GLN A 45 -16.19 -17.09 13.77
N VAL A 46 -15.57 -17.11 12.60
CA VAL A 46 -14.63 -18.19 12.23
C VAL A 46 -13.33 -17.96 12.98
N THR A 47 -12.90 -18.99 13.73
CA THR A 47 -11.58 -19.02 14.38
C THR A 47 -10.62 -19.87 13.54
N VAL A 48 -9.33 -19.63 13.69
CA VAL A 48 -8.29 -20.25 12.83
C VAL A 48 -7.29 -20.94 13.74
N ALA A 49 -6.91 -22.18 13.43
CA ALA A 49 -5.93 -22.97 14.21
C ALA A 49 -4.62 -22.19 14.31
N THR A 50 -3.94 -22.30 15.45
CA THR A 50 -2.58 -21.76 15.70
C THR A 50 -1.53 -22.87 15.47
N ALA A 51 -1.98 -24.09 15.20
CA ALA A 51 -1.12 -25.24 14.86
C ALA A 51 -1.98 -26.27 14.13
N ARG A 52 -1.37 -26.97 13.20
CA ARG A 52 -2.01 -28.09 12.46
C ARG A 52 -2.51 -29.17 13.44
N GLU A 53 -1.82 -29.36 14.57
CA GLU A 53 -2.07 -30.46 15.54
C GLU A 53 -3.09 -30.05 16.60
N THR A 54 -3.51 -28.78 16.66
CA THR A 54 -4.55 -28.29 17.59
C THR A 54 -5.68 -27.61 16.84
N ASP A 55 -5.95 -28.07 15.64
CA ASP A 55 -7.00 -27.52 14.73
C ASP A 55 -8.36 -28.09 15.16
N ARG A 56 -9.15 -27.32 15.90
CA ARG A 56 -10.39 -27.79 16.56
C ARG A 56 -11.46 -26.78 16.21
N PRO A 57 -12.15 -26.92 15.06
CA PRO A 57 -13.26 -26.03 14.72
C PRO A 57 -14.53 -26.33 15.50
N PRO A 58 -15.07 -25.37 16.26
CA PRO A 58 -16.39 -25.51 16.87
C PRO A 58 -17.46 -25.75 15.80
N LYS A 59 -18.46 -26.58 16.10
CA LYS A 59 -19.53 -26.99 15.16
C LYS A 59 -20.18 -25.76 14.52
N GLU A 60 -20.33 -24.65 15.25
CA GLU A 60 -21.07 -23.45 14.76
C GLU A 60 -20.26 -22.65 13.74
N GLN A 61 -19.02 -23.03 13.46
CA GLN A 61 -18.08 -22.21 12.64
C GLN A 61 -17.87 -22.81 11.24
N MET A 62 -18.66 -23.82 10.86
CA MET A 62 -18.56 -24.53 9.55
C MET A 62 -19.92 -24.69 8.91
N PRO A 63 -19.97 -24.58 7.56
CA PRO A 63 -21.18 -24.84 6.82
C PRO A 63 -21.39 -26.34 6.58
N TYR A 64 -22.66 -26.72 6.53
CA TYR A 64 -23.15 -28.13 6.46
C TYR A 64 -23.96 -28.32 5.19
N TYR A 65 -24.11 -29.58 4.75
CA TYR A 65 -25.18 -29.94 3.78
C TYR A 65 -26.54 -29.81 4.46
N SER A 66 -27.50 -29.20 3.77
CA SER A 66 -28.94 -29.27 4.10
C SER A 66 -29.47 -30.53 3.45
N CYS A 67 -30.42 -31.20 4.08
CA CYS A 67 -31.15 -32.29 3.39
C CYS A 67 -32.53 -32.49 4.02
N ALA A 68 -33.41 -33.09 3.22
CA ALA A 68 -34.82 -33.30 3.57
C ALA A 68 -35.35 -34.49 2.78
N ARG A 69 -36.10 -35.35 3.46
CA ARG A 69 -36.89 -36.45 2.85
C ARG A 69 -38.32 -35.93 2.80
N ILE A 70 -38.85 -35.73 1.61
CA ILE A 70 -40.28 -35.34 1.43
C ILE A 70 -41.07 -36.65 1.29
N PRO A 71 -42.08 -36.88 2.16
CA PRO A 71 -42.92 -38.07 2.02
C PRO A 71 -43.85 -37.95 0.81
N LEU A 72 -43.98 -39.03 0.05
CA LEU A 72 -44.82 -39.06 -1.19
C LEU A 72 -46.05 -39.93 -0.93
N PRO A 73 -47.17 -39.73 -1.67
CA PRO A 73 -48.33 -40.62 -1.56
C PRO A 73 -47.95 -42.10 -1.68
N LEU A 74 -48.43 -42.95 -0.75
CA LEU A 74 -48.16 -44.41 -0.80
C LEU A 74 -48.78 -44.96 -2.09
N LEU A 75 -48.11 -45.88 -2.75
CA LEU A 75 -48.51 -46.35 -4.10
C LEU A 75 -48.92 -47.83 -4.06
N ASN A 76 -48.36 -48.61 -3.14
CA ASN A 76 -48.48 -50.09 -3.13
C ASN A 76 -49.14 -50.53 -1.82
N GLU A 77 -50.39 -51.02 -1.91
CA GLU A 77 -51.21 -51.53 -0.77
C GLU A 77 -50.54 -52.80 -0.20
N ASP A 78 -49.77 -53.53 -1.01
CA ASP A 78 -49.08 -54.79 -0.62
C ASP A 78 -47.72 -54.83 -1.31
N MET A 79 -46.66 -55.04 -0.53
CA MET A 79 -45.24 -54.95 -0.96
C MET A 79 -44.71 -56.32 -1.41
N THR A 80 -45.53 -57.38 -1.29
CA THR A 80 -45.22 -58.77 -1.77
C THR A 80 -45.23 -58.81 -3.31
N CYS A 81 -46.14 -58.05 -3.95
CA CYS A 81 -46.43 -58.01 -5.43
C CYS A 81 -45.16 -57.88 -6.26
N ASN A 82 -45.00 -58.75 -7.28
CA ASN A 82 -43.81 -58.83 -8.17
C ASN A 82 -43.74 -57.60 -9.11
N THR A 83 -44.81 -56.81 -9.18
CA THR A 83 -44.81 -55.52 -9.91
C THR A 83 -45.29 -54.44 -8.97
N LEU A 84 -44.49 -53.38 -8.82
CA LEU A 84 -44.81 -52.24 -7.92
C LEU A 84 -44.72 -50.92 -8.70
N LEU A 85 -45.42 -49.90 -8.23
CA LEU A 85 -45.28 -48.48 -8.66
C LEU A 85 -44.24 -47.78 -7.77
N MET A 86 -43.33 -46.99 -8.36
CA MET A 86 -42.45 -46.02 -7.63
C MET A 86 -42.64 -44.65 -8.28
N TRP A 87 -42.59 -43.60 -7.47
CA TRP A 87 -42.48 -42.20 -7.96
C TRP A 87 -41.10 -42.01 -8.57
N GLU A 88 -41.08 -41.48 -9.79
CA GLU A 88 -39.87 -41.25 -10.61
C GLU A 88 -39.75 -39.74 -10.77
N ALA A 89 -38.66 -39.15 -10.31
CA ALA A 89 -38.43 -37.69 -10.48
C ALA A 89 -37.98 -37.45 -11.91
N VAL A 90 -38.75 -36.73 -12.74
CA VAL A 90 -38.41 -36.57 -14.18
C VAL A 90 -37.69 -35.23 -14.38
N SER A 91 -37.96 -34.24 -13.54
CA SER A 91 -37.40 -32.90 -13.73
C SER A 91 -37.51 -32.09 -12.44
N VAL A 92 -36.77 -30.98 -12.39
CA VAL A 92 -36.77 -30.09 -11.20
C VAL A 92 -36.57 -28.66 -11.68
N LYS A 93 -37.32 -27.74 -11.09
CA LYS A 93 -37.01 -26.30 -11.09
C LYS A 93 -36.41 -25.97 -9.74
N THR A 94 -35.18 -25.45 -9.73
CA THR A 94 -34.49 -25.08 -8.47
C THR A 94 -34.06 -23.62 -8.58
N GLU A 95 -34.05 -22.96 -7.42
CA GLU A 95 -33.75 -21.51 -7.29
C GLU A 95 -33.04 -21.28 -5.95
N VAL A 96 -31.93 -20.57 -5.97
CA VAL A 96 -31.34 -20.00 -4.73
C VAL A 96 -32.04 -18.64 -4.53
N ILE A 97 -32.56 -18.45 -3.33
CA ILE A 97 -33.42 -17.30 -2.95
C ILE A 97 -32.53 -16.33 -2.20
N GLY A 98 -32.63 -15.04 -2.48
CA GLY A 98 -32.12 -14.01 -1.55
C GLY A 98 -30.79 -13.39 -1.94
N SER A 99 -30.41 -13.42 -3.22
CA SER A 99 -29.26 -12.66 -3.78
C SER A 99 -29.48 -11.17 -3.53
N ASN A 100 -30.75 -10.74 -3.62
CA ASN A 100 -31.16 -9.34 -3.37
C ASN A 100 -30.74 -8.87 -1.95
N THR A 101 -30.68 -9.76 -0.96
CA THR A 101 -30.30 -9.38 0.42
C THR A 101 -28.83 -8.89 0.48
N LEU A 102 -27.99 -9.30 -0.48
CA LEU A 102 -26.55 -8.95 -0.52
C LEU A 102 -26.34 -7.53 -1.03
N MET A 103 -27.41 -6.91 -1.54
CA MET A 103 -27.47 -5.49 -1.98
C MET A 103 -27.72 -4.55 -0.78
N ASN A 104 -27.81 -5.12 0.43
CA ASN A 104 -27.81 -4.40 1.73
C ASN A 104 -26.35 -4.05 2.11
N VAL A 105 -25.99 -2.78 1.96
CA VAL A 105 -24.65 -2.29 2.37
C VAL A 105 -24.75 -1.19 3.43
N HIS A 106 -25.83 -1.19 4.21
CA HIS A 106 -26.09 -0.20 5.29
C HIS A 106 -26.06 -0.91 6.65
N ASP A 107 -25.97 -2.23 6.65
CA ASP A 107 -25.87 -3.00 7.91
C ASP A 107 -24.58 -2.58 8.63
N TYR A 108 -24.44 -3.01 9.88
CA TYR A 108 -23.25 -2.77 10.73
C TYR A 108 -22.12 -3.66 10.18
N MET A 109 -21.37 -3.10 9.22
CA MET A 109 -20.41 -3.78 8.32
C MET A 109 -19.11 -2.93 8.24
N THR A 110 -17.97 -3.55 7.90
CA THR A 110 -16.71 -2.80 7.64
C THR A 110 -16.97 -1.80 6.53
N ARG A 111 -16.32 -0.64 6.57
CA ARG A 111 -16.41 0.34 5.46
C ARG A 111 -15.07 1.00 5.22
N THR A 112 -14.91 1.61 4.07
CA THR A 112 -13.71 2.39 3.69
C THR A 112 -14.12 3.87 3.71
N ASP A 113 -13.64 4.62 4.69
CA ASP A 113 -13.96 6.07 4.81
C ASP A 113 -15.50 6.18 4.96
N ASN A 114 -16.17 6.94 4.09
CA ASN A 114 -17.65 7.17 4.14
C ASN A 114 -18.32 6.32 3.05
N GLY A 115 -17.59 5.33 2.53
CA GLY A 115 -18.12 4.38 1.53
C GLY A 115 -19.12 3.39 2.12
N VAL A 116 -19.71 2.56 1.26
CA VAL A 116 -20.80 1.64 1.67
C VAL A 116 -20.17 0.54 2.51
N GLY A 117 -20.99 -0.18 3.27
CA GLY A 117 -20.59 -1.41 3.97
C GLY A 117 -20.03 -2.45 3.01
N HIS A 118 -18.96 -3.14 3.39
CA HIS A 118 -18.33 -4.18 2.54
C HIS A 118 -19.28 -5.36 2.46
N PRO A 119 -19.84 -5.67 1.27
CA PRO A 119 -20.77 -6.78 1.16
C PRO A 119 -20.07 -8.15 1.17
N VAL A 120 -20.89 -9.19 1.29
CA VAL A 120 -20.46 -10.60 1.38
C VAL A 120 -19.60 -10.92 0.15
N VAL A 121 -18.41 -11.46 0.39
CA VAL A 121 -17.45 -11.86 -0.68
C VAL A 121 -16.64 -13.04 -0.15
N GLY A 122 -16.02 -13.75 -1.07
CA GLY A 122 -15.13 -14.89 -0.76
C GLY A 122 -15.57 -16.13 -1.48
N SER A 123 -15.21 -17.29 -0.91
CA SER A 123 -15.36 -18.61 -1.57
C SER A 123 -16.85 -18.97 -1.61
N THR A 124 -17.31 -19.46 -2.76
CA THR A 124 -18.72 -19.88 -2.94
C THR A 124 -18.77 -21.39 -3.19
N TYR A 125 -19.78 -22.05 -2.65
CA TYR A 125 -20.02 -23.49 -2.90
C TYR A 125 -21.50 -23.67 -3.09
N HIS A 126 -21.89 -24.11 -4.29
CA HIS A 126 -23.29 -24.37 -4.64
C HIS A 126 -23.43 -25.82 -5.03
N MET A 127 -24.44 -26.49 -4.47
CA MET A 127 -24.75 -27.85 -4.91
C MET A 127 -26.22 -28.10 -4.60
N PHE A 128 -26.88 -28.82 -5.49
CA PHE A 128 -28.24 -29.39 -5.25
C PHE A 128 -28.23 -30.82 -5.77
N ALA A 129 -29.11 -31.62 -5.18
CA ALA A 129 -29.29 -33.05 -5.53
C ALA A 129 -30.76 -33.41 -5.36
N VAL A 130 -31.25 -34.23 -6.28
CA VAL A 130 -32.59 -34.84 -6.21
C VAL A 130 -32.37 -36.33 -6.43
N GLY A 131 -32.84 -37.12 -5.47
CA GLY A 131 -32.64 -38.59 -5.47
C GLY A 131 -33.82 -39.36 -4.93
N GLY A 132 -33.80 -40.69 -5.12
CA GLY A 132 -34.82 -41.61 -4.56
C GLY A 132 -34.26 -42.34 -3.36
N GLU A 133 -33.16 -41.83 -2.82
CA GLU A 133 -32.55 -42.28 -1.56
C GLU A 133 -31.51 -41.22 -1.19
N PRO A 134 -30.95 -41.26 0.03
CA PRO A 134 -29.97 -40.27 0.45
C PRO A 134 -28.76 -40.20 -0.49
N LEU A 135 -28.24 -38.98 -0.65
CA LEU A 135 -26.99 -38.70 -1.41
C LEU A 135 -25.84 -39.53 -0.83
N ASP A 136 -25.12 -40.22 -1.72
CA ASP A 136 -23.85 -40.90 -1.41
C ASP A 136 -22.75 -39.83 -1.29
N LEU A 137 -21.96 -39.92 -0.22
CA LEU A 137 -20.88 -38.99 0.18
C LEU A 137 -19.54 -39.73 0.16
N GLN A 138 -18.53 -39.05 -0.36
CA GLN A 138 -17.12 -39.50 -0.27
C GLN A 138 -16.40 -38.55 0.69
N GLY A 139 -15.84 -39.13 1.76
CA GLY A 139 -14.98 -38.41 2.71
C GLY A 139 -13.68 -37.96 2.06
N ILE A 140 -13.31 -36.70 2.27
CA ILE A 140 -12.01 -36.12 1.83
C ILE A 140 -11.84 -34.79 2.59
N GLN A 141 -10.61 -34.49 3.01
CA GLN A 141 -10.24 -33.38 3.95
C GLN A 141 -9.00 -32.64 3.43
N GLN A 142 -8.93 -31.34 3.69
CA GLN A 142 -7.75 -30.50 3.44
C GLN A 142 -6.64 -30.89 4.41
N SER A 143 -7.00 -31.20 5.66
CA SER A 143 -6.06 -31.70 6.69
C SER A 143 -6.62 -32.90 7.45
N HIS A 144 -5.82 -33.96 7.49
CA HIS A 144 -6.17 -35.21 8.22
C HIS A 144 -6.07 -34.99 9.74
N LEU A 145 -5.42 -33.91 10.19
CA LEU A 145 -5.15 -33.71 11.64
C LEU A 145 -6.26 -32.96 12.30
N VAL A 146 -7.29 -32.51 11.57
CA VAL A 146 -8.40 -31.75 12.21
C VAL A 146 -9.05 -32.66 13.27
N GLN A 147 -9.32 -32.09 14.45
CA GLN A 147 -10.14 -32.72 15.51
C GLN A 147 -11.52 -32.08 15.48
N TYR A 148 -12.50 -32.79 14.92
CA TYR A 148 -13.90 -32.35 14.77
C TYR A 148 -14.62 -32.56 16.10
N PRO A 149 -15.56 -31.67 16.45
CA PRO A 149 -16.31 -31.78 17.70
C PRO A 149 -17.42 -32.85 17.67
N GLU A 150 -17.76 -33.34 18.87
CA GLU A 150 -18.93 -34.25 19.06
C GLU A 150 -20.14 -33.59 18.39
N GLY A 151 -21.02 -34.41 17.82
CA GLY A 151 -22.30 -33.97 17.24
C GLY A 151 -22.29 -33.94 15.71
N LEU A 152 -21.12 -34.09 15.08
CA LEU A 152 -20.95 -33.98 13.60
C LEU A 152 -20.65 -35.34 13.02
N ILE A 153 -21.06 -35.58 11.79
CA ILE A 153 -20.70 -36.85 11.10
C ILE A 153 -19.54 -36.52 10.16
N VAL A 154 -18.41 -37.16 10.35
CA VAL A 154 -17.16 -36.86 9.62
C VAL A 154 -16.53 -38.18 9.26
N PRO A 155 -15.53 -38.20 8.37
CA PRO A 155 -14.90 -39.45 7.97
C PRO A 155 -14.54 -40.36 9.16
N LYS A 156 -14.05 -39.81 10.28
CA LYS A 156 -13.71 -40.57 11.52
C LYS A 156 -14.90 -41.44 11.97
N SER A 157 -16.13 -41.04 11.64
CA SER A 157 -17.38 -41.74 12.03
C SER A 157 -17.53 -43.05 11.25
N VAL A 158 -16.90 -43.20 10.10
CA VAL A 158 -17.09 -44.38 9.21
C VAL A 158 -15.78 -45.10 8.99
N THR A 159 -14.64 -44.48 9.29
CA THR A 159 -13.32 -45.11 8.99
C THR A 159 -12.23 -44.49 9.85
N ASP A 160 -11.05 -45.13 9.82
CA ASP A 160 -9.79 -44.66 10.41
C ASP A 160 -9.18 -43.59 9.52
N VAL A 161 -9.02 -42.39 10.07
CA VAL A 161 -8.53 -41.20 9.34
C VAL A 161 -7.00 -41.19 9.37
N THR A 162 -6.40 -41.30 8.19
CA THR A 162 -4.96 -41.12 7.96
C THR A 162 -4.80 -39.96 6.97
N ALA A 163 -3.55 -39.74 6.57
CA ALA A 163 -3.14 -38.88 5.45
C ALA A 163 -3.88 -39.27 4.16
N LYS A 164 -4.32 -40.53 4.02
CA LYS A 164 -5.07 -40.94 2.79
C LYS A 164 -6.31 -40.06 2.62
N ILE A 165 -6.90 -39.56 3.70
CA ILE A 165 -8.16 -38.77 3.63
C ILE A 165 -7.92 -37.43 2.90
N GLN A 166 -6.66 -37.03 2.66
CA GLN A 166 -6.31 -35.78 1.95
C GLN A 166 -6.44 -36.00 0.44
N CYS A 167 -6.50 -37.26 0.02
CA CYS A 167 -6.77 -37.66 -1.38
C CYS A 167 -8.05 -38.52 -1.37
N LEU A 168 -8.12 -39.60 -2.14
CA LEU A 168 -9.31 -40.48 -2.18
C LEU A 168 -9.03 -41.74 -1.37
N ASP A 169 -9.61 -41.82 -0.19
CA ASP A 169 -9.67 -43.02 0.67
C ASP A 169 -10.99 -43.72 0.36
N PRO A 170 -10.97 -44.83 -0.41
CA PRO A 170 -12.21 -45.51 -0.78
C PRO A 170 -13.01 -46.11 0.38
N SER A 171 -12.47 -46.17 1.60
CA SER A 171 -13.18 -46.61 2.83
C SER A 171 -14.12 -45.51 3.33
N ALA A 172 -13.90 -44.24 2.96
CA ALA A 172 -14.56 -43.08 3.59
C ALA A 172 -15.92 -42.84 2.94
N LYS A 173 -16.85 -43.77 3.16
CA LYS A 173 -18.18 -43.72 2.48
C LYS A 173 -19.26 -43.39 3.49
N ALA A 174 -20.22 -42.53 3.12
CA ALA A 174 -21.36 -42.22 4.00
C ALA A 174 -22.58 -41.86 3.17
N LYS A 175 -23.71 -41.70 3.84
CA LYS A 175 -24.96 -41.26 3.21
C LYS A 175 -25.39 -39.98 3.93
N LEU A 176 -25.88 -39.02 3.18
CA LEU A 176 -26.36 -37.73 3.70
C LEU A 176 -27.75 -37.96 4.31
N ASP A 177 -27.79 -38.42 5.56
CA ASP A 177 -29.05 -38.82 6.23
C ASP A 177 -29.43 -37.91 7.42
N LYS A 178 -28.67 -36.86 7.71
CA LYS A 178 -29.02 -35.88 8.78
C LYS A 178 -28.73 -34.45 8.29
N ASP A 179 -29.72 -33.57 8.39
CA ASP A 179 -29.63 -32.14 8.02
C ASP A 179 -28.68 -31.43 9.02
N GLY A 180 -27.72 -30.65 8.49
CA GLY A 180 -26.84 -29.78 9.30
C GLY A 180 -25.89 -30.52 10.22
N LYS A 181 -25.41 -31.70 9.85
CA LYS A 181 -24.43 -32.47 10.66
C LYS A 181 -23.26 -32.97 9.81
N TYR A 182 -23.38 -32.98 8.48
CA TYR A 182 -22.26 -33.36 7.56
C TYR A 182 -21.63 -32.08 7.04
N PRO A 183 -20.42 -31.73 7.53
CA PRO A 183 -19.74 -30.52 7.06
C PRO A 183 -19.38 -30.67 5.58
N ILE A 184 -19.56 -29.60 4.81
CA ILE A 184 -19.15 -29.64 3.38
C ILE A 184 -17.64 -29.86 3.29
N GLU A 185 -16.86 -29.39 4.26
CA GLU A 185 -15.38 -29.41 4.18
C GLU A 185 -14.83 -30.85 4.26
N THR A 186 -15.64 -31.84 4.61
CA THR A 186 -15.16 -33.24 4.76
C THR A 186 -15.90 -34.21 3.84
N TRP A 187 -16.90 -33.75 3.07
CA TRP A 187 -17.81 -34.63 2.27
C TRP A 187 -18.05 -34.09 0.87
N SER A 188 -17.74 -34.93 -0.14
CA SER A 188 -18.12 -34.73 -1.56
C SER A 188 -19.26 -35.67 -1.94
N PRO A 189 -20.15 -35.22 -2.84
CA PRO A 189 -21.02 -36.15 -3.56
C PRO A 189 -20.16 -37.22 -4.25
N ASP A 190 -20.46 -38.47 -3.97
CA ASP A 190 -19.66 -39.62 -4.44
C ASP A 190 -20.04 -39.92 -5.89
N PRO A 191 -19.14 -39.67 -6.89
CA PRO A 191 -19.48 -39.97 -8.28
C PRO A 191 -19.47 -41.46 -8.62
N SER A 192 -18.89 -42.30 -7.76
CA SER A 192 -18.80 -43.78 -7.97
C SER A 192 -20.10 -44.46 -7.52
N ARG A 193 -20.99 -43.74 -6.84
CA ARG A 193 -22.31 -44.26 -6.41
C ARG A 193 -23.37 -43.32 -6.94
N ASN A 194 -24.41 -42.97 -6.17
CA ASN A 194 -25.45 -42.02 -6.65
C ASN A 194 -26.01 -42.46 -8.01
N GLU A 195 -26.16 -43.76 -8.24
CA GLU A 195 -26.89 -44.27 -9.43
C GLU A 195 -28.31 -43.71 -9.44
N ASN A 196 -28.90 -43.45 -8.28
CA ASN A 196 -30.35 -43.13 -8.15
C ASN A 196 -30.55 -41.69 -7.64
N THR A 197 -29.56 -40.83 -7.89
CA THR A 197 -29.53 -39.38 -7.53
C THR A 197 -28.90 -38.62 -8.69
N ARG A 198 -29.40 -37.41 -8.97
CA ARG A 198 -28.72 -36.46 -9.89
C ARG A 198 -28.21 -35.31 -9.02
N TYR A 199 -26.91 -35.05 -9.02
CA TYR A 199 -26.35 -33.91 -8.25
C TYR A 199 -25.63 -32.97 -9.22
N PHE A 200 -25.59 -31.71 -8.84
CA PHE A 200 -25.02 -30.60 -9.63
C PHE A 200 -24.35 -29.63 -8.68
N GLY A 201 -23.19 -29.08 -9.06
CA GLY A 201 -22.59 -28.05 -8.22
C GLY A 201 -21.43 -27.30 -8.85
N ASN A 202 -21.04 -26.22 -8.18
CA ASN A 202 -19.92 -25.39 -8.65
C ASN A 202 -19.30 -24.79 -7.41
N TYR A 203 -18.01 -24.55 -7.54
CA TYR A 203 -17.13 -24.00 -6.50
C TYR A 203 -16.27 -22.91 -7.15
N TYR A 204 -16.08 -21.83 -6.40
CA TYR A 204 -15.30 -20.66 -6.86
C TYR A 204 -14.60 -20.17 -5.60
N GLY A 205 -13.27 -20.23 -5.58
CA GLY A 205 -12.51 -19.94 -4.35
C GLY A 205 -12.16 -18.48 -4.19
N GLY A 206 -11.07 -18.23 -3.49
CA GLY A 206 -10.59 -16.87 -3.17
C GLY A 206 -11.09 -16.35 -1.84
N LEU A 207 -10.37 -15.36 -1.31
CA LEU A 207 -10.71 -14.73 -0.02
C LEU A 207 -11.79 -13.67 -0.22
N THR A 208 -11.76 -12.91 -1.32
CA THR A 208 -12.62 -11.71 -1.53
C THR A 208 -13.31 -11.76 -2.89
N THR A 209 -13.46 -12.93 -3.49
CA THR A 209 -14.10 -13.08 -4.80
C THR A 209 -15.55 -12.61 -4.73
N PRO A 210 -16.04 -11.83 -5.72
CA PRO A 210 -17.45 -11.46 -5.76
C PRO A 210 -18.35 -12.66 -6.01
N PRO A 211 -19.45 -12.83 -5.23
CA PRO A 211 -20.45 -13.87 -5.50
C PRO A 211 -21.28 -13.55 -6.75
N VAL A 212 -21.75 -14.60 -7.43
CA VAL A 212 -22.50 -14.52 -8.70
C VAL A 212 -23.72 -15.44 -8.52
N LEU A 213 -24.87 -14.99 -9.00
CA LEU A 213 -26.12 -15.80 -8.94
C LEU A 213 -27.05 -15.35 -10.08
N THR A 214 -27.75 -16.31 -10.67
CA THR A 214 -28.85 -16.05 -11.61
C THR A 214 -30.11 -16.66 -10.99
N PHE A 215 -31.26 -16.12 -11.34
CA PHE A 215 -32.54 -16.62 -10.83
C PHE A 215 -33.57 -16.42 -11.94
N THR A 216 -34.57 -17.31 -11.94
CA THR A 216 -35.62 -17.34 -12.96
C THR A 216 -36.63 -18.40 -12.54
N ASN A 217 -37.82 -18.35 -13.12
CA ASN A 217 -38.83 -19.42 -12.88
C ASN A 217 -39.05 -20.15 -14.20
N THR A 218 -38.19 -19.92 -15.19
CA THR A 218 -38.40 -20.44 -16.57
C THR A 218 -37.44 -21.58 -16.91
N VAL A 219 -36.65 -22.13 -15.98
CA VAL A 219 -35.62 -23.13 -16.34
C VAL A 219 -35.87 -24.45 -15.61
N THR A 220 -35.98 -25.53 -16.38
CA THR A 220 -36.22 -26.89 -15.85
C THR A 220 -34.97 -27.72 -16.12
N THR A 221 -34.54 -28.48 -15.13
CA THR A 221 -33.45 -29.47 -15.27
C THR A 221 -34.08 -30.85 -15.39
N ILE A 222 -33.80 -31.56 -16.47
CA ILE A 222 -34.27 -32.95 -16.72
C ILE A 222 -33.46 -33.87 -15.80
N LEU A 223 -34.11 -34.81 -15.11
CA LEU A 223 -33.43 -35.74 -14.16
C LEU A 223 -33.33 -37.15 -14.74
N LEU A 224 -33.86 -37.36 -15.95
CA LEU A 224 -33.81 -38.65 -16.67
C LEU A 224 -32.35 -38.95 -17.00
N ASP A 225 -31.89 -40.17 -16.72
CA ASP A 225 -30.53 -40.62 -17.05
C ASP A 225 -30.48 -41.00 -18.54
N GLU A 226 -29.34 -41.50 -18.98
CA GLU A 226 -29.10 -41.86 -20.40
C GLU A 226 -30.08 -42.97 -20.82
N ASN A 227 -30.71 -43.69 -19.89
CA ASN A 227 -31.71 -44.75 -20.18
C ASN A 227 -33.16 -44.23 -20.15
N GLY A 228 -33.40 -42.95 -19.89
CA GLY A 228 -34.76 -42.38 -19.80
C GLY A 228 -35.39 -42.57 -18.41
N VAL A 229 -34.59 -42.90 -17.40
CA VAL A 229 -35.07 -43.18 -16.03
C VAL A 229 -34.61 -42.06 -15.10
N GLY A 230 -35.56 -41.44 -14.41
CA GLY A 230 -35.29 -40.50 -13.34
C GLY A 230 -35.09 -41.22 -12.01
N PRO A 231 -34.63 -40.50 -10.98
CA PRO A 231 -34.57 -41.07 -9.63
C PRO A 231 -35.89 -41.75 -9.26
N LEU A 232 -35.79 -42.95 -8.67
CA LEU A 232 -36.97 -43.75 -8.24
C LEU A 232 -36.98 -43.77 -6.72
N CYS A 233 -38.09 -43.31 -6.14
CA CYS A 233 -38.19 -42.93 -4.72
C CYS A 233 -38.44 -44.16 -3.85
N LYS A 234 -37.35 -44.72 -3.33
CA LYS A 234 -37.39 -45.87 -2.40
C LYS A 234 -38.16 -45.43 -1.16
N GLY A 235 -39.10 -46.26 -0.73
CA GLY A 235 -39.89 -46.02 0.49
C GLY A 235 -40.81 -44.83 0.32
N ASP A 236 -41.12 -44.45 -0.92
CA ASP A 236 -42.02 -43.29 -1.22
C ASP A 236 -41.48 -42.03 -0.52
N GLY A 237 -40.16 -41.84 -0.61
CA GLY A 237 -39.47 -40.61 -0.17
C GLY A 237 -38.70 -39.95 -1.29
N LEU A 238 -38.89 -38.63 -1.44
CA LEU A 238 -38.07 -37.77 -2.33
C LEU A 238 -36.94 -37.12 -1.51
N PHE A 239 -35.69 -37.36 -1.91
CA PHE A 239 -34.51 -36.89 -1.14
C PHE A 239 -33.93 -35.65 -1.82
N LEU A 240 -34.01 -34.51 -1.12
CA LEU A 240 -33.49 -33.21 -1.57
C LEU A 240 -32.24 -32.87 -0.73
N SER A 241 -31.17 -32.43 -1.37
CA SER A 241 -29.88 -32.08 -0.72
C SER A 241 -29.36 -30.79 -1.37
N CYS A 242 -28.69 -29.93 -0.60
CA CYS A 242 -28.09 -28.72 -1.21
C CYS A 242 -27.09 -28.09 -0.25
N CYS A 243 -26.29 -27.16 -0.75
CA CYS A 243 -25.50 -26.20 0.05
C CYS A 243 -25.25 -24.98 -0.83
N ASP A 244 -25.41 -23.80 -0.29
CA ASP A 244 -25.36 -22.54 -1.08
C ASP A 244 -24.61 -21.52 -0.25
N VAL A 245 -23.28 -21.67 -0.20
CA VAL A 245 -22.37 -20.73 0.51
C VAL A 245 -22.10 -19.55 -0.44
N MET A 246 -22.37 -18.34 0.04
CA MET A 246 -22.29 -17.10 -0.78
C MET A 246 -20.99 -16.35 -0.47
N GLY A 247 -20.22 -16.78 0.53
CA GLY A 247 -18.96 -16.13 0.93
C GLY A 247 -18.99 -15.78 2.40
N TRP A 248 -18.23 -14.75 2.80
CA TRP A 248 -18.09 -14.40 4.24
C TRP A 248 -18.65 -13.00 4.44
N PHE A 249 -19.38 -12.83 5.55
CA PHE A 249 -19.88 -11.52 6.03
C PHE A 249 -18.87 -11.00 7.05
N THR A 250 -18.63 -9.69 7.08
CA THR A 250 -17.73 -9.05 8.08
C THR A 250 -18.54 -7.98 8.85
N ALA A 251 -18.84 -8.24 10.12
CA ALA A 251 -19.54 -7.29 11.01
C ALA A 251 -18.62 -6.07 11.24
N GLY A 252 -19.21 -4.91 11.45
CA GLY A 252 -18.50 -3.64 11.69
C GLY A 252 -17.83 -3.60 13.04
N SER A 253 -18.06 -4.60 13.89
CA SER A 253 -17.45 -4.75 15.22
C SER A 253 -15.98 -5.14 15.10
N GLY A 254 -15.49 -5.61 13.95
CA GLY A 254 -14.11 -6.13 13.87
C GLY A 254 -13.74 -6.72 12.52
N THR A 255 -12.76 -7.62 12.49
CA THR A 255 -12.27 -8.26 11.24
C THR A 255 -12.74 -9.72 11.22
N HIS A 256 -13.43 -10.16 12.27
CA HIS A 256 -13.93 -11.56 12.39
C HIS A 256 -14.96 -11.79 11.29
N GLN A 257 -14.93 -12.98 10.67
CA GLN A 257 -15.84 -13.23 9.52
C GLN A 257 -16.83 -14.35 9.84
N ARG A 258 -17.95 -14.33 9.13
CA ARG A 258 -19.00 -15.38 9.23
C ARG A 258 -19.37 -15.89 7.84
N PHE A 259 -19.48 -17.21 7.67
CA PHE A 259 -20.12 -17.78 6.46
C PHE A 259 -21.53 -17.22 6.38
N ARG A 260 -21.99 -16.98 5.15
CA ARG A 260 -23.35 -16.55 4.79
C ARG A 260 -23.84 -17.49 3.69
N GLY A 261 -25.01 -18.10 3.92
CA GLY A 261 -25.67 -19.00 2.97
C GLY A 261 -27.06 -18.53 2.72
N LEU A 262 -27.69 -19.09 1.69
CA LEU A 262 -29.04 -18.71 1.27
C LEU A 262 -29.85 -19.97 1.09
N PRO A 263 -31.20 -19.86 1.22
CA PRO A 263 -32.10 -21.01 1.09
C PRO A 263 -32.28 -21.40 -0.37
N ARG A 264 -32.67 -22.65 -0.62
CA ARG A 264 -32.89 -23.16 -2.00
C ARG A 264 -34.31 -23.72 -2.11
N TYR A 265 -34.99 -23.32 -3.16
CA TYR A 265 -36.31 -23.84 -3.58
C TYR A 265 -36.08 -24.99 -4.55
N PHE A 266 -36.94 -25.99 -4.44
CA PHE A 266 -37.04 -27.13 -5.37
C PHE A 266 -38.51 -27.31 -5.76
N ASN A 267 -38.79 -27.51 -7.04
CA ASN A 267 -40.13 -27.95 -7.53
C ASN A 267 -39.86 -29.16 -8.44
N VAL A 268 -40.15 -30.37 -7.96
CA VAL A 268 -39.85 -31.65 -8.64
C VAL A 268 -41.13 -32.22 -9.28
N GLN A 269 -41.06 -32.54 -10.57
CA GLN A 269 -42.15 -33.16 -11.33
C GLN A 269 -41.94 -34.66 -11.20
N LEU A 270 -42.95 -35.40 -10.74
CA LEU A 270 -42.85 -36.89 -10.61
C LEU A 270 -43.93 -37.56 -11.47
N ARG A 271 -43.70 -38.81 -11.83
CA ARG A 271 -44.69 -39.67 -12.53
C ARG A 271 -44.60 -41.05 -11.88
N LYS A 272 -45.61 -41.89 -12.04
CA LYS A 272 -45.58 -43.29 -11.55
C LYS A 272 -44.81 -44.13 -12.56
N ARG A 273 -43.93 -44.99 -12.10
CA ARG A 273 -43.17 -45.88 -12.98
C ARG A 273 -43.33 -47.27 -12.39
N ALA A 274 -43.75 -48.23 -13.22
CA ALA A 274 -43.84 -49.66 -12.85
C ALA A 274 -42.44 -50.23 -12.75
N VAL A 275 -42.16 -51.04 -11.72
CA VAL A 275 -40.86 -51.74 -11.52
C VAL A 275 -41.10 -53.21 -11.13
N ARG A 276 -40.16 -54.08 -11.49
CA ARG A 276 -40.20 -55.53 -11.21
C ARG A 276 -39.56 -55.75 -9.83
N ASN A 277 -40.19 -56.55 -8.96
CA ASN A 277 -39.68 -56.94 -7.62
C ASN A 277 -40.02 -58.43 -7.38
N SER B 18 -53.84 -10.39 -34.98
CA SER B 18 -52.88 -11.48 -34.62
C SER B 18 -52.04 -11.05 -33.41
N ILE B 19 -50.87 -10.43 -33.63
CA ILE B 19 -49.91 -10.02 -32.56
C ILE B 19 -50.04 -8.50 -32.35
N THR B 20 -50.42 -8.09 -31.14
CA THR B 20 -50.43 -6.69 -30.62
C THR B 20 -49.13 -6.39 -29.85
N GLN B 21 -48.39 -5.37 -30.29
CA GLN B 21 -47.15 -4.87 -29.66
C GLN B 21 -47.52 -3.86 -28.57
N ILE B 22 -47.13 -4.08 -27.31
CA ILE B 22 -47.15 -3.09 -26.20
C ILE B 22 -45.70 -2.72 -25.86
N GLU B 23 -45.39 -1.44 -25.65
CA GLU B 23 -44.03 -1.00 -25.24
C GLU B 23 -44.12 -0.05 -24.04
N ALA B 24 -43.05 0.04 -23.27
CA ALA B 24 -42.96 0.85 -22.03
C ALA B 24 -41.49 0.97 -21.60
N PHE B 25 -41.11 2.13 -21.07
CA PHE B 25 -39.84 2.33 -20.30
C PHE B 25 -40.22 2.41 -18.83
N LEU B 26 -39.55 1.65 -17.96
CA LEU B 26 -39.69 1.77 -16.49
C LEU B 26 -38.40 2.43 -15.98
N ASN B 27 -38.53 3.54 -15.26
CA ASN B 27 -37.38 4.31 -14.76
C ASN B 27 -36.95 3.70 -13.44
N PRO B 28 -35.64 3.74 -13.16
CA PRO B 28 -35.12 3.19 -11.91
C PRO B 28 -35.66 3.92 -10.68
N ARG B 29 -35.79 3.18 -9.59
CA ARG B 29 -36.15 3.65 -8.24
C ARG B 29 -35.00 3.33 -7.29
N MET B 30 -33.93 4.12 -7.41
CA MET B 30 -32.65 3.90 -6.66
C MET B 30 -32.69 4.58 -5.29
N GLY B 31 -33.80 5.27 -4.96
CA GLY B 31 -34.04 5.91 -3.65
C GLY B 31 -34.39 7.38 -3.84
N VAL B 32 -33.72 8.07 -4.74
CA VAL B 32 -34.19 9.39 -5.26
C VAL B 32 -35.13 9.05 -6.41
N ASN B 33 -36.40 8.86 -6.06
CA ASN B 33 -37.50 8.38 -6.93
C ASN B 33 -38.23 9.57 -7.57
N ASP B 34 -37.94 10.80 -7.12
CA ASP B 34 -38.52 12.08 -7.61
C ASP B 34 -37.72 12.63 -8.79
N GLU B 35 -38.37 12.80 -9.94
CA GLU B 35 -37.74 13.27 -11.20
C GLU B 35 -37.45 14.78 -11.17
N THR B 36 -37.90 15.50 -10.13
CA THR B 36 -37.58 16.95 -9.92
C THR B 36 -36.21 17.05 -9.23
N ASN B 37 -35.77 15.99 -8.53
CA ASN B 37 -34.56 15.97 -7.67
C ASN B 37 -33.29 15.80 -8.49
N THR B 38 -32.19 16.49 -8.12
CA THR B 38 -30.99 16.68 -8.99
C THR B 38 -30.21 15.35 -9.09
N TRP B 39 -30.46 14.43 -8.17
CA TRP B 39 -29.81 13.10 -8.08
C TRP B 39 -30.77 12.00 -8.56
N TYR B 40 -31.75 12.34 -9.40
CA TYR B 40 -32.70 11.35 -9.98
C TYR B 40 -31.90 10.25 -10.68
N GLY B 41 -32.23 8.99 -10.36
CA GLY B 41 -31.60 7.81 -10.98
C GLY B 41 -30.42 7.30 -10.14
N PHE B 42 -30.24 7.87 -8.95
CA PHE B 42 -29.26 7.49 -7.90
C PHE B 42 -29.99 7.40 -6.57
N SER B 43 -29.30 6.85 -5.57
CA SER B 43 -29.72 6.97 -4.15
C SER B 43 -29.17 8.29 -3.60
N GLU B 44 -29.62 8.64 -2.40
CA GLU B 44 -28.90 9.60 -1.54
C GLU B 44 -27.61 8.90 -1.08
N GLN B 45 -26.62 9.69 -0.67
CA GLN B 45 -25.39 9.17 -0.05
C GLN B 45 -25.73 8.06 0.94
N VAL B 46 -25.13 6.87 0.77
CA VAL B 46 -25.44 5.71 1.65
C VAL B 46 -24.78 5.88 3.02
N THR B 47 -25.56 5.73 4.09
CA THR B 47 -25.05 5.74 5.47
C THR B 47 -25.06 4.29 5.94
N VAL B 48 -24.22 4.02 6.91
CA VAL B 48 -23.98 2.66 7.44
C VAL B 48 -24.24 2.68 8.93
N ALA B 49 -24.87 1.63 9.45
CA ALA B 49 -25.22 1.47 10.89
C ALA B 49 -23.95 1.43 11.74
N THR B 50 -23.99 1.96 12.95
CA THR B 50 -22.90 1.86 13.96
C THR B 50 -23.21 0.71 14.91
N ALA B 51 -24.38 0.12 14.77
CA ALA B 51 -24.73 -1.10 15.53
C ALA B 51 -25.86 -1.83 14.81
N ARG B 52 -25.90 -3.13 15.04
CA ARG B 52 -26.95 -4.01 14.48
C ARG B 52 -28.33 -3.48 14.91
N GLU B 53 -28.47 -3.04 16.17
CA GLU B 53 -29.77 -2.71 16.83
C GLU B 53 -30.23 -1.27 16.53
N THR B 54 -29.39 -0.47 15.86
CA THR B 54 -29.69 0.96 15.54
C THR B 54 -29.69 1.15 14.03
N ASP B 55 -29.86 0.06 13.28
CA ASP B 55 -29.67 0.04 11.82
C ASP B 55 -30.95 0.54 11.16
N ARG B 56 -30.95 1.79 10.71
CA ARG B 56 -32.18 2.48 10.23
C ARG B 56 -31.87 3.16 8.91
N PRO B 57 -31.98 2.46 7.76
CA PRO B 57 -31.74 3.08 6.47
C PRO B 57 -32.85 4.07 6.16
N PRO B 58 -32.52 5.36 5.93
CA PRO B 58 -33.46 6.28 5.30
C PRO B 58 -33.93 5.73 3.95
N LYS B 59 -35.17 6.05 3.55
CA LYS B 59 -35.80 5.39 2.40
C LYS B 59 -35.12 5.85 1.11
N GLU B 60 -34.44 7.00 1.09
CA GLU B 60 -33.83 7.52 -0.16
C GLU B 60 -32.46 6.87 -0.40
N GLN B 61 -32.01 5.98 0.49
CA GLN B 61 -30.65 5.39 0.47
C GLN B 61 -30.66 3.90 0.08
N MET B 62 -31.79 3.36 -0.35
CA MET B 62 -31.94 1.95 -0.83
C MET B 62 -32.56 1.95 -2.22
N PRO B 63 -32.14 1.00 -3.09
CA PRO B 63 -32.85 0.74 -4.36
C PRO B 63 -34.14 -0.07 -4.19
N TYR B 64 -35.09 0.16 -5.10
CA TYR B 64 -36.45 -0.44 -5.03
C TYR B 64 -36.72 -1.17 -6.35
N TYR B 65 -37.65 -2.10 -6.28
CA TYR B 65 -38.31 -2.61 -7.51
C TYR B 65 -39.16 -1.48 -8.14
N SER B 66 -38.93 -1.29 -9.42
CA SER B 66 -39.87 -0.62 -10.36
C SER B 66 -41.01 -1.58 -10.69
N CYS B 67 -42.21 -1.05 -10.93
CA CYS B 67 -43.32 -1.85 -11.49
C CYS B 67 -44.38 -0.92 -12.06
N ALA B 68 -45.02 -1.32 -13.18
CA ALA B 68 -46.10 -0.62 -13.90
C ALA B 68 -47.13 -1.64 -14.39
N ARG B 69 -48.43 -1.37 -14.14
CA ARG B 69 -49.60 -2.09 -14.71
C ARG B 69 -50.03 -1.35 -15.98
N ILE B 70 -49.79 -1.93 -17.16
CA ILE B 70 -50.18 -1.30 -18.46
C ILE B 70 -51.61 -1.74 -18.78
N PRO B 71 -52.56 -0.79 -18.92
CA PRO B 71 -53.93 -1.14 -19.32
C PRO B 71 -53.94 -1.56 -20.80
N LEU B 72 -54.69 -2.62 -21.10
CA LEU B 72 -54.81 -3.19 -22.48
C LEU B 72 -56.23 -2.97 -22.99
N PRO B 73 -56.42 -2.94 -24.33
CA PRO B 73 -57.75 -2.83 -24.93
C PRO B 73 -58.72 -3.88 -24.36
N LEU B 74 -59.87 -3.45 -23.85
CA LEU B 74 -61.00 -4.32 -23.46
C LEU B 74 -61.33 -5.26 -24.64
N LEU B 75 -61.50 -6.54 -24.36
CA LEU B 75 -61.72 -7.56 -25.42
C LEU B 75 -63.17 -8.06 -25.39
N ASN B 76 -63.84 -7.99 -24.22
CA ASN B 76 -65.15 -8.61 -23.98
C ASN B 76 -66.24 -7.54 -23.78
N GLU B 77 -67.01 -7.23 -24.84
CA GLU B 77 -68.25 -6.39 -24.83
C GLU B 77 -69.20 -6.81 -23.71
N ASP B 78 -69.37 -8.13 -23.49
CA ASP B 78 -70.38 -8.71 -22.55
C ASP B 78 -69.69 -9.81 -21.75
N MET B 79 -69.66 -9.66 -20.42
CA MET B 79 -68.97 -10.56 -19.48
C MET B 79 -69.89 -11.68 -18.98
N THR B 80 -71.12 -11.75 -19.49
CA THR B 80 -72.07 -12.88 -19.25
C THR B 80 -71.59 -14.11 -20.05
N CYS B 81 -70.99 -13.89 -21.23
CA CYS B 81 -70.60 -14.93 -22.24
C CYS B 81 -69.80 -16.07 -21.61
N ASN B 82 -70.14 -17.32 -21.93
CA ASN B 82 -69.44 -18.49 -21.33
C ASN B 82 -68.08 -18.69 -22.02
N THR B 83 -67.78 -17.96 -23.10
CA THR B 83 -66.42 -17.97 -23.71
C THR B 83 -65.95 -16.54 -23.87
N LEU B 84 -64.79 -16.24 -23.30
CA LEU B 84 -64.17 -14.88 -23.25
C LEU B 84 -62.76 -14.93 -23.83
N LEU B 85 -62.25 -13.75 -24.18
CA LEU B 85 -60.88 -13.53 -24.69
C LEU B 85 -60.02 -12.91 -23.59
N MET B 86 -58.76 -13.33 -23.48
CA MET B 86 -57.75 -12.69 -22.59
C MET B 86 -56.51 -12.39 -23.42
N TRP B 87 -55.78 -11.36 -23.03
CA TRP B 87 -54.48 -11.06 -23.67
C TRP B 87 -53.45 -12.03 -23.10
N GLU B 88 -52.64 -12.60 -23.98
CA GLU B 88 -51.62 -13.60 -23.57
C GLU B 88 -50.29 -13.02 -24.00
N ALA B 89 -49.41 -12.81 -23.04
CA ALA B 89 -48.03 -12.35 -23.32
C ALA B 89 -47.26 -13.53 -23.90
N VAL B 90 -46.78 -13.40 -25.13
CA VAL B 90 -46.16 -14.50 -25.92
C VAL B 90 -44.63 -14.38 -25.87
N SER B 91 -44.14 -13.15 -25.99
CA SER B 91 -42.69 -12.84 -25.97
C SER B 91 -42.47 -11.38 -25.54
N VAL B 92 -41.23 -11.08 -25.20
CA VAL B 92 -40.79 -9.73 -24.73
C VAL B 92 -39.41 -9.47 -25.33
N LYS B 93 -39.21 -8.31 -25.95
CA LYS B 93 -37.87 -7.72 -26.18
C LYS B 93 -37.60 -6.72 -25.07
N THR B 94 -36.52 -6.88 -24.32
CA THR B 94 -36.22 -5.99 -23.17
C THR B 94 -34.76 -5.51 -23.31
N GLU B 95 -34.47 -4.38 -22.69
CA GLU B 95 -33.23 -3.62 -22.99
C GLU B 95 -32.99 -2.67 -21.81
N VAL B 96 -31.84 -2.82 -21.15
CA VAL B 96 -31.38 -1.83 -20.14
C VAL B 96 -30.68 -0.75 -20.96
N ILE B 97 -31.16 0.48 -20.90
CA ILE B 97 -30.62 1.56 -21.77
C ILE B 97 -29.64 2.40 -20.93
N GLY B 98 -28.55 2.85 -21.51
CA GLY B 98 -27.72 3.93 -20.95
C GLY B 98 -26.42 3.47 -20.30
N SER B 99 -25.96 2.23 -20.56
CA SER B 99 -24.58 1.75 -20.25
C SER B 99 -23.56 2.77 -20.76
N ASN B 100 -23.83 3.37 -21.92
CA ASN B 100 -23.00 4.44 -22.52
C ASN B 100 -22.82 5.60 -21.52
N THR B 101 -23.72 5.85 -20.59
CA THR B 101 -23.58 7.04 -19.70
C THR B 101 -22.40 6.82 -18.74
N LEU B 102 -22.03 5.56 -18.45
CA LEU B 102 -20.93 5.20 -17.52
C LEU B 102 -19.57 5.43 -18.18
N MET B 103 -19.55 5.75 -19.48
CA MET B 103 -18.30 6.11 -20.21
C MET B 103 -17.94 7.58 -19.91
N ASN B 104 -18.78 8.25 -19.13
CA ASN B 104 -18.51 9.64 -18.65
C ASN B 104 -17.57 9.57 -17.44
N VAL B 105 -16.32 9.94 -17.65
CA VAL B 105 -15.27 9.98 -16.59
C VAL B 105 -14.71 11.41 -16.45
N HIS B 106 -15.46 12.42 -16.89
CA HIS B 106 -15.06 13.85 -16.78
C HIS B 106 -15.93 14.52 -15.73
N ASP B 107 -16.95 13.81 -15.22
CA ASP B 107 -17.85 14.34 -14.18
C ASP B 107 -17.03 14.54 -12.89
N TYR B 108 -17.66 15.17 -11.91
CA TYR B 108 -17.05 15.52 -10.61
C TYR B 108 -17.00 14.25 -9.75
N MET B 109 -15.93 13.48 -9.93
CA MET B 109 -15.73 12.09 -9.42
C MET B 109 -14.35 11.96 -8.79
N THR B 110 -14.13 10.99 -7.90
CA THR B 110 -12.76 10.62 -7.43
C THR B 110 -11.83 10.46 -8.64
N ARG B 111 -10.58 10.88 -8.51
CA ARG B 111 -9.56 10.54 -9.52
C ARG B 111 -8.24 10.25 -8.81
N THR B 112 -7.35 9.56 -9.51
CA THR B 112 -5.96 9.27 -9.08
C THR B 112 -5.02 10.19 -9.86
N ASP B 113 -4.36 11.12 -9.18
CA ASP B 113 -3.47 12.12 -9.84
C ASP B 113 -4.28 12.83 -10.94
N ASN B 114 -3.77 12.91 -12.17
CA ASN B 114 -4.43 13.55 -13.34
C ASN B 114 -5.20 12.50 -14.16
N GLY B 115 -5.60 11.40 -13.54
CA GLY B 115 -6.32 10.30 -14.21
C GLY B 115 -7.77 10.62 -14.39
N VAL B 116 -8.50 9.76 -15.10
CA VAL B 116 -9.94 9.99 -15.39
C VAL B 116 -10.72 9.85 -14.09
N GLY B 117 -11.95 10.38 -14.06
CA GLY B 117 -12.90 10.13 -12.97
C GLY B 117 -13.13 8.63 -12.80
N HIS B 118 -13.19 8.15 -11.57
CA HIS B 118 -13.49 6.73 -11.25
C HIS B 118 -14.96 6.44 -11.56
N PRO B 119 -15.24 5.58 -12.55
CA PRO B 119 -16.62 5.28 -12.95
C PRO B 119 -17.37 4.40 -11.96
N VAL B 120 -18.67 4.24 -12.19
CA VAL B 120 -19.58 3.43 -11.33
C VAL B 120 -19.10 1.97 -11.36
N VAL B 121 -18.91 1.42 -10.16
CA VAL B 121 -18.47 0.01 -9.95
C VAL B 121 -19.15 -0.51 -8.69
N GLY B 122 -19.11 -1.83 -8.51
CA GLY B 122 -19.63 -2.52 -7.34
C GLY B 122 -20.67 -3.55 -7.71
N SER B 123 -21.58 -3.84 -6.79
CA SER B 123 -22.57 -4.92 -6.91
C SER B 123 -23.62 -4.51 -7.96
N THR B 124 -24.00 -5.47 -8.80
CA THR B 124 -25.02 -5.27 -9.87
C THR B 124 -26.18 -6.21 -9.56
N TYR B 125 -27.40 -5.75 -9.81
CA TYR B 125 -28.64 -6.52 -9.57
C TYR B 125 -29.57 -6.18 -10.72
N HIS B 126 -29.82 -7.17 -11.56
CA HIS B 126 -30.69 -7.03 -12.74
C HIS B 126 -31.84 -8.01 -12.59
N MET B 127 -33.04 -7.55 -12.88
CA MET B 127 -34.25 -8.37 -12.73
C MET B 127 -35.28 -7.75 -13.69
N PHE B 128 -36.03 -8.59 -14.40
CA PHE B 128 -37.28 -8.17 -15.08
C PHE B 128 -38.27 -9.31 -15.02
N ALA B 129 -39.54 -8.92 -15.10
CA ALA B 129 -40.70 -9.81 -15.05
C ALA B 129 -41.82 -9.21 -15.92
N VAL B 130 -42.50 -10.10 -16.64
CA VAL B 130 -43.75 -9.83 -17.39
C VAL B 130 -44.76 -10.83 -16.85
N GLY B 131 -45.88 -10.32 -16.31
CA GLY B 131 -46.96 -11.13 -15.71
C GLY B 131 -48.33 -10.59 -16.09
N GLY B 132 -49.36 -11.37 -15.75
CA GLY B 132 -50.78 -11.01 -15.97
C GLY B 132 -51.43 -10.70 -14.65
N GLU B 133 -50.57 -10.51 -13.64
CA GLU B 133 -50.94 -10.06 -12.31
C GLU B 133 -49.63 -9.58 -11.69
N PRO B 134 -49.70 -8.92 -10.52
CA PRO B 134 -48.48 -8.49 -9.83
C PRO B 134 -47.55 -9.67 -9.53
N LEU B 135 -46.25 -9.38 -9.61
CA LEU B 135 -45.16 -10.31 -9.20
C LEU B 135 -45.33 -10.77 -7.75
N ASP B 136 -45.25 -12.08 -7.50
CA ASP B 136 -45.22 -12.63 -6.12
C ASP B 136 -43.82 -12.46 -5.55
N LEU B 137 -43.75 -11.98 -4.29
CA LEU B 137 -42.50 -11.67 -3.54
C LEU B 137 -42.40 -12.56 -2.32
N GLN B 138 -41.19 -13.01 -2.01
CA GLN B 138 -40.85 -13.75 -0.79
C GLN B 138 -39.89 -12.84 0.00
N GLY B 139 -40.27 -12.55 1.25
CA GLY B 139 -39.43 -11.76 2.16
C GLY B 139 -38.21 -12.51 2.61
N ILE B 140 -37.06 -11.82 2.59
CA ILE B 140 -35.81 -12.37 3.16
C ILE B 140 -34.88 -11.17 3.43
N GLN B 141 -34.11 -11.20 4.51
CA GLN B 141 -33.23 -10.03 4.82
C GLN B 141 -31.85 -10.53 5.21
N GLN B 142 -30.87 -9.63 5.06
CA GLN B 142 -29.49 -9.86 5.56
C GLN B 142 -29.48 -9.72 7.09
N SER B 143 -30.32 -8.83 7.66
CA SER B 143 -30.48 -8.65 9.13
C SER B 143 -31.95 -8.49 9.53
N HIS B 144 -32.38 -9.29 10.50
CA HIS B 144 -33.74 -9.26 11.09
C HIS B 144 -33.93 -7.99 11.94
N LEU B 145 -32.83 -7.35 12.35
CA LEU B 145 -32.88 -6.22 13.31
C LEU B 145 -33.02 -4.87 12.60
N VAL B 146 -33.07 -4.83 11.27
CA VAL B 146 -33.19 -3.53 10.55
C VAL B 146 -34.53 -2.90 10.92
N GLN B 147 -34.53 -1.59 11.14
CA GLN B 147 -35.73 -0.76 11.36
C GLN B 147 -35.99 0.01 10.07
N TYR B 148 -36.96 -0.43 9.27
CA TYR B 148 -37.31 0.23 7.98
C TYR B 148 -38.26 1.39 8.25
N PRO B 149 -38.15 2.50 7.50
CA PRO B 149 -39.09 3.61 7.65
C PRO B 149 -40.53 3.12 7.39
N GLU B 150 -41.50 3.75 8.05
CA GLU B 150 -42.95 3.53 7.81
C GLU B 150 -43.23 4.09 6.41
N GLY B 151 -44.12 3.43 5.66
CA GLY B 151 -44.43 3.82 4.27
C GLY B 151 -43.78 2.87 3.26
N LEU B 152 -42.76 2.10 3.67
CA LEU B 152 -42.18 1.00 2.85
C LEU B 152 -42.94 -0.28 3.14
N ILE B 153 -43.17 -1.09 2.10
CA ILE B 153 -43.67 -2.47 2.28
C ILE B 153 -42.44 -3.36 2.49
N VAL B 154 -42.37 -3.99 3.65
CA VAL B 154 -41.25 -4.86 4.08
C VAL B 154 -41.85 -6.05 4.78
N PRO B 155 -41.07 -7.12 5.01
CA PRO B 155 -41.57 -8.28 5.73
C PRO B 155 -42.37 -7.95 7.00
N LYS B 156 -42.01 -6.88 7.73
CA LYS B 156 -42.74 -6.45 8.96
C LYS B 156 -44.20 -6.21 8.58
N SER B 157 -44.45 -5.61 7.42
CA SER B 157 -45.79 -5.30 6.87
C SER B 157 -46.71 -6.54 6.82
N VAL B 158 -46.19 -7.77 6.75
CA VAL B 158 -47.07 -8.93 6.41
C VAL B 158 -46.86 -10.06 7.42
N THR B 159 -45.87 -9.99 8.28
CA THR B 159 -45.66 -11.09 9.28
C THR B 159 -44.84 -10.53 10.42
N ASP B 160 -44.67 -11.33 11.48
CA ASP B 160 -43.76 -11.08 12.62
C ASP B 160 -42.32 -11.41 12.19
N VAL B 161 -41.41 -10.43 12.23
CA VAL B 161 -39.99 -10.56 11.81
C VAL B 161 -39.18 -11.16 12.96
N THR B 162 -38.67 -12.37 12.78
CA THR B 162 -37.69 -12.99 13.69
C THR B 162 -36.42 -13.25 12.89
N ALA B 163 -35.47 -13.93 13.53
CA ALA B 163 -34.24 -14.45 12.90
C ALA B 163 -34.66 -15.28 11.67
N LYS B 164 -35.82 -15.93 11.69
CA LYS B 164 -36.27 -16.77 10.56
C LYS B 164 -36.09 -16.00 9.25
N ILE B 165 -36.32 -14.69 9.23
CA ILE B 165 -36.31 -13.85 7.99
C ILE B 165 -34.90 -13.83 7.36
N GLN B 166 -33.85 -14.26 8.10
CA GLN B 166 -32.47 -14.30 7.55
C GLN B 166 -32.34 -15.49 6.61
N CYS B 167 -33.25 -16.46 6.74
CA CYS B 167 -33.43 -17.59 5.80
C CYS B 167 -34.84 -17.51 5.17
N LEU B 168 -35.55 -18.62 5.07
CA LEU B 168 -36.86 -18.62 4.38
C LEU B 168 -37.97 -18.73 5.44
N ASP B 169 -38.66 -17.62 5.65
CA ASP B 169 -39.89 -17.55 6.46
C ASP B 169 -41.06 -17.62 5.49
N PRO B 170 -41.72 -18.79 5.43
CA PRO B 170 -42.82 -19.03 4.49
C PRO B 170 -44.00 -18.08 4.67
N SER B 171 -44.13 -17.44 5.84
CA SER B 171 -45.23 -16.46 6.10
C SER B 171 -44.93 -15.10 5.46
N ALA B 172 -43.69 -14.85 5.00
CA ALA B 172 -43.29 -13.52 4.48
C ALA B 172 -43.56 -13.46 2.98
N LYS B 173 -44.85 -13.35 2.63
CA LYS B 173 -45.36 -13.31 1.25
C LYS B 173 -46.02 -11.94 1.02
N ALA B 174 -45.82 -11.36 -0.14
CA ALA B 174 -46.44 -10.11 -0.60
C ALA B 174 -46.50 -10.11 -2.12
N LYS B 175 -47.16 -9.11 -2.67
CA LYS B 175 -47.32 -8.89 -4.12
C LYS B 175 -46.71 -7.53 -4.41
N LEU B 176 -45.96 -7.45 -5.50
CA LEU B 176 -45.31 -6.19 -5.90
C LEU B 176 -46.36 -5.27 -6.49
N ASP B 177 -47.05 -4.51 -5.65
CA ASP B 177 -48.19 -3.65 -6.08
C ASP B 177 -47.94 -2.15 -5.80
N LYS B 178 -46.72 -1.71 -5.45
CA LYS B 178 -46.37 -0.28 -5.30
C LYS B 178 -44.98 -0.01 -5.90
N ASP B 179 -44.89 0.84 -6.92
CA ASP B 179 -43.61 1.29 -7.53
C ASP B 179 -42.76 2.01 -6.47
N GLY B 180 -41.46 1.73 -6.42
CA GLY B 180 -40.48 2.50 -5.61
C GLY B 180 -40.71 2.41 -4.11
N LYS B 181 -41.37 1.37 -3.61
CA LYS B 181 -41.63 1.19 -2.16
C LYS B 181 -41.29 -0.20 -1.62
N TYR B 182 -41.02 -1.20 -2.48
CA TYR B 182 -40.61 -2.58 -2.07
C TYR B 182 -39.09 -2.64 -2.26
N PRO B 183 -38.28 -2.54 -1.20
CA PRO B 183 -36.83 -2.51 -1.39
C PRO B 183 -36.34 -3.88 -1.90
N ILE B 184 -35.33 -3.89 -2.78
CA ILE B 184 -34.79 -5.18 -3.29
C ILE B 184 -34.16 -5.95 -2.13
N GLU B 185 -33.58 -5.28 -1.12
CA GLU B 185 -32.82 -5.96 -0.03
C GLU B 185 -33.72 -6.79 0.88
N THR B 186 -35.05 -6.72 0.76
CA THR B 186 -35.99 -7.48 1.63
C THR B 186 -36.89 -8.44 0.84
N TRP B 187 -36.87 -8.37 -0.49
CA TRP B 187 -37.83 -9.09 -1.38
C TRP B 187 -37.12 -9.76 -2.57
N SER B 188 -37.36 -11.06 -2.73
CA SER B 188 -36.98 -11.88 -3.90
C SER B 188 -38.24 -12.27 -4.63
N PRO B 189 -38.18 -12.44 -5.97
CA PRO B 189 -39.29 -13.08 -6.69
C PRO B 189 -39.55 -14.45 -6.06
N ASP B 190 -40.81 -14.74 -5.73
CA ASP B 190 -41.20 -16.01 -5.10
C ASP B 190 -41.26 -17.08 -6.20
N PRO B 191 -40.35 -18.08 -6.23
CA PRO B 191 -40.44 -19.15 -7.23
C PRO B 191 -41.55 -20.17 -6.93
N SER B 192 -42.07 -20.19 -5.68
CA SER B 192 -43.17 -21.10 -5.26
C SER B 192 -44.52 -20.54 -5.71
N ARG B 193 -44.56 -19.30 -6.21
CA ARG B 193 -45.79 -18.71 -6.78
C ARG B 193 -45.46 -18.30 -8.23
N ASN B 194 -45.93 -17.14 -8.69
CA ASN B 194 -45.65 -16.60 -10.05
C ASN B 194 -45.97 -17.62 -11.16
N GLU B 195 -47.04 -18.40 -11.01
CA GLU B 195 -47.53 -19.32 -12.08
C GLU B 195 -47.91 -18.49 -13.31
N ASN B 196 -48.28 -17.22 -13.15
CA ASN B 196 -48.84 -16.37 -14.24
C ASN B 196 -47.89 -15.19 -14.51
N THR B 197 -46.63 -15.31 -14.07
CA THR B 197 -45.53 -14.34 -14.36
C THR B 197 -44.27 -15.12 -14.77
N ARG B 198 -43.49 -14.60 -15.72
CA ARG B 198 -42.09 -15.04 -15.98
C ARG B 198 -41.14 -13.96 -15.45
N TYR B 199 -40.17 -14.34 -14.62
CA TYR B 199 -39.09 -13.45 -14.12
C TYR B 199 -37.72 -14.06 -14.44
N PHE B 200 -36.75 -13.16 -14.56
CA PHE B 200 -35.34 -13.40 -14.95
C PHE B 200 -34.48 -12.42 -14.16
N GLY B 201 -33.37 -12.87 -13.58
CA GLY B 201 -32.45 -11.97 -12.89
C GLY B 201 -31.04 -12.50 -12.83
N ASN B 202 -30.11 -11.59 -12.52
CA ASN B 202 -28.71 -11.96 -12.20
C ASN B 202 -28.16 -10.92 -11.23
N TYR B 203 -27.23 -11.40 -10.42
CA TYR B 203 -26.59 -10.63 -9.34
C TYR B 203 -25.11 -10.94 -9.40
N TYR B 204 -24.28 -9.92 -9.22
CA TYR B 204 -22.80 -10.00 -9.19
C TYR B 204 -22.40 -9.10 -8.02
N GLY B 205 -21.75 -9.63 -6.99
CA GLY B 205 -21.39 -8.80 -5.84
C GLY B 205 -20.06 -8.07 -5.98
N GLY B 206 -19.49 -7.75 -4.83
CA GLY B 206 -18.21 -7.06 -4.65
C GLY B 206 -18.40 -5.58 -4.42
N LEU B 207 -17.36 -4.94 -3.89
CA LEU B 207 -17.37 -3.50 -3.62
C LEU B 207 -16.99 -2.71 -4.86
N THR B 208 -16.09 -3.21 -5.71
CA THR B 208 -15.56 -2.40 -6.83
C THR B 208 -15.59 -3.17 -8.15
N THR B 209 -16.37 -4.24 -8.21
CA THR B 209 -16.52 -5.08 -9.42
C THR B 209 -16.91 -4.19 -10.59
N PRO B 210 -16.30 -4.35 -11.79
CA PRO B 210 -16.75 -3.60 -12.95
C PRO B 210 -18.13 -4.04 -13.43
N PRO B 211 -19.01 -3.10 -13.86
CA PRO B 211 -20.31 -3.47 -14.42
C PRO B 211 -20.16 -4.01 -15.83
N VAL B 212 -21.09 -4.89 -16.23
CA VAL B 212 -21.13 -5.48 -17.59
C VAL B 212 -22.55 -5.31 -18.12
N LEU B 213 -22.71 -5.04 -19.41
CA LEU B 213 -24.07 -4.90 -20.02
C LEU B 213 -23.95 -5.22 -21.50
N THR B 214 -24.92 -5.92 -22.06
CA THR B 214 -25.06 -6.06 -23.52
C THR B 214 -26.39 -5.43 -23.90
N PHE B 215 -26.47 -4.93 -25.11
CA PHE B 215 -27.70 -4.29 -25.64
C PHE B 215 -27.81 -4.67 -27.11
N THR B 216 -29.05 -4.88 -27.53
CA THR B 216 -29.37 -5.18 -28.94
C THR B 216 -30.88 -5.06 -29.10
N ASN B 217 -31.35 -4.93 -30.33
CA ASN B 217 -32.82 -4.95 -30.57
C ASN B 217 -33.15 -6.22 -31.37
N THR B 218 -32.26 -7.23 -31.38
CA THR B 218 -32.44 -8.45 -32.19
C THR B 218 -32.84 -9.66 -31.32
N VAL B 219 -33.14 -9.47 -30.02
CA VAL B 219 -33.28 -10.60 -29.05
C VAL B 219 -34.67 -10.59 -28.42
N THR B 220 -35.39 -11.69 -28.66
CA THR B 220 -36.75 -11.95 -28.15
C THR B 220 -36.71 -13.04 -27.10
N THR B 221 -37.30 -12.82 -25.93
CA THR B 221 -37.49 -13.87 -24.90
C THR B 221 -38.92 -14.39 -25.01
N ILE B 222 -39.08 -15.70 -25.20
CA ILE B 222 -40.39 -16.40 -25.29
C ILE B 222 -40.94 -16.47 -23.86
N LEU B 223 -42.23 -16.16 -23.65
CA LEU B 223 -42.86 -16.18 -22.29
C LEU B 223 -43.81 -17.38 -22.10
N LEU B 224 -43.96 -18.18 -23.14
CA LEU B 224 -44.82 -19.40 -23.12
C LEU B 224 -44.21 -20.37 -22.12
N ASP B 225 -45.04 -21.00 -21.29
CA ASP B 225 -44.60 -21.98 -20.28
C ASP B 225 -44.47 -23.35 -20.94
N GLU B 226 -44.20 -24.40 -20.14
CA GLU B 226 -44.01 -25.81 -20.56
C GLU B 226 -45.19 -26.26 -21.44
N ASN B 227 -46.38 -25.69 -21.23
CA ASN B 227 -47.67 -26.05 -21.88
C ASN B 227 -48.02 -25.08 -23.02
N GLY B 228 -47.13 -24.16 -23.40
CA GLY B 228 -47.33 -23.22 -24.53
C GLY B 228 -48.27 -22.06 -24.19
N VAL B 229 -48.40 -21.75 -22.91
CA VAL B 229 -49.28 -20.68 -22.36
C VAL B 229 -48.38 -19.57 -21.81
N GLY B 230 -48.50 -18.37 -22.39
CA GLY B 230 -47.93 -17.13 -21.85
C GLY B 230 -48.71 -16.60 -20.65
N PRO B 231 -48.18 -15.59 -19.95
CA PRO B 231 -48.93 -14.89 -18.91
C PRO B 231 -50.26 -14.42 -19.52
N LEU B 232 -51.35 -14.62 -18.77
CA LEU B 232 -52.72 -14.18 -19.17
C LEU B 232 -53.12 -12.97 -18.31
N CYS B 233 -53.51 -11.88 -18.96
CA CYS B 233 -53.55 -10.54 -18.35
C CYS B 233 -54.90 -10.34 -17.68
N LYS B 234 -54.98 -10.64 -16.38
CA LYS B 234 -56.19 -10.46 -15.56
C LYS B 234 -56.56 -8.96 -15.52
N GLY B 235 -57.84 -8.66 -15.68
CA GLY B 235 -58.32 -7.27 -15.63
C GLY B 235 -57.80 -6.47 -16.81
N ASP B 236 -57.44 -7.13 -17.91
CA ASP B 236 -56.84 -6.47 -19.09
C ASP B 236 -55.73 -5.51 -18.63
N GLY B 237 -54.87 -5.99 -17.71
CA GLY B 237 -53.57 -5.34 -17.39
C GLY B 237 -52.35 -6.25 -17.63
N LEU B 238 -51.30 -5.68 -18.23
CA LEU B 238 -49.91 -6.22 -18.38
C LEU B 238 -49.00 -5.68 -17.27
N PHE B 239 -48.52 -6.55 -16.39
CA PHE B 239 -47.69 -6.22 -15.19
C PHE B 239 -46.20 -6.38 -15.51
N LEU B 240 -45.50 -5.25 -15.59
CA LEU B 240 -44.06 -5.14 -15.85
C LEU B 240 -43.36 -4.83 -14.52
N SER B 241 -42.22 -5.47 -14.27
CA SER B 241 -41.41 -5.16 -13.07
C SER B 241 -39.93 -5.39 -13.36
N CYS B 242 -39.08 -4.62 -12.68
CA CYS B 242 -37.63 -4.65 -12.94
C CYS B 242 -36.90 -3.98 -11.78
N CYS B 243 -35.60 -4.21 -11.78
CA CYS B 243 -34.60 -3.42 -11.01
C CYS B 243 -33.27 -3.63 -11.71
N ASP B 244 -32.53 -2.55 -11.93
CA ASP B 244 -31.26 -2.54 -12.71
C ASP B 244 -30.22 -1.68 -11.97
N VAL B 245 -29.68 -2.20 -10.84
CA VAL B 245 -28.57 -1.56 -10.08
C VAL B 245 -27.25 -1.84 -10.84
N MET B 246 -26.56 -0.77 -11.24
CA MET B 246 -25.29 -0.82 -11.99
C MET B 246 -24.07 -0.76 -11.05
N GLY B 247 -24.26 -0.53 -9.75
CA GLY B 247 -23.18 -0.34 -8.77
C GLY B 247 -23.27 1.00 -8.06
N TRP B 248 -22.13 1.56 -7.65
CA TRP B 248 -22.09 2.77 -6.80
C TRP B 248 -21.31 3.87 -7.52
N PHE B 249 -21.84 5.09 -7.49
CA PHE B 249 -21.17 6.31 -7.99
C PHE B 249 -20.45 6.93 -6.79
N THR B 250 -19.27 7.52 -6.99
CA THR B 250 -18.60 8.32 -5.94
C THR B 250 -18.31 9.73 -6.45
N ALA B 251 -19.02 10.73 -5.94
CA ALA B 251 -18.81 12.17 -6.25
C ALA B 251 -17.46 12.61 -5.67
N GLY B 252 -16.74 13.46 -6.39
CA GLY B 252 -15.42 14.01 -6.00
C GLY B 252 -15.49 14.89 -4.76
N SER B 253 -16.68 15.13 -4.21
CA SER B 253 -16.87 15.83 -2.93
C SER B 253 -16.45 14.95 -1.75
N GLY B 254 -16.21 13.64 -1.94
CA GLY B 254 -16.05 12.78 -0.76
C GLY B 254 -15.81 11.31 -1.09
N THR B 255 -16.04 10.44 -0.12
CA THR B 255 -15.99 8.97 -0.27
C THR B 255 -17.41 8.44 -0.09
N HIS B 256 -18.39 9.33 0.11
CA HIS B 256 -19.83 8.94 0.25
C HIS B 256 -20.26 8.30 -1.07
N GLN B 257 -21.08 7.25 -1.04
CA GLN B 257 -21.40 6.55 -2.31
C GLN B 257 -22.91 6.58 -2.51
N ARG B 258 -23.31 6.49 -3.78
CA ARG B 258 -24.73 6.42 -4.21
C ARG B 258 -24.90 5.25 -5.18
N PHE B 259 -25.92 4.45 -4.92
CA PHE B 259 -26.48 3.53 -5.94
C PHE B 259 -26.76 4.30 -7.22
N ARG B 260 -26.43 3.72 -8.37
CA ARG B 260 -26.76 4.19 -9.73
C ARG B 260 -27.56 3.08 -10.44
N GLY B 261 -28.77 3.40 -10.92
CA GLY B 261 -29.64 2.48 -11.67
C GLY B 261 -29.83 3.00 -13.08
N LEU B 262 -30.32 2.13 -13.97
CA LEU B 262 -30.67 2.52 -15.35
C LEU B 262 -32.10 2.09 -15.67
N PRO B 263 -32.75 2.82 -16.60
CA PRO B 263 -34.10 2.48 -17.05
C PRO B 263 -34.11 1.19 -17.90
N ARG B 264 -35.26 0.54 -17.98
CA ARG B 264 -35.42 -0.68 -18.80
C ARG B 264 -36.62 -0.53 -19.74
N TYR B 265 -36.39 -0.76 -21.02
CA TYR B 265 -37.42 -0.89 -22.08
C TYR B 265 -38.06 -2.28 -22.01
N PHE B 266 -39.37 -2.34 -22.23
CA PHE B 266 -40.11 -3.61 -22.52
C PHE B 266 -40.97 -3.40 -23.75
N ASN B 267 -40.89 -4.31 -24.71
CA ASN B 267 -41.80 -4.47 -25.88
C ASN B 267 -42.38 -5.89 -25.85
N VAL B 268 -43.59 -6.05 -25.33
CA VAL B 268 -44.27 -7.36 -25.12
C VAL B 268 -45.17 -7.64 -26.32
N GLN B 269 -45.04 -8.81 -26.93
CA GLN B 269 -45.91 -9.30 -28.02
C GLN B 269 -47.12 -9.98 -27.38
N LEU B 270 -48.33 -9.53 -27.71
CA LEU B 270 -49.58 -10.05 -27.11
C LEU B 270 -50.43 -10.69 -28.23
N ARG B 271 -51.16 -11.75 -27.90
CA ARG B 271 -52.20 -12.32 -28.80
C ARG B 271 -53.44 -12.61 -27.95
N LYS B 272 -54.60 -12.82 -28.58
CA LYS B 272 -55.88 -13.10 -27.90
C LYS B 272 -55.97 -14.60 -27.64
N ARG B 273 -56.39 -14.99 -26.44
CA ARG B 273 -56.51 -16.40 -26.02
C ARG B 273 -57.92 -16.59 -25.50
N ALA B 274 -58.64 -17.59 -26.01
CA ALA B 274 -60.00 -17.90 -25.54
C ALA B 274 -59.87 -18.65 -24.22
N VAL B 275 -60.74 -18.32 -23.28
CA VAL B 275 -60.83 -18.90 -21.92
C VAL B 275 -62.29 -19.26 -21.61
N ARG B 276 -62.53 -20.39 -20.95
CA ARG B 276 -63.88 -20.91 -20.61
C ARG B 276 -64.40 -20.16 -19.36
N ASN B 277 -65.58 -19.53 -19.47
CA ASN B 277 -66.27 -18.77 -18.38
C ASN B 277 -67.60 -19.46 -18.06
N ILE C 19 -26.92 -11.64 -54.53
CA ILE C 19 -26.21 -11.14 -53.31
C ILE C 19 -25.19 -10.06 -53.73
N THR C 20 -25.42 -8.81 -53.33
CA THR C 20 -24.53 -7.63 -53.54
C THR C 20 -23.70 -7.38 -52.26
N GLN C 21 -22.36 -7.43 -52.36
CA GLN C 21 -21.40 -7.18 -51.24
C GLN C 21 -20.97 -5.71 -51.23
N ILE C 22 -21.09 -5.05 -50.07
CA ILE C 22 -20.63 -3.66 -49.75
C ILE C 22 -19.63 -3.69 -48.58
N GLU C 23 -18.38 -3.28 -48.83
CA GLU C 23 -17.26 -3.17 -47.84
C GLU C 23 -17.13 -1.72 -47.34
N ALA C 24 -16.78 -1.53 -46.07
CA ALA C 24 -16.41 -0.21 -45.52
C ALA C 24 -15.61 -0.40 -44.23
N PHE C 25 -14.66 0.50 -43.98
CA PHE C 25 -14.01 0.73 -42.66
C PHE C 25 -14.49 2.06 -42.11
N LEU C 26 -14.98 2.11 -40.87
CA LEU C 26 -15.31 3.36 -40.15
C LEU C 26 -14.20 3.60 -39.13
N ASN C 27 -13.58 4.77 -39.19
CA ASN C 27 -12.52 5.19 -38.25
C ASN C 27 -13.14 5.60 -36.94
N PRO C 28 -12.40 5.32 -35.82
CA PRO C 28 -12.85 5.74 -34.50
C PRO C 28 -12.83 7.27 -34.43
N ARG C 29 -13.79 7.83 -33.67
CA ARG C 29 -13.94 9.26 -33.32
C ARG C 29 -13.81 9.40 -31.81
N MET C 30 -12.57 9.31 -31.35
CA MET C 30 -12.22 9.22 -29.90
C MET C 30 -12.03 10.61 -29.30
N GLY C 31 -12.11 11.67 -30.13
CA GLY C 31 -11.93 13.05 -29.65
C GLY C 31 -11.00 13.81 -30.57
N VAL C 32 -9.80 13.28 -30.82
CA VAL C 32 -8.91 13.72 -31.93
C VAL C 32 -9.42 13.01 -33.20
N ASN C 33 -10.34 13.67 -33.90
CA ASN C 33 -11.08 13.15 -35.08
C ASN C 33 -10.40 13.59 -36.38
N ASP C 34 -9.30 14.35 -36.29
CA ASP C 34 -8.59 14.93 -37.45
C ASP C 34 -7.37 14.05 -37.74
N GLU C 35 -7.30 13.50 -38.94
CA GLU C 35 -6.33 12.46 -39.32
C GLU C 35 -4.94 13.06 -39.53
N THR C 36 -4.82 14.40 -39.51
CA THR C 36 -3.51 15.10 -39.58
C THR C 36 -2.90 15.23 -38.18
N ASN C 37 -3.72 15.24 -37.11
CA ASN C 37 -3.29 15.41 -35.70
C ASN C 37 -2.56 14.14 -35.23
N THR C 38 -1.50 14.31 -34.44
CA THR C 38 -0.50 13.25 -34.10
C THR C 38 -1.12 12.23 -33.13
N TRP C 39 -2.25 12.57 -32.53
CA TRP C 39 -3.01 11.79 -31.52
C TRP C 39 -4.32 11.24 -32.13
N TYR C 40 -4.39 11.12 -33.45
CA TYR C 40 -5.56 10.56 -34.18
C TYR C 40 -5.84 9.14 -33.68
N GLY C 41 -7.08 8.85 -33.28
CA GLY C 41 -7.51 7.51 -32.80
C GLY C 41 -7.48 7.43 -31.27
N PHE C 42 -7.13 8.53 -30.63
CA PHE C 42 -7.13 8.74 -29.16
C PHE C 42 -7.95 9.99 -28.89
N SER C 43 -8.32 10.22 -27.63
CA SER C 43 -8.83 11.52 -27.16
C SER C 43 -7.63 12.44 -26.85
N GLU C 44 -7.91 13.73 -26.65
CA GLU C 44 -6.95 14.64 -25.94
C GLU C 44 -6.93 14.16 -24.48
N GLN C 45 -5.95 14.61 -23.71
CA GLN C 45 -5.85 14.29 -22.27
C GLN C 45 -7.20 14.62 -21.63
N VAL C 46 -7.79 13.66 -20.91
CA VAL C 46 -9.08 13.84 -20.21
C VAL C 46 -8.89 14.69 -18.95
N THR C 47 -9.67 15.79 -18.86
CA THR C 47 -9.79 16.68 -17.70
C THR C 47 -11.07 16.30 -16.97
N VAL C 48 -11.12 16.60 -15.68
CA VAL C 48 -12.18 16.16 -14.74
C VAL C 48 -12.75 17.36 -13.97
N ALA C 49 -14.08 17.42 -13.89
CA ALA C 49 -14.80 18.54 -13.26
C ALA C 49 -14.32 18.75 -11.81
N THR C 50 -14.16 20.01 -11.39
CA THR C 50 -13.79 20.37 -10.00
C THR C 50 -15.09 20.58 -9.21
N ALA C 51 -16.23 20.64 -9.91
CA ALA C 51 -17.57 20.76 -9.28
C ALA C 51 -18.63 20.25 -10.25
N ARG C 52 -19.78 19.81 -9.74
CA ARG C 52 -20.87 19.28 -10.60
C ARG C 52 -21.26 20.37 -11.62
N GLU C 53 -21.30 21.63 -11.17
CA GLU C 53 -21.93 22.77 -11.88
C GLU C 53 -20.94 23.40 -12.86
N THR C 54 -19.66 23.07 -12.78
CA THR C 54 -18.59 23.67 -13.63
C THR C 54 -18.06 22.64 -14.63
N ASP C 55 -18.78 21.53 -14.77
CA ASP C 55 -18.35 20.36 -15.55
C ASP C 55 -18.51 20.68 -17.02
N ARG C 56 -17.39 20.94 -17.72
CA ARG C 56 -17.36 21.49 -19.10
C ARG C 56 -16.31 20.75 -19.91
N PRO C 57 -16.61 19.56 -20.46
CA PRO C 57 -15.63 18.80 -21.23
C PRO C 57 -15.37 19.36 -22.62
N PRO C 58 -14.13 19.75 -22.97
CA PRO C 58 -13.78 20.01 -24.36
C PRO C 58 -14.11 18.86 -25.34
N LYS C 59 -14.64 19.26 -26.50
CA LYS C 59 -14.90 18.45 -27.72
C LYS C 59 -13.96 17.24 -27.81
N GLU C 60 -12.65 17.48 -27.71
CA GLU C 60 -11.62 16.51 -28.11
C GLU C 60 -11.42 15.44 -27.01
N GLN C 61 -12.11 15.53 -25.86
CA GLN C 61 -11.83 14.71 -24.64
C GLN C 61 -12.92 13.65 -24.41
N MET C 62 -13.83 13.47 -25.37
CA MET C 62 -14.94 12.48 -25.28
C MET C 62 -14.98 11.67 -26.56
N PRO C 63 -15.29 10.35 -26.46
CA PRO C 63 -15.54 9.54 -27.65
C PRO C 63 -16.94 9.78 -28.24
N TYR C 64 -16.98 9.62 -29.57
CA TYR C 64 -18.19 9.84 -30.41
C TYR C 64 -18.58 8.55 -31.15
N TYR C 65 -19.87 8.45 -31.48
CA TYR C 65 -20.35 7.50 -32.53
C TYR C 65 -19.73 7.86 -33.87
N SER C 66 -19.14 6.88 -34.54
CA SER C 66 -18.79 6.92 -35.97
C SER C 66 -20.03 6.52 -36.80
N CYS C 67 -20.25 7.16 -37.95
CA CYS C 67 -21.32 6.76 -38.90
C CYS C 67 -20.93 7.10 -40.32
N ALA C 68 -21.48 6.34 -41.27
CA ALA C 68 -21.35 6.53 -42.72
C ALA C 68 -22.65 6.05 -43.38
N ARG C 69 -23.15 6.82 -44.34
CA ARG C 69 -24.19 6.39 -45.31
C ARG C 69 -23.45 5.95 -46.57
N ILE C 70 -23.52 4.67 -46.95
CA ILE C 70 -22.91 4.14 -48.20
C ILE C 70 -23.97 4.21 -49.31
N PRO C 71 -23.67 4.88 -50.45
CA PRO C 71 -24.64 5.02 -51.53
C PRO C 71 -24.75 3.72 -52.35
N LEU C 72 -25.99 3.29 -52.59
CA LEU C 72 -26.33 2.01 -53.28
C LEU C 72 -26.83 2.33 -54.69
N PRO C 73 -26.67 1.42 -55.68
CA PRO C 73 -27.17 1.68 -57.03
C PRO C 73 -28.66 2.07 -57.05
N LEU C 74 -29.06 3.03 -57.90
CA LEU C 74 -30.47 3.48 -58.02
C LEU C 74 -31.26 2.30 -58.60
N LEU C 75 -32.40 1.95 -58.01
CA LEU C 75 -33.15 0.73 -58.42
C LEU C 75 -34.35 1.11 -59.27
N ASN C 76 -35.04 2.22 -58.98
CA ASN C 76 -36.31 2.56 -59.67
C ASN C 76 -36.12 3.78 -60.59
N GLU C 77 -36.04 3.55 -61.91
CA GLU C 77 -36.01 4.60 -62.98
C GLU C 77 -37.32 5.39 -62.97
N ASP C 78 -38.15 5.23 -61.93
CA ASP C 78 -39.34 6.06 -61.60
C ASP C 78 -39.84 5.69 -60.19
N MET C 79 -39.79 6.63 -59.24
CA MET C 79 -40.20 6.43 -57.82
C MET C 79 -41.67 6.85 -57.64
N THR C 80 -42.46 6.76 -58.73
CA THR C 80 -43.92 7.10 -58.79
C THR C 80 -44.77 5.82 -58.83
N CYS C 81 -44.24 4.75 -59.43
CA CYS C 81 -44.82 3.37 -59.49
C CYS C 81 -45.18 2.87 -58.08
N ASN C 82 -46.37 2.28 -57.88
CA ASN C 82 -46.88 1.83 -56.56
C ASN C 82 -46.22 0.49 -56.16
N THR C 83 -45.41 -0.11 -57.04
CA THR C 83 -44.54 -1.28 -56.75
C THR C 83 -43.09 -0.90 -57.10
N LEU C 84 -42.18 -0.95 -56.10
CA LEU C 84 -40.75 -0.52 -56.18
C LEU C 84 -39.80 -1.61 -55.65
N LEU C 85 -38.52 -1.54 -56.05
CA LEU C 85 -37.37 -2.30 -55.49
C LEU C 85 -36.60 -1.44 -54.49
N MET C 86 -36.36 -1.99 -53.30
CA MET C 86 -35.46 -1.43 -52.24
C MET C 86 -34.38 -2.45 -51.91
N TRP C 87 -33.20 -1.98 -51.55
CA TRP C 87 -32.09 -2.86 -51.12
C TRP C 87 -32.37 -3.36 -49.70
N GLU C 88 -32.14 -4.65 -49.47
CA GLU C 88 -32.36 -5.30 -48.17
C GLU C 88 -31.02 -5.75 -47.64
N ALA C 89 -30.68 -5.31 -46.43
CA ALA C 89 -29.47 -5.83 -45.77
C ALA C 89 -29.85 -7.19 -45.17
N VAL C 90 -29.26 -8.28 -45.63
CA VAL C 90 -29.62 -9.67 -45.17
C VAL C 90 -28.64 -10.15 -44.09
N SER C 91 -27.38 -9.73 -44.15
CA SER C 91 -26.36 -10.15 -43.16
C SER C 91 -25.21 -9.14 -43.16
N VAL C 92 -24.28 -9.29 -42.20
CA VAL C 92 -23.06 -8.45 -42.07
C VAL C 92 -21.94 -9.29 -41.45
N LYS C 93 -20.75 -9.21 -42.00
CA LYS C 93 -19.49 -9.59 -41.30
C LYS C 93 -18.87 -8.29 -40.79
N THR C 94 -18.62 -8.19 -39.49
CA THR C 94 -17.98 -6.99 -38.91
C THR C 94 -16.79 -7.44 -38.05
N GLU C 95 -15.78 -6.59 -37.96
CA GLU C 95 -14.47 -6.88 -37.35
C GLU C 95 -13.90 -5.57 -36.77
N VAL C 96 -13.47 -5.60 -35.51
CA VAL C 96 -12.68 -4.50 -34.89
C VAL C 96 -11.22 -4.86 -35.14
N ILE C 97 -10.50 -4.00 -35.85
CA ILE C 97 -9.11 -4.27 -36.31
C ILE C 97 -8.15 -3.53 -35.38
N GLY C 98 -6.99 -4.12 -35.09
CA GLY C 98 -5.89 -3.43 -34.38
C GLY C 98 -5.74 -3.79 -32.91
N SER C 99 -6.40 -4.84 -32.39
CA SER C 99 -6.19 -5.34 -31.00
C SER C 99 -4.70 -5.60 -30.82
N ASN C 100 -4.04 -6.01 -31.89
CA ASN C 100 -2.59 -6.33 -31.95
C ASN C 100 -1.76 -5.10 -31.59
N THR C 101 -2.24 -3.90 -31.87
CA THR C 101 -1.47 -2.66 -31.57
C THR C 101 -1.25 -2.57 -30.05
N LEU C 102 -2.18 -3.06 -29.22
CA LEU C 102 -2.13 -2.89 -27.74
C LEU C 102 -1.07 -3.81 -27.15
N MET C 103 -0.44 -4.66 -27.98
CA MET C 103 0.72 -5.50 -27.59
C MET C 103 2.01 -4.64 -27.62
N ASN C 104 1.91 -3.37 -28.02
CA ASN C 104 3.04 -2.41 -28.01
C ASN C 104 3.18 -1.90 -26.57
N VAL C 105 4.23 -2.33 -25.86
CA VAL C 105 4.46 -1.84 -24.48
C VAL C 105 5.86 -1.19 -24.39
N HIS C 106 6.43 -0.76 -25.52
CA HIS C 106 7.75 -0.06 -25.56
C HIS C 106 7.53 1.43 -25.86
N ASP C 107 6.29 1.87 -26.11
CA ASP C 107 6.00 3.30 -26.36
C ASP C 107 6.28 4.08 -25.07
N TYR C 108 6.23 5.41 -25.17
CA TYR C 108 6.46 6.33 -24.03
C TYR C 108 5.22 6.24 -23.15
N MET C 109 5.27 5.32 -22.17
CA MET C 109 4.14 4.86 -21.32
C MET C 109 4.60 4.77 -19.85
N THR C 110 3.67 4.88 -18.91
CA THR C 110 3.93 4.65 -17.48
C THR C 110 4.55 3.26 -17.34
N ARG C 111 5.48 3.09 -16.42
CA ARG C 111 6.05 1.75 -16.17
C ARG C 111 6.31 1.61 -14.68
N THR C 112 6.42 0.37 -14.23
CA THR C 112 6.83 -0.02 -12.85
C THR C 112 8.28 -0.49 -12.89
N ASP C 113 9.16 0.25 -12.22
CA ASP C 113 10.60 -0.08 -12.17
C ASP C 113 11.05 -0.28 -13.62
N ASN C 114 11.72 -1.40 -13.95
CA ASN C 114 12.21 -1.70 -15.33
C ASN C 114 11.21 -2.59 -16.09
N GLY C 115 9.95 -2.55 -15.71
CA GLY C 115 8.89 -3.36 -16.34
C GLY C 115 8.38 -2.71 -17.62
N VAL C 116 7.48 -3.39 -18.30
CA VAL C 116 7.00 -2.93 -19.64
C VAL C 116 6.13 -1.69 -19.44
N GLY C 117 5.91 -0.92 -20.51
CA GLY C 117 4.90 0.14 -20.50
C GLY C 117 3.53 -0.43 -20.15
N HIS C 118 2.76 0.29 -19.34
CA HIS C 118 1.38 -0.10 -18.93
C HIS C 118 0.45 0.05 -20.14
N PRO C 119 -0.13 -1.03 -20.66
CA PRO C 119 -0.90 -0.98 -21.89
C PRO C 119 -2.28 -0.40 -21.58
N VAL C 120 -3.03 -0.09 -22.63
CA VAL C 120 -4.42 0.46 -22.51
C VAL C 120 -5.30 -0.46 -21.66
N VAL C 121 -6.02 0.12 -20.70
CA VAL C 121 -6.98 -0.57 -19.82
C VAL C 121 -8.08 0.41 -19.48
N GLY C 122 -9.17 -0.13 -18.96
CA GLY C 122 -10.30 0.63 -18.40
C GLY C 122 -11.60 0.22 -19.06
N SER C 123 -12.55 1.13 -19.14
CA SER C 123 -13.93 0.86 -19.58
C SER C 123 -13.94 0.63 -21.08
N THR C 124 -14.74 -0.32 -21.53
CA THR C 124 -14.86 -0.67 -22.97
C THR C 124 -16.31 -0.52 -23.42
N TYR C 125 -16.45 -0.05 -24.65
CA TYR C 125 -17.76 0.22 -25.26
C TYR C 125 -17.67 -0.18 -26.71
N HIS C 126 -18.42 -1.22 -27.05
CA HIS C 126 -18.50 -1.79 -28.42
C HIS C 126 -19.95 -1.71 -28.89
N MET C 127 -20.14 -1.17 -30.08
CA MET C 127 -21.48 -1.14 -30.71
C MET C 127 -21.29 -1.05 -32.22
N PHE C 128 -22.08 -1.79 -32.98
CA PHE C 128 -22.28 -1.52 -34.41
C PHE C 128 -23.78 -1.61 -34.69
N ALA C 129 -24.15 -1.01 -35.81
CA ALA C 129 -25.53 -0.98 -36.34
C ALA C 129 -25.46 -0.98 -37.85
N VAL C 130 -26.35 -1.75 -38.48
CA VAL C 130 -26.59 -1.69 -39.95
C VAL C 130 -28.08 -1.35 -40.11
N GLY C 131 -28.36 -0.36 -40.95
CA GLY C 131 -29.67 0.33 -41.00
C GLY C 131 -30.00 0.77 -42.40
N GLY C 132 -31.30 0.88 -42.69
CA GLY C 132 -31.82 1.36 -43.98
C GLY C 132 -32.00 2.86 -43.96
N GLU C 133 -31.88 3.45 -42.75
CA GLU C 133 -32.00 4.88 -42.41
C GLU C 133 -31.09 5.17 -41.21
N PRO C 134 -31.02 6.42 -40.69
CA PRO C 134 -30.13 6.74 -39.57
C PRO C 134 -30.52 6.06 -38.26
N LEU C 135 -29.51 5.66 -37.47
CA LEU C 135 -29.72 5.02 -36.14
C LEU C 135 -30.54 5.96 -35.26
N ASP C 136 -31.64 5.48 -34.71
CA ASP C 136 -32.45 6.23 -33.71
C ASP C 136 -31.69 6.19 -32.38
N LEU C 137 -31.51 7.36 -31.74
CA LEU C 137 -30.75 7.58 -30.48
C LEU C 137 -31.71 8.10 -29.41
N GLN C 138 -31.55 7.62 -28.18
CA GLN C 138 -32.28 8.14 -27.01
C GLN C 138 -31.24 8.79 -26.10
N GLY C 139 -31.56 10.00 -25.65
CA GLY C 139 -30.71 10.82 -24.77
C GLY C 139 -30.82 10.38 -23.34
N ILE C 140 -29.67 10.22 -22.69
CA ILE C 140 -29.61 9.91 -21.24
C ILE C 140 -28.21 10.28 -20.73
N GLN C 141 -28.08 10.72 -19.47
CA GLN C 141 -26.80 11.28 -18.97
C GLN C 141 -26.50 10.82 -17.55
N GLN C 142 -25.21 10.80 -17.20
CA GLN C 142 -24.78 10.54 -15.81
C GLN C 142 -25.09 11.78 -14.98
N SER C 143 -24.99 12.96 -15.62
CA SER C 143 -25.23 14.28 -14.96
C SER C 143 -25.97 15.25 -15.88
N HIS C 144 -27.10 15.76 -15.42
CA HIS C 144 -27.93 16.79 -16.12
C HIS C 144 -27.14 18.11 -16.19
N LEU C 145 -26.30 18.37 -15.19
CA LEU C 145 -25.61 19.67 -14.96
C LEU C 145 -24.40 19.83 -15.89
N VAL C 146 -24.07 18.85 -16.72
CA VAL C 146 -22.90 19.00 -17.63
C VAL C 146 -23.17 20.14 -18.61
N GLN C 147 -22.13 20.90 -18.94
CA GLN C 147 -22.11 21.97 -19.97
C GLN C 147 -21.28 21.47 -21.15
N TYR C 148 -21.95 20.99 -22.21
CA TYR C 148 -21.28 20.45 -23.43
C TYR C 148 -20.87 21.63 -24.30
N PRO C 149 -19.71 21.54 -24.98
CA PRO C 149 -19.25 22.63 -25.84
C PRO C 149 -20.09 22.79 -27.12
N GLU C 150 -19.78 23.81 -27.92
CA GLU C 150 -20.46 24.12 -29.20
C GLU C 150 -20.02 23.10 -30.26
N GLY C 151 -20.91 22.79 -31.20
CA GLY C 151 -20.65 21.89 -32.34
C GLY C 151 -20.80 20.41 -31.97
N LEU C 152 -21.54 20.12 -30.89
CA LEU C 152 -21.93 18.75 -30.48
C LEU C 152 -23.45 18.66 -30.48
N ILE C 153 -24.00 17.53 -30.89
CA ILE C 153 -25.46 17.26 -30.72
C ILE C 153 -25.58 16.44 -29.43
N VAL C 154 -26.31 16.98 -28.46
CA VAL C 154 -26.52 16.37 -27.13
C VAL C 154 -27.99 16.57 -26.81
N PRO C 155 -28.55 15.87 -25.81
CA PRO C 155 -29.95 16.04 -25.47
C PRO C 155 -30.47 17.48 -25.40
N LYS C 156 -29.61 18.47 -25.12
CA LYS C 156 -30.02 19.90 -24.93
C LYS C 156 -30.56 20.42 -26.27
N SER C 157 -29.95 19.98 -27.38
CA SER C 157 -30.32 20.29 -28.79
C SER C 157 -31.77 19.93 -29.14
N VAL C 158 -32.50 19.16 -28.33
CA VAL C 158 -33.84 18.61 -28.74
C VAL C 158 -34.86 18.74 -27.62
N THR C 159 -34.46 19.00 -26.39
CA THR C 159 -35.44 19.12 -25.28
C THR C 159 -34.82 19.98 -24.18
N ASP C 160 -35.59 20.24 -23.13
CA ASP C 160 -35.16 20.88 -21.86
C ASP C 160 -34.47 19.83 -20.97
N VAL C 161 -33.14 19.91 -20.85
CA VAL C 161 -32.35 18.95 -20.01
C VAL C 161 -32.60 19.28 -18.55
N THR C 162 -33.28 18.39 -17.85
CA THR C 162 -33.51 18.44 -16.38
C THR C 162 -32.92 17.15 -15.76
N ALA C 163 -33.22 16.90 -14.48
CA ALA C 163 -32.81 15.68 -13.75
C ALA C 163 -33.44 14.43 -14.38
N LYS C 164 -34.55 14.57 -15.11
CA LYS C 164 -35.21 13.45 -15.84
C LYS C 164 -34.20 12.79 -16.81
N ILE C 165 -33.27 13.56 -17.41
CA ILE C 165 -32.28 13.04 -18.42
C ILE C 165 -31.31 12.02 -17.78
N GLN C 166 -31.27 11.93 -16.44
CA GLN C 166 -30.44 10.95 -15.69
C GLN C 166 -31.12 9.58 -15.72
N CYS C 167 -32.37 9.57 -16.18
CA CYS C 167 -33.20 8.37 -16.37
C CYS C 167 -33.74 8.43 -17.80
N LEU C 168 -34.98 7.98 -18.02
CA LEU C 168 -35.56 7.97 -19.38
C LEU C 168 -36.51 9.16 -19.54
N ASP C 169 -36.04 10.12 -20.34
CA ASP C 169 -36.84 11.30 -20.75
C ASP C 169 -37.29 11.01 -22.18
N PRO C 170 -38.58 10.65 -22.38
CA PRO C 170 -39.07 10.25 -23.69
C PRO C 170 -38.98 11.38 -24.73
N SER C 171 -38.75 12.63 -24.31
CA SER C 171 -38.59 13.79 -25.24
C SER C 171 -37.19 13.83 -25.86
N ALA C 172 -36.22 13.07 -25.34
CA ALA C 172 -34.79 13.21 -25.75
C ALA C 172 -34.47 12.25 -26.90
N LYS C 173 -35.03 12.53 -28.08
CA LYS C 173 -34.92 11.68 -29.29
C LYS C 173 -34.08 12.42 -30.33
N ALA C 174 -33.29 11.68 -31.13
CA ALA C 174 -32.44 12.19 -32.23
C ALA C 174 -32.10 11.06 -33.20
N LYS C 175 -31.44 11.39 -34.30
CA LYS C 175 -30.89 10.46 -35.31
C LYS C 175 -29.39 10.70 -35.43
N LEU C 176 -28.62 9.62 -35.57
CA LEU C 176 -27.16 9.65 -35.82
C LEU C 176 -26.91 9.98 -37.29
N ASP C 177 -26.84 11.28 -37.62
CA ASP C 177 -26.64 11.76 -39.02
C ASP C 177 -25.31 12.52 -39.20
N LYS C 178 -24.50 12.69 -38.14
CA LYS C 178 -23.21 13.43 -38.22
C LYS C 178 -22.09 12.60 -37.55
N ASP C 179 -21.10 12.21 -38.34
CA ASP C 179 -19.92 11.43 -37.90
C ASP C 179 -19.07 12.26 -36.94
N GLY C 180 -18.75 11.74 -35.76
CA GLY C 180 -17.83 12.39 -34.80
C GLY C 180 -18.46 13.57 -34.08
N LYS C 181 -19.78 13.58 -33.85
CA LYS C 181 -20.46 14.77 -33.26
C LYS C 181 -21.48 14.40 -32.20
N TYR C 182 -21.92 13.14 -32.15
CA TYR C 182 -22.85 12.59 -31.14
C TYR C 182 -22.00 11.84 -30.11
N PRO C 183 -21.85 12.36 -28.87
CA PRO C 183 -21.07 11.70 -27.83
C PRO C 183 -21.77 10.46 -27.27
N ILE C 184 -21.03 9.36 -27.11
CA ILE C 184 -21.63 8.10 -26.60
C ILE C 184 -22.20 8.38 -25.22
N GLU C 185 -21.63 9.31 -24.46
CA GLU C 185 -21.97 9.45 -23.03
C GLU C 185 -23.36 10.07 -22.84
N THR C 186 -23.97 10.61 -23.89
CA THR C 186 -25.31 11.25 -23.81
C THR C 186 -26.36 10.41 -24.56
N TRP C 187 -25.92 9.54 -25.49
CA TRP C 187 -26.79 8.86 -26.51
C TRP C 187 -26.65 7.31 -26.48
N SER C 188 -27.79 6.62 -26.27
CA SER C 188 -28.04 5.16 -26.41
C SER C 188 -28.80 4.87 -27.72
N PRO C 189 -28.55 3.73 -28.40
CA PRO C 189 -29.49 3.22 -29.40
C PRO C 189 -30.87 3.12 -28.75
N ASP C 190 -31.87 3.73 -29.38
CA ASP C 190 -33.28 3.77 -28.90
C ASP C 190 -33.94 2.45 -29.23
N PRO C 191 -34.24 1.61 -28.21
CA PRO C 191 -34.89 0.32 -28.44
C PRO C 191 -36.36 0.48 -28.87
N SER C 192 -37.03 1.57 -28.44
CA SER C 192 -38.43 1.92 -28.78
C SER C 192 -38.58 2.37 -30.24
N ARG C 193 -37.50 2.49 -31.02
CA ARG C 193 -37.56 2.79 -32.47
C ARG C 193 -36.64 1.81 -33.20
N ASN C 194 -35.95 2.25 -34.25
CA ASN C 194 -34.92 1.44 -34.99
C ASN C 194 -35.56 0.18 -35.61
N GLU C 195 -36.84 0.25 -36.00
CA GLU C 195 -37.53 -0.82 -36.77
C GLU C 195 -36.72 -1.19 -38.01
N ASN C 196 -35.96 -0.26 -38.61
CA ASN C 196 -35.29 -0.48 -39.93
C ASN C 196 -33.78 -0.57 -39.75
N THR C 197 -33.36 -0.82 -38.51
CA THR C 197 -31.93 -0.96 -38.13
C THR C 197 -31.75 -2.11 -37.13
N ARG C 198 -30.67 -2.88 -37.30
CA ARG C 198 -30.22 -3.83 -36.26
C ARG C 198 -29.01 -3.22 -35.56
N TYR C 199 -29.03 -3.11 -34.24
CA TYR C 199 -27.82 -2.70 -33.49
C TYR C 199 -27.47 -3.76 -32.44
N PHE C 200 -26.17 -3.81 -32.14
CA PHE C 200 -25.55 -4.76 -31.19
C PHE C 200 -24.46 -4.02 -30.40
N GLY C 201 -24.40 -4.24 -29.10
CA GLY C 201 -23.30 -3.67 -28.31
C GLY C 201 -23.04 -4.39 -27.01
N ASN C 202 -21.90 -4.07 -26.42
CA ASN C 202 -21.59 -4.49 -25.04
C ASN C 202 -20.74 -3.41 -24.38
N TYR C 203 -20.84 -3.36 -23.07
CA TYR C 203 -20.17 -2.41 -22.16
C TYR C 203 -19.56 -3.25 -21.02
N TYR C 204 -18.33 -2.90 -20.66
CA TYR C 204 -17.59 -3.48 -19.53
C TYR C 204 -16.93 -2.28 -18.84
N GLY C 205 -17.23 -1.99 -17.57
CA GLY C 205 -16.69 -0.81 -16.88
C GLY C 205 -15.36 -1.01 -16.16
N GLY C 206 -15.18 -0.24 -15.10
CA GLY C 206 -13.97 -0.21 -14.25
C GLY C 206 -12.87 0.70 -14.76
N LEU C 207 -11.96 1.06 -13.87
CA LEU C 207 -10.88 2.00 -14.18
C LEU C 207 -9.75 1.31 -14.94
N THR C 208 -9.40 0.07 -14.58
CA THR C 208 -8.16 -0.60 -15.06
C THR C 208 -8.48 -1.99 -15.61
N THR C 209 -9.75 -2.27 -15.92
CA THR C 209 -10.18 -3.58 -16.48
C THR C 209 -9.38 -3.89 -17.74
N PRO C 210 -8.86 -5.11 -17.93
CA PRO C 210 -8.19 -5.46 -19.17
C PRO C 210 -9.19 -5.50 -20.33
N PRO C 211 -8.81 -4.98 -21.50
CA PRO C 211 -9.66 -5.11 -22.68
C PRO C 211 -9.61 -6.54 -23.24
N VAL C 212 -10.71 -6.97 -23.85
CA VAL C 212 -10.86 -8.28 -24.54
C VAL C 212 -11.40 -8.03 -25.95
N LEU C 213 -10.83 -8.74 -26.92
CA LEU C 213 -11.32 -8.70 -28.30
C LEU C 213 -11.08 -10.06 -28.95
N THR C 214 -12.02 -10.43 -29.82
CA THR C 214 -11.88 -11.61 -30.71
C THR C 214 -12.02 -11.08 -32.13
N PHE C 215 -11.28 -11.68 -33.05
CA PHE C 215 -11.33 -11.34 -34.50
C PHE C 215 -11.30 -12.61 -35.31
N THR C 216 -12.04 -12.62 -36.40
CA THR C 216 -12.07 -13.74 -37.35
C THR C 216 -12.77 -13.23 -38.61
N ASN C 217 -12.53 -13.88 -39.73
CA ASN C 217 -13.26 -13.58 -40.99
C ASN C 217 -14.30 -14.66 -41.26
N THR C 218 -14.71 -15.44 -40.27
CA THR C 218 -15.53 -16.66 -40.52
C THR C 218 -16.94 -16.49 -40.00
N VAL C 219 -17.29 -15.33 -39.44
CA VAL C 219 -18.55 -15.15 -38.68
C VAL C 219 -19.41 -14.12 -39.38
N THR C 220 -20.65 -14.52 -39.70
CA THR C 220 -21.69 -13.71 -40.35
C THR C 220 -22.80 -13.47 -39.33
N THR C 221 -23.31 -12.26 -39.23
CA THR C 221 -24.51 -11.94 -38.42
C THR C 221 -25.68 -11.80 -39.38
N ILE C 222 -26.76 -12.54 -39.15
CA ILE C 222 -28.03 -12.40 -39.93
C ILE C 222 -28.77 -11.16 -39.43
N LEU C 223 -29.28 -10.33 -40.35
CA LEU C 223 -29.92 -9.02 -40.07
C LEU C 223 -31.43 -9.10 -40.31
N LEU C 224 -31.95 -10.24 -40.79
CA LEU C 224 -33.40 -10.46 -41.00
C LEU C 224 -34.08 -10.42 -39.63
N ASP C 225 -35.27 -9.82 -39.56
CA ASP C 225 -36.06 -9.72 -38.31
C ASP C 225 -36.89 -11.00 -38.14
N GLU C 226 -37.82 -11.01 -37.18
CA GLU C 226 -38.67 -12.18 -36.86
C GLU C 226 -39.44 -12.63 -38.12
N ASN C 227 -39.61 -11.75 -39.12
CA ASN C 227 -40.45 -11.99 -40.34
C ASN C 227 -39.58 -12.21 -41.58
N GLY C 228 -38.27 -12.35 -41.43
CA GLY C 228 -37.36 -12.59 -42.56
C GLY C 228 -37.11 -11.33 -43.36
N VAL C 229 -37.33 -10.15 -42.77
CA VAL C 229 -37.09 -8.82 -43.43
C VAL C 229 -35.85 -8.15 -42.82
N GLY C 230 -34.80 -8.03 -43.61
CA GLY C 230 -33.61 -7.21 -43.32
C GLY C 230 -33.95 -5.72 -43.32
N PRO C 231 -33.04 -4.85 -42.82
CA PRO C 231 -33.19 -3.41 -43.04
C PRO C 231 -33.33 -3.10 -44.54
N LEU C 232 -34.26 -2.19 -44.86
CA LEU C 232 -34.58 -1.72 -46.24
C LEU C 232 -34.05 -0.30 -46.43
N CYS C 233 -33.15 -0.12 -47.40
CA CYS C 233 -32.31 1.09 -47.60
C CYS C 233 -33.10 2.17 -48.34
N LYS C 234 -33.85 2.95 -47.56
CA LYS C 234 -34.47 4.24 -47.93
C LYS C 234 -33.45 5.16 -48.62
N GLY C 235 -33.74 5.59 -49.84
CA GLY C 235 -32.92 6.56 -50.60
C GLY C 235 -31.72 5.88 -51.24
N ASP C 236 -31.77 4.56 -51.40
CA ASP C 236 -30.61 3.75 -51.83
C ASP C 236 -29.39 4.15 -50.97
N GLY C 237 -29.62 4.36 -49.65
CA GLY C 237 -28.59 4.55 -48.62
C GLY C 237 -28.53 3.40 -47.60
N LEU C 238 -27.35 2.80 -47.43
CA LEU C 238 -27.00 1.84 -46.33
C LEU C 238 -26.24 2.56 -45.20
N PHE C 239 -26.82 2.54 -44.00
CA PHE C 239 -26.40 3.32 -42.81
C PHE C 239 -25.63 2.43 -41.83
N LEU C 240 -24.30 2.64 -41.78
CA LEU C 240 -23.34 1.99 -40.86
C LEU C 240 -23.06 2.93 -39.68
N SER C 241 -23.12 2.42 -38.45
CA SER C 241 -22.81 3.15 -37.20
C SER C 241 -21.91 2.25 -36.34
N CYS C 242 -21.06 2.84 -35.50
CA CYS C 242 -20.24 2.06 -34.54
C CYS C 242 -19.54 2.97 -33.54
N CYS C 243 -18.88 2.32 -32.59
CA CYS C 243 -17.98 2.94 -31.60
C CYS C 243 -17.29 1.79 -30.87
N ASP C 244 -15.97 1.86 -30.80
CA ASP C 244 -15.12 0.78 -30.26
C ASP C 244 -14.08 1.43 -29.34
N VAL C 245 -14.47 1.72 -28.10
CA VAL C 245 -13.54 2.21 -27.04
C VAL C 245 -12.85 1.01 -26.37
N MET C 246 -11.52 0.99 -26.44
CA MET C 246 -10.63 -0.07 -25.92
C MET C 246 -10.23 0.22 -24.47
N GLY C 247 -10.48 1.44 -23.99
CA GLY C 247 -10.10 1.94 -22.66
C GLY C 247 -9.23 3.18 -22.75
N TRP C 248 -8.37 3.40 -21.74
CA TRP C 248 -7.47 4.58 -21.65
C TRP C 248 -6.00 4.21 -21.85
N PHE C 249 -5.30 5.02 -22.64
CA PHE C 249 -3.82 5.08 -22.77
C PHE C 249 -3.23 6.09 -21.76
N THR C 250 -2.08 5.80 -21.18
CA THR C 250 -1.36 6.76 -20.28
C THR C 250 0.05 6.97 -20.83
N ALA C 251 0.34 8.18 -21.32
CA ALA C 251 1.67 8.54 -21.81
C ALA C 251 2.60 8.66 -20.60
N GLY C 252 3.87 8.29 -20.81
CA GLY C 252 4.98 8.31 -19.83
C GLY C 252 5.26 9.74 -19.35
N SER C 253 4.61 10.73 -19.95
CA SER C 253 4.76 12.17 -19.61
C SER C 253 4.02 12.50 -18.31
N GLY C 254 3.11 11.64 -17.86
CA GLY C 254 2.37 11.94 -16.62
C GLY C 254 1.32 10.89 -16.31
N THR C 255 0.27 11.30 -15.61
CA THR C 255 -0.86 10.45 -15.17
C THR C 255 -2.11 10.78 -15.97
N HIS C 256 -2.03 11.77 -16.86
CA HIS C 256 -3.13 12.13 -17.79
C HIS C 256 -3.41 10.94 -18.71
N GLN C 257 -4.68 10.71 -18.96
CA GLN C 257 -5.18 9.53 -19.71
C GLN C 257 -5.90 10.01 -20.96
N ARG C 258 -5.86 9.21 -22.01
CA ARG C 258 -6.58 9.45 -23.29
C ARG C 258 -7.40 8.20 -23.64
N PHE C 259 -8.67 8.39 -24.02
CA PHE C 259 -9.47 7.32 -24.68
C PHE C 259 -8.72 6.85 -25.89
N ARG C 260 -8.74 5.54 -26.15
CA ARG C 260 -8.14 4.89 -27.31
C ARG C 260 -9.24 4.05 -27.98
N GLY C 261 -9.42 4.24 -29.29
CA GLY C 261 -10.43 3.55 -30.11
C GLY C 261 -9.77 2.84 -31.26
N LEU C 262 -10.50 1.90 -31.87
CA LEU C 262 -9.99 1.14 -33.03
C LEU C 262 -11.04 1.25 -34.15
N PRO C 263 -10.59 1.12 -35.41
CA PRO C 263 -11.47 1.07 -36.58
C PRO C 263 -12.29 -0.22 -36.70
N ARG C 264 -13.46 -0.15 -37.32
CA ARG C 264 -14.35 -1.32 -37.52
C ARG C 264 -14.59 -1.54 -39.00
N TYR C 265 -14.34 -2.75 -39.48
CA TYR C 265 -14.70 -3.24 -40.84
C TYR C 265 -16.17 -3.68 -40.86
N PHE C 266 -16.88 -3.29 -41.92
CA PHE C 266 -18.22 -3.81 -42.25
C PHE C 266 -18.19 -4.45 -43.66
N ASN C 267 -18.72 -5.66 -43.80
CA ASN C 267 -19.04 -6.26 -45.13
C ASN C 267 -20.51 -6.67 -45.11
N VAL C 268 -21.38 -5.86 -45.74
CA VAL C 268 -22.86 -6.09 -45.76
C VAL C 268 -23.27 -6.75 -47.10
N GLN C 269 -24.07 -7.81 -47.01
CA GLN C 269 -24.63 -8.55 -48.16
C GLN C 269 -26.06 -8.03 -48.38
N LEU C 270 -26.39 -7.60 -49.60
CA LEU C 270 -27.75 -7.10 -49.88
C LEU C 270 -28.34 -7.87 -51.07
N ARG C 271 -29.66 -7.84 -51.16
CA ARG C 271 -30.48 -8.42 -52.26
C ARG C 271 -31.59 -7.40 -52.55
N LYS C 272 -32.28 -7.51 -53.70
CA LYS C 272 -33.36 -6.55 -54.06
C LYS C 272 -34.67 -7.10 -53.49
N ARG C 273 -35.51 -6.25 -52.89
CA ARG C 273 -36.80 -6.65 -52.30
C ARG C 273 -37.91 -5.73 -52.86
N ALA C 274 -39.02 -6.31 -53.33
CA ALA C 274 -40.14 -5.55 -53.89
C ALA C 274 -41.01 -5.12 -52.72
N VAL C 275 -41.51 -3.89 -52.77
CA VAL C 275 -42.31 -3.24 -51.69
C VAL C 275 -43.44 -2.46 -52.36
N ARG C 276 -44.52 -2.19 -51.62
CA ARG C 276 -45.72 -1.42 -52.07
C ARG C 276 -45.38 0.08 -52.03
N ILE D 19 -9.08 -36.72 -49.22
CA ILE D 19 -8.97 -36.54 -47.72
C ILE D 19 -7.52 -36.73 -47.27
N THR D 20 -6.64 -35.75 -47.55
CA THR D 20 -5.17 -35.78 -47.25
C THR D 20 -4.83 -34.94 -46.01
N GLN D 21 -3.93 -35.45 -45.17
CA GLN D 21 -3.51 -34.90 -43.84
C GLN D 21 -2.13 -34.21 -43.94
N ILE D 22 -2.05 -32.92 -43.61
CA ILE D 22 -0.79 -32.16 -43.36
C ILE D 22 -0.68 -31.83 -41.86
N GLU D 23 0.47 -32.05 -41.24
CA GLU D 23 0.71 -31.57 -39.85
C GLU D 23 2.04 -30.82 -39.78
N ALA D 24 2.07 -29.81 -38.92
CA ALA D 24 3.24 -28.93 -38.74
C ALA D 24 3.17 -28.32 -37.34
N PHE D 25 4.32 -28.14 -36.71
CA PHE D 25 4.55 -27.29 -35.52
C PHE D 25 5.18 -25.99 -36.00
N LEU D 26 4.64 -24.84 -35.64
CA LEU D 26 5.30 -23.52 -35.84
C LEU D 26 5.86 -23.01 -34.51
N ASN D 27 7.17 -22.77 -34.43
CA ASN D 27 7.83 -22.23 -33.23
C ASN D 27 7.45 -20.75 -33.10
N PRO D 28 7.27 -20.25 -31.85
CA PRO D 28 7.04 -18.83 -31.64
C PRO D 28 8.28 -18.01 -32.03
N ARG D 29 8.03 -16.79 -32.48
CA ARG D 29 9.03 -15.74 -32.83
C ARG D 29 8.81 -14.53 -31.92
N MET D 30 9.33 -14.63 -30.69
CA MET D 30 9.03 -13.69 -29.57
C MET D 30 10.11 -12.59 -29.49
N GLY D 31 11.13 -12.67 -30.35
CA GLY D 31 12.23 -11.70 -30.44
C GLY D 31 13.55 -12.41 -30.40
N VAL D 32 13.71 -13.36 -29.48
CA VAL D 32 14.84 -14.32 -29.55
C VAL D 32 14.33 -15.46 -30.43
N ASN D 33 14.59 -15.30 -31.73
CA ASN D 33 14.01 -16.10 -32.84
C ASN D 33 14.99 -17.20 -33.22
N ASP D 34 16.07 -17.31 -32.44
CA ASP D 34 17.30 -18.07 -32.72
C ASP D 34 17.35 -19.23 -31.72
N GLU D 35 17.29 -20.47 -32.21
CA GLU D 35 17.12 -21.69 -31.39
C GLU D 35 18.41 -22.03 -30.63
N THR D 36 19.52 -21.36 -30.94
CA THR D 36 20.85 -21.51 -30.29
C THR D 36 20.91 -20.63 -29.04
N ASN D 37 20.06 -19.60 -28.98
CA ASN D 37 20.06 -18.58 -27.91
C ASN D 37 19.36 -19.12 -26.66
N THR D 38 19.94 -18.90 -25.48
CA THR D 38 19.51 -19.50 -24.19
C THR D 38 18.09 -18.97 -23.83
N TRP D 39 17.62 -17.90 -24.46
CA TRP D 39 16.29 -17.30 -24.25
C TRP D 39 15.35 -17.57 -25.45
N TYR D 40 15.60 -18.62 -26.22
CA TYR D 40 14.71 -19.03 -27.35
C TYR D 40 13.27 -19.18 -26.81
N GLY D 41 12.29 -18.51 -27.43
CA GLY D 41 10.86 -18.61 -27.05
C GLY D 41 10.40 -17.46 -26.17
N PHE D 42 11.31 -16.52 -25.94
CA PHE D 42 11.11 -15.30 -25.15
C PHE D 42 11.63 -14.12 -25.98
N SER D 43 11.26 -12.90 -25.62
CA SER D 43 11.95 -11.67 -26.08
C SER D 43 13.23 -11.44 -25.28
N GLU D 44 14.09 -10.54 -25.76
CA GLU D 44 15.11 -9.91 -24.90
C GLU D 44 14.35 -9.03 -23.90
N GLN D 45 15.03 -8.55 -22.85
CA GLN D 45 14.40 -7.67 -21.84
C GLN D 45 13.81 -6.46 -22.57
N VAL D 46 12.54 -6.16 -22.31
CA VAL D 46 11.81 -5.04 -22.97
C VAL D 46 12.25 -3.69 -22.41
N THR D 47 12.66 -2.79 -23.31
CA THR D 47 13.03 -1.38 -23.01
C THR D 47 11.85 -0.52 -23.43
N VAL D 48 11.73 0.63 -22.77
CA VAL D 48 10.59 1.54 -22.89
C VAL D 48 11.14 2.91 -23.29
N ALA D 49 10.48 3.52 -24.26
CA ALA D 49 10.84 4.86 -24.80
C ALA D 49 10.81 5.89 -23.67
N THR D 50 11.74 6.85 -23.72
CA THR D 50 11.77 8.00 -22.77
C THR D 50 11.12 9.21 -23.45
N ALA D 51 10.71 9.04 -24.71
CA ALA D 51 10.02 10.10 -25.47
C ALA D 51 9.32 9.49 -26.67
N ARG D 52 8.20 10.09 -27.06
CA ARG D 52 7.41 9.66 -28.22
C ARG D 52 8.33 9.60 -29.45
N GLU D 53 9.31 10.52 -29.57
CA GLU D 53 10.11 10.77 -30.79
C GLU D 53 11.40 9.95 -30.82
N THR D 54 11.79 9.32 -29.71
CA THR D 54 13.04 8.50 -29.64
C THR D 54 12.68 7.04 -29.36
N ASP D 55 11.45 6.66 -29.70
CA ASP D 55 10.82 5.34 -29.47
C ASP D 55 11.37 4.36 -30.48
N ARG D 56 12.40 3.59 -30.11
CA ARG D 56 13.19 2.75 -31.04
C ARG D 56 13.33 1.36 -30.45
N PRO D 57 12.37 0.45 -30.74
CA PRO D 57 12.45 -0.92 -30.22
C PRO D 57 13.44 -1.78 -30.98
N PRO D 58 14.48 -2.28 -30.29
CA PRO D 58 15.37 -3.28 -30.86
C PRO D 58 14.49 -4.47 -31.29
N LYS D 59 14.89 -5.15 -32.35
CA LYS D 59 14.04 -6.16 -33.03
C LYS D 59 13.81 -7.38 -32.11
N GLU D 60 14.74 -7.67 -31.20
CA GLU D 60 14.70 -8.83 -30.29
C GLU D 60 13.71 -8.61 -29.15
N GLN D 61 13.05 -7.46 -29.07
CA GLN D 61 12.21 -7.05 -27.91
C GLN D 61 10.72 -6.99 -28.29
N MET D 62 10.38 -7.48 -29.49
CA MET D 62 8.99 -7.51 -29.98
C MET D 62 8.70 -8.91 -30.49
N PRO D 63 7.44 -9.37 -30.32
CA PRO D 63 6.98 -10.62 -30.91
C PRO D 63 6.51 -10.42 -32.37
N TYR D 64 6.61 -11.50 -33.14
CA TYR D 64 6.34 -11.48 -34.61
C TYR D 64 5.31 -12.56 -34.92
N TYR D 65 4.62 -12.43 -36.04
CA TYR D 65 3.89 -13.55 -36.66
C TYR D 65 4.88 -14.64 -37.05
N SER D 66 4.52 -15.88 -36.72
CA SER D 66 5.12 -17.12 -37.27
C SER D 66 4.34 -17.45 -38.55
N CYS D 67 5.04 -17.94 -39.59
CA CYS D 67 4.38 -18.40 -40.83
C CYS D 67 5.25 -19.49 -41.47
N ALA D 68 4.60 -20.42 -42.18
CA ALA D 68 5.25 -21.45 -43.01
C ALA D 68 4.35 -21.76 -44.21
N ARG D 69 4.99 -22.17 -45.29
CA ARG D 69 4.35 -22.71 -46.51
C ARG D 69 4.67 -24.19 -46.55
N ILE D 70 3.65 -25.05 -46.49
CA ILE D 70 3.88 -26.52 -46.60
C ILE D 70 3.73 -26.85 -48.08
N PRO D 71 4.78 -27.42 -48.74
CA PRO D 71 4.65 -27.88 -50.12
C PRO D 71 3.71 -29.09 -50.20
N LEU D 72 2.80 -29.07 -51.18
CA LEU D 72 1.82 -30.16 -51.42
C LEU D 72 2.15 -30.89 -52.72
N PRO D 73 1.74 -32.17 -52.90
CA PRO D 73 1.91 -32.87 -54.19
C PRO D 73 1.40 -32.03 -55.37
N LEU D 74 2.16 -31.97 -56.46
CA LEU D 74 1.75 -31.36 -57.75
C LEU D 74 0.53 -32.14 -58.26
N LEU D 75 -0.51 -31.44 -58.74
CA LEU D 75 -1.80 -32.07 -59.12
C LEU D 75 -2.04 -32.02 -60.64
N ASN D 76 -1.52 -31.01 -61.35
CA ASN D 76 -1.79 -30.81 -62.80
C ASN D 76 -0.49 -30.88 -63.60
N GLU D 77 -0.47 -31.67 -64.68
CA GLU D 77 0.68 -31.80 -65.63
C GLU D 77 0.77 -30.52 -66.49
N ASP D 78 -0.37 -29.98 -66.90
CA ASP D 78 -0.44 -28.86 -67.87
C ASP D 78 -1.33 -27.76 -67.28
N MET D 79 -0.74 -26.62 -66.90
CA MET D 79 -1.43 -25.48 -66.23
C MET D 79 -2.19 -24.63 -67.26
N THR D 80 -2.13 -24.98 -68.56
CA THR D 80 -2.86 -24.34 -69.69
C THR D 80 -4.34 -24.74 -69.69
N CYS D 81 -4.68 -25.95 -69.22
CA CYS D 81 -6.05 -26.56 -69.19
C CYS D 81 -7.07 -25.61 -68.55
N ASN D 82 -8.28 -25.52 -69.11
CA ASN D 82 -9.37 -24.64 -68.60
C ASN D 82 -10.02 -25.29 -67.36
N THR D 83 -9.77 -26.57 -67.07
CA THR D 83 -10.21 -27.23 -65.80
C THR D 83 -9.02 -27.93 -65.14
N LEU D 84 -8.79 -27.62 -63.86
CA LEU D 84 -7.63 -28.12 -63.07
C LEU D 84 -8.05 -28.49 -61.64
N LEU D 85 -7.19 -29.28 -60.98
CA LEU D 85 -7.31 -29.70 -59.57
C LEU D 85 -6.50 -28.76 -58.68
N MET D 86 -7.09 -28.28 -57.59
CA MET D 86 -6.37 -27.58 -56.49
C MET D 86 -6.66 -28.31 -55.17
N TRP D 87 -5.65 -28.41 -54.32
CA TRP D 87 -5.81 -28.81 -52.91
C TRP D 87 -6.75 -27.85 -52.17
N GLU D 88 -7.76 -28.38 -51.50
CA GLU D 88 -8.76 -27.56 -50.78
C GLU D 88 -8.65 -27.90 -49.30
N ALA D 89 -8.46 -26.87 -48.45
CA ALA D 89 -8.36 -27.03 -46.99
C ALA D 89 -9.78 -27.07 -46.43
N VAL D 90 -10.23 -28.24 -45.93
CA VAL D 90 -11.64 -28.37 -45.49
C VAL D 90 -11.75 -28.16 -43.98
N SER D 91 -10.68 -28.43 -43.24
CA SER D 91 -10.74 -28.41 -41.75
C SER D 91 -9.33 -28.39 -41.17
N VAL D 92 -9.23 -27.97 -39.90
CA VAL D 92 -7.94 -27.96 -39.17
C VAL D 92 -8.15 -28.33 -37.71
N LYS D 93 -7.27 -29.15 -37.17
CA LYS D 93 -7.09 -29.28 -35.72
C LYS D 93 -5.86 -28.47 -35.36
N THR D 94 -6.00 -27.56 -34.41
CA THR D 94 -4.88 -26.70 -33.98
C THR D 94 -4.81 -26.70 -32.45
N GLU D 95 -3.61 -26.51 -31.92
CA GLU D 95 -3.35 -26.65 -30.48
C GLU D 95 -2.18 -25.75 -30.12
N VAL D 96 -2.30 -24.96 -29.07
CA VAL D 96 -1.11 -24.29 -28.48
C VAL D 96 -0.52 -25.24 -27.44
N ILE D 97 0.74 -25.63 -27.59
CA ILE D 97 1.38 -26.60 -26.66
C ILE D 97 2.21 -25.84 -25.62
N GLY D 98 2.29 -26.36 -24.41
CA GLY D 98 3.27 -25.88 -23.41
C GLY D 98 2.68 -25.03 -22.31
N SER D 99 1.36 -24.97 -22.15
CA SER D 99 0.74 -24.27 -20.98
C SER D 99 1.29 -24.85 -19.66
N ASN D 100 1.54 -26.17 -19.65
CA ASN D 100 2.12 -26.93 -18.51
C ASN D 100 3.45 -26.31 -18.06
N THR D 101 4.22 -25.71 -18.98
CA THR D 101 5.53 -25.09 -18.64
C THR D 101 5.35 -23.92 -17.66
N LEU D 102 4.18 -23.26 -17.66
CA LEU D 102 3.99 -22.04 -16.85
C LEU D 102 3.69 -22.43 -15.40
N MET D 103 3.56 -23.73 -15.12
CA MET D 103 3.38 -24.29 -13.77
C MET D 103 4.72 -24.44 -13.06
N ASN D 104 5.81 -24.08 -13.74
CA ASN D 104 7.16 -23.98 -13.16
C ASN D 104 7.23 -22.64 -12.40
N VAL D 105 7.27 -22.71 -11.06
CA VAL D 105 7.38 -21.50 -10.20
C VAL D 105 8.59 -21.68 -9.29
N HIS D 106 9.59 -22.48 -9.74
CA HIS D 106 10.87 -22.66 -9.04
C HIS D 106 12.04 -22.04 -9.82
N ASP D 107 11.83 -21.63 -11.06
CA ASP D 107 12.90 -20.94 -11.80
C ASP D 107 13.31 -19.67 -11.04
N TYR D 108 14.38 -19.05 -11.49
CA TYR D 108 14.93 -17.80 -10.94
C TYR D 108 14.02 -16.66 -11.41
N MET D 109 13.08 -16.33 -10.53
CA MET D 109 11.87 -15.52 -10.80
C MET D 109 11.62 -14.65 -9.57
N THR D 110 10.94 -13.52 -9.76
CA THR D 110 10.48 -12.66 -8.64
C THR D 110 9.75 -13.54 -7.63
N ARG D 111 9.88 -13.27 -6.34
CA ARG D 111 9.03 -13.95 -5.33
C ARG D 111 8.64 -12.97 -4.24
N THR D 112 7.56 -13.28 -3.54
CA THR D 112 7.11 -12.54 -2.34
C THR D 112 7.48 -13.38 -1.11
N ASP D 113 8.42 -12.88 -0.31
CA ASP D 113 8.86 -13.55 0.93
C ASP D 113 9.32 -14.95 0.52
N ASN D 114 8.88 -16.02 1.20
CA ASN D 114 9.26 -17.41 0.84
C ASN D 114 8.24 -18.05 -0.11
N GLY D 115 7.43 -17.24 -0.77
CA GLY D 115 6.41 -17.69 -1.73
C GLY D 115 7.02 -18.22 -3.02
N VAL D 116 6.17 -18.72 -3.92
CA VAL D 116 6.61 -19.31 -5.21
C VAL D 116 7.07 -18.20 -6.15
N GLY D 117 7.88 -18.56 -7.14
CA GLY D 117 8.22 -17.67 -8.25
C GLY D 117 6.96 -17.16 -8.93
N HIS D 118 6.90 -15.85 -9.21
CA HIS D 118 5.76 -15.23 -9.93
C HIS D 118 5.74 -15.73 -11.37
N PRO D 119 4.68 -16.46 -11.78
CA PRO D 119 4.61 -17.02 -13.12
C PRO D 119 4.30 -15.96 -14.17
N VAL D 120 4.39 -16.36 -15.43
CA VAL D 120 4.11 -15.50 -16.62
C VAL D 120 2.67 -14.96 -16.52
N VAL D 121 2.53 -13.64 -16.61
CA VAL D 121 1.22 -12.94 -16.59
C VAL D 121 1.30 -11.73 -17.52
N GLY D 122 0.15 -11.18 -17.88
CA GLY D 122 0.04 -9.98 -18.71
C GLY D 122 -0.82 -10.20 -19.95
N SER D 123 -0.50 -9.47 -21.02
CA SER D 123 -1.31 -9.39 -22.24
C SER D 123 -1.11 -10.66 -23.05
N THR D 124 -2.20 -11.23 -23.55
CA THR D 124 -2.16 -12.46 -24.38
C THR D 124 -2.63 -12.10 -25.78
N TYR D 125 -2.00 -12.70 -26.78
CA TYR D 125 -2.41 -12.56 -28.19
C TYR D 125 -2.28 -13.91 -28.88
N HIS D 126 -3.43 -14.45 -29.32
CA HIS D 126 -3.58 -15.76 -29.98
C HIS D 126 -4.19 -15.55 -31.36
N MET D 127 -3.58 -16.10 -32.38
CA MET D 127 -4.18 -16.07 -33.72
C MET D 127 -3.59 -17.24 -34.48
N PHE D 128 -4.41 -17.85 -35.31
CA PHE D 128 -3.96 -18.82 -36.33
C PHE D 128 -4.76 -18.56 -37.60
N ALA D 129 -4.15 -18.96 -38.71
CA ALA D 129 -4.71 -18.79 -40.06
C ALA D 129 -4.25 -19.96 -40.92
N VAL D 130 -5.20 -20.45 -41.73
CA VAL D 130 -4.95 -21.49 -42.77
C VAL D 130 -5.49 -20.91 -44.08
N GLY D 131 -4.65 -20.90 -45.12
CA GLY D 131 -4.96 -20.19 -46.37
C GLY D 131 -4.30 -20.84 -47.56
N GLY D 132 -4.82 -20.50 -48.75
CA GLY D 132 -4.30 -20.98 -50.05
C GLY D 132 -3.28 -20.04 -50.64
N GLU D 133 -2.98 -18.96 -49.91
CA GLU D 133 -1.90 -18.01 -50.26
C GLU D 133 -1.46 -17.33 -48.97
N PRO D 134 -0.46 -16.43 -48.99
CA PRO D 134 -0.05 -15.74 -47.76
C PRO D 134 -1.22 -14.92 -47.19
N LEU D 135 -1.28 -14.88 -45.85
CA LEU D 135 -2.27 -14.06 -45.09
C LEU D 135 -2.13 -12.59 -45.49
N ASP D 136 -3.25 -11.92 -45.73
CA ASP D 136 -3.28 -10.47 -46.03
C ASP D 136 -3.23 -9.71 -44.70
N LEU D 137 -2.28 -8.76 -44.59
CA LEU D 137 -2.07 -7.91 -43.38
C LEU D 137 -2.51 -6.48 -43.67
N GLN D 138 -3.09 -5.82 -42.67
CA GLN D 138 -3.45 -4.39 -42.69
C GLN D 138 -2.62 -3.66 -41.62
N GLY D 139 -1.88 -2.63 -42.03
CA GLY D 139 -0.97 -1.88 -41.16
C GLY D 139 -1.77 -1.03 -40.23
N ILE D 140 -1.35 -1.00 -38.95
CA ILE D 140 -1.99 -0.18 -37.89
C ILE D 140 -1.04 -0.18 -36.66
N GLN D 141 -0.85 0.99 -36.04
CA GLN D 141 0.14 1.23 -34.96
C GLN D 141 -0.52 2.02 -33.83
N GLN D 142 -0.03 1.78 -32.61
CA GLN D 142 -0.36 2.56 -31.39
C GLN D 142 0.24 3.97 -31.52
N SER D 143 1.40 4.10 -32.16
CA SER D 143 2.16 5.36 -32.35
C SER D 143 2.73 5.45 -33.75
N HIS D 144 2.31 6.50 -34.48
CA HIS D 144 2.83 6.79 -35.84
C HIS D 144 4.31 7.14 -35.77
N LEU D 145 4.81 7.52 -34.60
CA LEU D 145 6.20 8.07 -34.45
C LEU D 145 7.24 7.00 -34.13
N VAL D 146 6.90 5.71 -34.01
CA VAL D 146 7.92 4.68 -33.66
C VAL D 146 8.92 4.58 -34.83
N GLN D 147 10.21 4.51 -34.52
CA GLN D 147 11.33 4.26 -35.48
C GLN D 147 11.72 2.78 -35.44
N TYR D 148 11.20 1.98 -36.37
CA TYR D 148 11.39 0.51 -36.40
C TYR D 148 12.80 0.22 -36.90
N PRO D 149 13.48 -0.80 -36.34
CA PRO D 149 14.85 -1.12 -36.76
C PRO D 149 14.96 -1.72 -38.17
N GLU D 150 16.19 -2.00 -38.57
CA GLU D 150 16.54 -2.54 -39.92
C GLU D 150 16.11 -4.00 -40.02
N GLY D 151 15.50 -4.35 -41.15
CA GLY D 151 15.25 -5.74 -41.58
C GLY D 151 13.91 -6.26 -41.09
N LEU D 152 13.07 -5.40 -40.50
CA LEU D 152 11.65 -5.73 -40.19
C LEU D 152 10.78 -5.18 -41.32
N ILE D 153 9.67 -5.85 -41.60
CA ILE D 153 8.65 -5.35 -42.54
C ILE D 153 7.56 -4.75 -41.68
N VAL D 154 7.33 -3.46 -41.87
CA VAL D 154 6.46 -2.62 -41.02
C VAL D 154 5.72 -1.75 -42.01
N PRO D 155 4.64 -1.05 -41.61
CA PRO D 155 3.89 -0.24 -42.57
C PRO D 155 4.80 0.62 -43.47
N LYS D 156 5.79 1.32 -42.91
CA LYS D 156 6.64 2.26 -43.70
C LYS D 156 7.28 1.50 -44.88
N SER D 157 7.40 0.18 -44.81
CA SER D 157 7.97 -0.67 -45.88
C SER D 157 7.09 -0.66 -47.14
N VAL D 158 5.84 -0.22 -47.06
CA VAL D 158 4.82 -0.38 -48.15
C VAL D 158 4.09 0.95 -48.36
N THR D 159 4.12 1.85 -47.39
CA THR D 159 3.44 3.15 -47.54
C THR D 159 4.16 4.22 -46.74
N ASP D 160 3.54 5.39 -46.84
CA ASP D 160 3.85 6.72 -46.27
C ASP D 160 3.25 6.77 -44.86
N VAL D 161 4.06 6.59 -43.79
CA VAL D 161 3.53 6.49 -42.39
C VAL D 161 3.26 7.87 -41.82
N THR D 162 2.00 8.14 -41.49
CA THR D 162 1.50 9.39 -40.87
C THR D 162 0.58 9.02 -39.71
N ALA D 163 -0.06 10.00 -39.07
CA ALA D 163 -1.03 9.78 -37.97
C ALA D 163 -2.21 8.88 -38.42
N LYS D 164 -2.45 8.78 -39.73
CA LYS D 164 -3.47 7.88 -40.34
C LYS D 164 -3.24 6.44 -39.85
N ILE D 165 -1.98 6.04 -39.69
CA ILE D 165 -1.59 4.64 -39.30
C ILE D 165 -2.10 4.27 -37.89
N GLN D 166 -2.56 5.25 -37.10
CA GLN D 166 -3.11 5.05 -35.74
C GLN D 166 -4.60 4.68 -35.83
N CYS D 167 -5.23 4.89 -36.99
CA CYS D 167 -6.55 4.29 -37.31
C CYS D 167 -6.39 3.43 -38.55
N LEU D 168 -7.33 3.50 -39.50
CA LEU D 168 -7.25 2.64 -40.70
C LEU D 168 -6.75 3.48 -41.89
N ASP D 169 -5.53 3.20 -42.36
CA ASP D 169 -4.92 3.74 -43.60
C ASP D 169 -5.00 2.67 -44.69
N PRO D 170 -5.95 2.81 -45.65
CA PRO D 170 -6.14 1.82 -46.71
C PRO D 170 -4.87 1.46 -47.50
N SER D 171 -3.86 2.33 -47.49
CA SER D 171 -2.61 2.11 -48.26
C SER D 171 -1.68 1.12 -47.54
N ALA D 172 -1.86 0.89 -46.23
CA ALA D 172 -0.95 0.05 -45.43
C ALA D 172 -1.33 -1.44 -45.60
N LYS D 173 -0.97 -2.02 -46.75
CA LYS D 173 -1.37 -3.38 -47.19
C LYS D 173 -0.10 -4.21 -47.42
N ALA D 174 -0.06 -5.43 -46.91
CA ALA D 174 1.09 -6.35 -47.03
C ALA D 174 0.61 -7.80 -46.99
N LYS D 175 1.51 -8.73 -47.32
CA LYS D 175 1.30 -10.19 -47.29
C LYS D 175 2.28 -10.76 -46.28
N LEU D 176 1.80 -11.59 -45.37
CA LEU D 176 2.67 -12.23 -44.38
C LEU D 176 3.50 -13.26 -45.12
N ASP D 177 4.68 -12.83 -45.64
CA ASP D 177 5.51 -13.70 -46.51
C ASP D 177 6.88 -13.97 -45.90
N LYS D 178 7.13 -13.57 -44.65
CA LYS D 178 8.43 -13.85 -43.97
C LYS D 178 8.17 -14.21 -42.49
N ASP D 179 8.81 -15.27 -41.99
CA ASP D 179 8.68 -15.76 -40.60
C ASP D 179 9.54 -14.86 -39.72
N GLY D 180 8.99 -14.35 -38.61
CA GLY D 180 9.79 -13.71 -37.55
C GLY D 180 10.27 -12.33 -37.97
N LYS D 181 9.56 -11.64 -38.88
CA LYS D 181 10.01 -10.32 -39.40
C LYS D 181 8.85 -9.34 -39.46
N TYR D 182 7.59 -9.79 -39.40
CA TYR D 182 6.40 -8.89 -39.32
C TYR D 182 5.96 -8.81 -37.86
N PRO D 183 6.15 -7.64 -37.18
CA PRO D 183 5.85 -7.54 -35.77
C PRO D 183 4.32 -7.54 -35.62
N ILE D 184 3.81 -8.20 -34.57
CA ILE D 184 2.35 -8.23 -34.36
C ILE D 184 1.87 -6.82 -34.08
N GLU D 185 2.67 -5.97 -33.42
CA GLU D 185 2.16 -4.62 -33.00
C GLU D 185 1.94 -3.68 -34.20
N THR D 186 2.34 -4.04 -35.42
CA THR D 186 2.07 -3.17 -36.61
C THR D 186 1.05 -3.79 -37.59
N TRP D 187 0.73 -5.08 -37.46
CA TRP D 187 -0.03 -5.82 -38.52
C TRP D 187 -1.21 -6.61 -37.91
N SER D 188 -2.45 -6.26 -38.30
CA SER D 188 -3.70 -7.04 -38.14
C SER D 188 -4.02 -7.84 -39.39
N PRO D 189 -4.58 -9.06 -39.25
CA PRO D 189 -5.25 -9.75 -40.37
C PRO D 189 -6.20 -8.78 -41.07
N ASP D 190 -6.15 -8.70 -42.39
CA ASP D 190 -7.01 -7.75 -43.14
C ASP D 190 -8.36 -8.40 -43.41
N PRO D 191 -9.45 -7.91 -42.77
CA PRO D 191 -10.77 -8.49 -42.96
C PRO D 191 -11.37 -8.11 -44.34
N SER D 192 -10.79 -7.14 -45.05
CA SER D 192 -11.23 -6.63 -46.37
C SER D 192 -10.63 -7.50 -47.48
N ARG D 193 -9.64 -8.34 -47.17
CA ARG D 193 -9.08 -9.33 -48.13
C ARG D 193 -9.23 -10.72 -47.52
N ASN D 194 -8.26 -11.60 -47.70
CA ASN D 194 -8.24 -12.97 -47.10
C ASN D 194 -9.48 -13.76 -47.53
N GLU D 195 -9.88 -13.63 -48.80
CA GLU D 195 -10.96 -14.43 -49.41
C GLU D 195 -10.56 -15.90 -49.36
N ASN D 196 -9.25 -16.19 -49.47
CA ASN D 196 -8.71 -17.56 -49.64
C ASN D 196 -7.95 -18.00 -48.39
N THR D 197 -8.31 -17.41 -47.26
CA THR D 197 -7.74 -17.68 -45.92
C THR D 197 -8.86 -17.62 -44.88
N ARG D 198 -8.80 -18.49 -43.87
CA ARG D 198 -9.57 -18.31 -42.63
C ARG D 198 -8.57 -18.02 -41.52
N TYR D 199 -8.89 -17.03 -40.72
CA TYR D 199 -8.06 -16.62 -39.58
C TYR D 199 -8.98 -16.46 -38.39
N PHE D 200 -8.42 -16.70 -37.21
CA PHE D 200 -9.13 -16.66 -35.92
C PHE D 200 -8.17 -16.07 -34.91
N GLY D 201 -8.64 -15.18 -34.06
CA GLY D 201 -7.76 -14.74 -32.97
C GLY D 201 -8.51 -14.20 -31.79
N ASN D 202 -7.79 -14.06 -30.67
CA ASN D 202 -8.34 -13.36 -29.49
C ASN D 202 -7.18 -12.64 -28.79
N TYR D 203 -7.57 -11.58 -28.10
CA TYR D 203 -6.68 -10.64 -27.42
C TYR D 203 -7.28 -10.39 -26.03
N TYR D 204 -6.42 -10.34 -25.03
CA TYR D 204 -6.78 -10.09 -23.61
C TYR D 204 -5.65 -9.23 -23.05
N GLY D 205 -5.92 -7.97 -22.70
CA GLY D 205 -4.90 -6.99 -22.28
C GLY D 205 -4.55 -7.07 -20.79
N GLY D 206 -4.11 -5.94 -20.24
CA GLY D 206 -3.69 -5.79 -18.84
C GLY D 206 -2.23 -6.09 -18.64
N LEU D 207 -1.67 -5.57 -17.54
CA LEU D 207 -0.24 -5.72 -17.20
C LEU D 207 0.01 -7.08 -16.52
N THR D 208 -0.90 -7.52 -15.65
CA THR D 208 -0.68 -8.73 -14.80
C THR D 208 -1.82 -9.75 -14.92
N THR D 209 -2.65 -9.68 -15.96
CA THR D 209 -3.77 -10.61 -16.25
C THR D 209 -3.24 -12.05 -16.25
N PRO D 210 -3.91 -12.98 -15.55
CA PRO D 210 -3.55 -14.39 -15.66
C PRO D 210 -3.77 -14.91 -17.07
N PRO D 211 -2.84 -15.70 -17.65
CA PRO D 211 -3.08 -16.35 -18.92
C PRO D 211 -4.07 -17.52 -18.74
N VAL D 212 -4.78 -17.83 -19.82
CA VAL D 212 -5.80 -18.92 -19.89
C VAL D 212 -5.54 -19.70 -21.16
N LEU D 213 -5.64 -21.02 -21.10
CA LEU D 213 -5.48 -21.85 -22.29
C LEU D 213 -6.27 -23.14 -22.11
N THR D 214 -6.95 -23.55 -23.17
CA THR D 214 -7.57 -24.89 -23.25
C THR D 214 -6.82 -25.69 -24.32
N PHE D 215 -6.69 -26.99 -24.11
CA PHE D 215 -6.01 -27.90 -25.07
C PHE D 215 -6.79 -29.20 -25.13
N THR D 216 -6.85 -29.76 -26.32
CA THR D 216 -7.54 -31.04 -26.59
C THR D 216 -7.15 -31.49 -28.00
N ASN D 217 -7.28 -32.78 -28.25
CA ASN D 217 -7.08 -33.33 -29.61
C ASN D 217 -8.46 -33.63 -30.22
N THR D 218 -9.58 -33.15 -29.64
CA THR D 218 -10.92 -33.61 -30.04
C THR D 218 -11.68 -32.56 -30.85
N VAL D 219 -11.10 -31.38 -31.12
CA VAL D 219 -11.83 -30.24 -31.70
C VAL D 219 -11.31 -29.99 -33.10
N THR D 220 -12.20 -30.01 -34.10
CA THR D 220 -11.93 -29.70 -35.53
C THR D 220 -12.61 -28.38 -35.88
N THR D 221 -11.88 -27.47 -36.49
CA THR D 221 -12.45 -26.22 -37.04
C THR D 221 -12.71 -26.45 -38.54
N ILE D 222 -13.94 -26.25 -38.96
CA ILE D 222 -14.34 -26.29 -40.40
C ILE D 222 -13.84 -25.01 -41.09
N LEU D 223 -13.18 -25.16 -42.25
CA LEU D 223 -12.58 -24.03 -43.01
C LEU D 223 -13.42 -23.71 -44.24
N LEU D 224 -14.49 -24.46 -44.53
CA LEU D 224 -15.36 -24.16 -45.69
C LEU D 224 -16.02 -22.80 -45.45
N ASP D 225 -16.10 -21.93 -46.47
CA ASP D 225 -16.83 -20.64 -46.38
C ASP D 225 -18.32 -20.90 -46.53
N GLU D 226 -19.12 -19.84 -46.65
CA GLU D 226 -20.59 -19.91 -46.75
C GLU D 226 -21.03 -20.75 -47.97
N ASN D 227 -20.24 -20.76 -49.04
CA ASN D 227 -20.57 -21.48 -50.31
C ASN D 227 -19.96 -22.88 -50.30
N GLY D 228 -19.42 -23.33 -49.17
CA GLY D 228 -18.95 -24.73 -49.04
C GLY D 228 -17.55 -24.93 -49.59
N VAL D 229 -16.79 -23.84 -49.79
CA VAL D 229 -15.42 -23.88 -50.36
C VAL D 229 -14.39 -23.50 -49.29
N GLY D 230 -13.38 -24.34 -49.15
CA GLY D 230 -12.22 -24.12 -48.27
C GLY D 230 -11.14 -23.33 -48.98
N PRO D 231 -10.09 -22.90 -48.26
CA PRO D 231 -8.91 -22.34 -48.92
C PRO D 231 -8.39 -23.30 -50.00
N LEU D 232 -8.09 -22.73 -51.17
CA LEU D 232 -7.58 -23.43 -52.37
C LEU D 232 -6.12 -23.05 -52.57
N CYS D 233 -5.24 -24.03 -52.56
CA CYS D 233 -3.78 -23.85 -52.38
C CYS D 233 -3.12 -23.51 -53.72
N LYS D 234 -2.98 -22.21 -53.96
CA LYS D 234 -2.24 -21.62 -55.11
C LYS D 234 -0.78 -22.06 -55.04
N GLY D 235 -0.25 -22.46 -56.19
CA GLY D 235 1.11 -23.01 -56.35
C GLY D 235 1.32 -24.27 -55.53
N ASP D 236 0.26 -25.04 -55.23
CA ASP D 236 0.34 -26.29 -54.42
C ASP D 236 1.13 -26.02 -53.13
N GLY D 237 0.82 -24.89 -52.49
CA GLY D 237 1.36 -24.52 -51.16
C GLY D 237 0.25 -24.28 -50.15
N LEU D 238 0.38 -24.86 -48.95
CA LEU D 238 -0.50 -24.55 -47.81
C LEU D 238 0.17 -23.54 -46.87
N PHE D 239 -0.52 -22.45 -46.56
CA PHE D 239 0.02 -21.29 -45.80
C PHE D 239 -0.53 -21.31 -44.36
N LEU D 240 0.35 -21.60 -43.41
CA LEU D 240 0.03 -21.57 -41.95
C LEU D 240 0.67 -20.32 -41.33
N SER D 241 -0.12 -19.57 -40.56
CA SER D 241 0.29 -18.33 -39.85
C SER D 241 -0.17 -18.45 -38.40
N CYS D 242 0.56 -17.86 -37.46
CA CYS D 242 0.09 -17.79 -36.06
C CYS D 242 0.95 -16.84 -35.25
N CYS D 243 0.39 -16.46 -34.10
CA CYS D 243 1.12 -15.88 -32.96
C CYS D 243 0.46 -16.30 -31.63
N ASP D 244 1.25 -16.70 -30.63
CA ASP D 244 0.74 -17.14 -29.30
C ASP D 244 1.62 -16.56 -28.19
N VAL D 245 1.37 -15.30 -27.86
CA VAL D 245 2.00 -14.58 -26.71
C VAL D 245 1.21 -14.95 -25.46
N MET D 246 1.89 -15.46 -24.42
CA MET D 246 1.26 -15.91 -23.15
C MET D 246 1.33 -14.78 -22.10
N GLY D 247 2.13 -13.73 -22.33
CA GLY D 247 2.36 -12.64 -21.37
C GLY D 247 3.85 -12.37 -21.22
N TRP D 248 4.23 -11.83 -20.08
CA TRP D 248 5.62 -11.48 -19.72
C TRP D 248 6.13 -12.38 -18.59
N PHE D 249 7.37 -12.82 -18.76
CA PHE D 249 8.24 -13.48 -17.76
C PHE D 249 9.06 -12.37 -17.06
N THR D 250 9.33 -12.53 -15.78
CA THR D 250 10.24 -11.62 -15.00
C THR D 250 11.27 -12.49 -14.27
N ALA D 251 12.53 -12.44 -14.72
CA ALA D 251 13.64 -13.15 -14.08
C ALA D 251 13.89 -12.50 -12.71
N GLY D 252 14.40 -13.29 -11.78
CA GLY D 252 14.70 -12.89 -10.39
C GLY D 252 15.84 -11.90 -10.30
N SER D 253 16.51 -11.58 -11.40
CA SER D 253 17.65 -10.63 -11.46
C SER D 253 17.14 -9.18 -11.39
N GLY D 254 15.86 -8.95 -11.55
CA GLY D 254 15.37 -7.57 -11.62
C GLY D 254 13.89 -7.49 -11.92
N THR D 255 13.47 -6.34 -12.44
CA THR D 255 12.06 -6.03 -12.76
C THR D 255 11.88 -5.98 -14.28
N HIS D 256 12.95 -6.19 -15.05
CA HIS D 256 12.94 -6.32 -16.53
C HIS D 256 12.11 -7.54 -16.92
N GLN D 257 11.26 -7.38 -17.94
CA GLN D 257 10.33 -8.42 -18.42
C GLN D 257 10.72 -8.92 -19.81
N ARG D 258 10.31 -10.14 -20.12
CA ARG D 258 10.44 -10.73 -21.47
C ARG D 258 9.07 -11.27 -21.91
N PHE D 259 8.65 -10.99 -23.14
CA PHE D 259 7.52 -11.72 -23.77
C PHE D 259 7.81 -13.21 -23.69
N ARG D 260 6.77 -14.01 -23.49
CA ARG D 260 6.88 -15.50 -23.53
C ARG D 260 5.81 -15.99 -24.50
N GLY D 261 6.22 -16.78 -25.49
CA GLY D 261 5.30 -17.40 -26.44
C GLY D 261 5.45 -18.91 -26.41
N LEU D 262 4.52 -19.58 -27.09
CA LEU D 262 4.43 -21.06 -27.10
C LEU D 262 4.24 -21.51 -28.54
N PRO D 263 4.68 -22.73 -28.87
CA PRO D 263 4.50 -23.27 -30.21
C PRO D 263 3.05 -23.64 -30.48
N ARG D 264 2.69 -23.71 -31.77
CA ARG D 264 1.34 -24.09 -32.21
C ARG D 264 1.41 -25.26 -33.20
N TYR D 265 0.58 -26.27 -32.95
CA TYR D 265 0.38 -27.44 -33.85
C TYR D 265 -0.76 -27.14 -34.82
N PHE D 266 -0.58 -27.57 -36.06
CA PHE D 266 -1.62 -27.57 -37.12
C PHE D 266 -1.72 -28.98 -37.71
N ASN D 267 -2.94 -29.49 -37.87
CA ASN D 267 -3.28 -30.72 -38.61
C ASN D 267 -4.41 -30.36 -39.58
N VAL D 268 -4.07 -30.13 -40.86
CA VAL D 268 -5.02 -29.68 -41.89
C VAL D 268 -5.41 -30.90 -42.74
N GLN D 269 -6.72 -31.08 -42.92
CA GLN D 269 -7.35 -32.09 -43.83
C GLN D 269 -7.60 -31.42 -45.19
N LEU D 270 -7.12 -32.02 -46.29
CA LEU D 270 -7.24 -31.42 -47.64
C LEU D 270 -7.99 -32.40 -48.55
N ARG D 271 -8.73 -31.89 -49.53
CA ARG D 271 -9.31 -32.72 -50.61
C ARG D 271 -8.90 -32.11 -51.96
N LYS D 272 -9.09 -32.84 -53.06
CA LYS D 272 -8.92 -32.32 -54.44
C LYS D 272 -10.23 -31.64 -54.88
N ARG D 273 -10.16 -30.40 -55.34
CA ARG D 273 -11.31 -29.63 -55.89
C ARG D 273 -10.98 -29.22 -57.33
N ALA D 274 -11.88 -29.49 -58.27
CA ALA D 274 -11.76 -29.10 -59.68
C ALA D 274 -12.15 -27.62 -59.79
N VAL D 275 -11.38 -26.84 -60.54
CA VAL D 275 -11.63 -25.38 -60.72
C VAL D 275 -11.58 -25.02 -62.20
N ARG D 276 -12.32 -23.97 -62.59
CA ARG D 276 -12.40 -23.47 -63.99
C ARG D 276 -11.29 -22.43 -64.16
N ASN D 277 -10.27 -22.71 -64.99
CA ASN D 277 -9.19 -21.76 -65.40
C ASN D 277 -9.53 -21.18 -66.78
N SER E 18 -24.41 -54.83 -24.97
CA SER E 18 -23.56 -53.88 -25.76
C SER E 18 -22.45 -53.26 -24.89
N ILE E 19 -22.78 -52.54 -23.80
CA ILE E 19 -21.81 -51.65 -23.08
C ILE E 19 -21.28 -52.30 -21.79
N THR E 20 -19.95 -52.28 -21.60
CA THR E 20 -19.23 -52.60 -20.34
C THR E 20 -18.78 -51.29 -19.67
N GLN E 21 -19.03 -51.17 -18.36
CA GLN E 21 -18.65 -50.01 -17.51
C GLN E 21 -17.36 -50.35 -16.74
N ILE E 22 -16.41 -49.43 -16.75
CA ILE E 22 -15.15 -49.45 -15.97
C ILE E 22 -15.15 -48.17 -15.11
N GLU E 23 -14.79 -48.26 -13.83
CA GLU E 23 -14.68 -47.06 -12.98
C GLU E 23 -13.35 -47.12 -12.23
N ALA E 24 -12.76 -45.96 -11.94
CA ALA E 24 -11.49 -45.84 -11.22
C ALA E 24 -11.37 -44.43 -10.64
N PHE E 25 -10.70 -44.30 -9.50
CA PHE E 25 -10.23 -43.01 -8.95
C PHE E 25 -8.71 -42.97 -9.15
N LEU E 26 -8.14 -41.84 -9.59
CA LEU E 26 -6.67 -41.66 -9.64
C LEU E 26 -6.35 -40.60 -8.60
N ASN E 27 -5.46 -40.89 -7.66
CA ASN E 27 -5.03 -39.89 -6.65
C ASN E 27 -4.05 -38.93 -7.29
N PRO E 28 -4.03 -37.67 -6.80
CA PRO E 28 -3.06 -36.69 -7.27
C PRO E 28 -1.62 -37.00 -6.81
N ARG E 29 -0.66 -36.60 -7.64
CA ARG E 29 0.80 -36.76 -7.46
C ARG E 29 1.39 -35.34 -7.46
N MET E 30 1.24 -34.66 -6.33
CA MET E 30 1.60 -33.22 -6.16
C MET E 30 3.04 -33.08 -5.69
N GLY E 31 3.74 -34.22 -5.48
CA GLY E 31 5.16 -34.28 -5.06
C GLY E 31 5.31 -35.06 -3.77
N VAL E 32 4.45 -34.85 -2.79
CA VAL E 32 4.26 -35.83 -1.68
C VAL E 32 3.32 -36.92 -2.21
N ASN E 33 3.92 -37.97 -2.75
CA ASN E 33 3.25 -39.07 -3.50
C ASN E 33 3.04 -40.29 -2.60
N ASP E 34 3.45 -40.20 -1.33
CA ASP E 34 3.37 -41.26 -0.29
C ASP E 34 2.13 -41.06 0.58
N GLU E 35 1.16 -41.97 0.46
CA GLU E 35 -0.13 -41.94 1.20
C GLU E 35 0.06 -42.03 2.72
N THR E 36 1.26 -42.33 3.24
CA THR E 36 1.51 -42.36 4.71
C THR E 36 2.12 -41.04 5.15
N ASN E 37 2.57 -40.19 4.22
CA ASN E 37 3.11 -38.85 4.56
C ASN E 37 1.95 -37.89 4.91
N THR E 38 2.09 -37.12 6.00
CA THR E 38 1.08 -36.20 6.58
C THR E 38 0.71 -35.10 5.56
N TRP E 39 1.52 -34.87 4.51
CA TRP E 39 1.24 -33.82 3.47
C TRP E 39 0.82 -34.44 2.13
N TYR E 40 0.33 -35.69 2.16
CA TYR E 40 -0.21 -36.39 0.97
C TYR E 40 -1.25 -35.49 0.30
N GLY E 41 -1.20 -35.38 -1.04
CA GLY E 41 -2.11 -34.58 -1.87
C GLY E 41 -1.62 -33.13 -2.01
N PHE E 42 -0.44 -32.84 -1.47
CA PHE E 42 0.27 -31.54 -1.58
C PHE E 42 1.69 -31.80 -2.04
N SER E 43 2.42 -30.72 -2.43
CA SER E 43 3.89 -30.71 -2.58
C SER E 43 4.54 -30.41 -1.23
N GLU E 44 5.84 -30.62 -1.15
CA GLU E 44 6.69 -30.05 -0.08
C GLU E 44 6.77 -28.54 -0.37
N GLN E 45 7.22 -27.76 0.62
CA GLN E 45 7.39 -26.29 0.51
C GLN E 45 8.23 -26.03 -0.73
N VAL E 46 7.68 -25.24 -1.64
CA VAL E 46 8.35 -24.91 -2.91
C VAL E 46 9.52 -23.96 -2.63
N THR E 47 10.69 -24.35 -3.10
CA THR E 47 11.91 -23.52 -3.09
C THR E 47 12.11 -22.95 -4.49
N VAL E 48 12.83 -21.85 -4.54
CA VAL E 48 13.00 -21.06 -5.77
C VAL E 48 14.49 -20.83 -6.01
N ALA E 49 14.90 -21.00 -7.26
CA ALA E 49 16.33 -20.92 -7.64
C ALA E 49 16.83 -19.48 -7.40
N THR E 50 18.10 -19.34 -7.00
CA THR E 50 18.79 -18.05 -6.79
C THR E 50 19.59 -17.71 -8.03
N ALA E 51 19.59 -18.58 -9.05
CA ALA E 51 20.23 -18.33 -10.36
C ALA E 51 19.66 -19.32 -11.36
N ARG E 52 19.63 -18.92 -12.61
CA ARG E 52 19.13 -19.79 -13.71
C ARG E 52 19.99 -21.08 -13.76
N GLU E 53 21.29 -20.98 -13.46
CA GLU E 53 22.26 -22.08 -13.67
C GLU E 53 22.38 -22.98 -12.44
N THR E 54 21.66 -22.71 -11.35
CA THR E 54 21.69 -23.58 -10.13
C THR E 54 20.25 -23.99 -9.75
N ASP E 55 19.36 -23.94 -10.74
CA ASP E 55 17.91 -24.24 -10.61
C ASP E 55 17.69 -25.75 -10.47
N ARG E 56 17.54 -26.24 -9.25
CA ARG E 56 17.49 -27.67 -8.89
C ARG E 56 16.28 -27.94 -8.01
N PRO E 57 15.11 -28.23 -8.61
CA PRO E 57 13.91 -28.50 -7.82
C PRO E 57 13.94 -29.91 -7.25
N PRO E 58 13.88 -30.07 -5.94
CA PRO E 58 13.65 -31.39 -5.35
C PRO E 58 12.34 -31.98 -5.87
N LYS E 59 12.33 -33.29 -6.02
CA LYS E 59 11.22 -34.00 -6.70
C LYS E 59 9.92 -33.81 -5.93
N GLU E 60 9.97 -33.62 -4.62
CA GLU E 60 8.75 -33.49 -3.78
C GLU E 60 8.14 -32.10 -3.95
N GLN E 61 8.77 -31.20 -4.72
CA GLN E 61 8.31 -29.79 -4.81
C GLN E 61 7.60 -29.52 -6.14
N MET E 62 7.35 -30.56 -6.98
CA MET E 62 6.74 -30.41 -8.32
C MET E 62 5.56 -31.37 -8.44
N PRO E 63 4.50 -30.95 -9.14
CA PRO E 63 3.40 -31.85 -9.44
C PRO E 63 3.70 -32.69 -10.69
N TYR E 64 3.10 -33.87 -10.74
CA TYR E 64 3.29 -34.91 -11.78
C TYR E 64 1.95 -35.28 -12.41
N TYR E 65 2.01 -35.89 -13.57
CA TYR E 65 0.89 -36.67 -14.14
C TYR E 65 0.64 -37.92 -13.29
N SER E 66 -0.64 -38.14 -13.03
CA SER E 66 -1.23 -39.40 -12.55
C SER E 66 -1.54 -40.30 -13.75
N CYS E 67 -1.29 -41.59 -13.64
CA CYS E 67 -1.74 -42.54 -14.69
C CYS E 67 -2.03 -43.91 -14.11
N ALA E 68 -2.88 -44.66 -14.81
CA ALA E 68 -3.30 -46.03 -14.44
C ALA E 68 -3.73 -46.74 -15.72
N ARG E 69 -3.37 -48.02 -15.83
CA ARG E 69 -3.86 -48.95 -16.87
C ARG E 69 -4.90 -49.82 -16.16
N ILE E 70 -6.15 -49.78 -16.64
CA ILE E 70 -7.24 -50.65 -16.12
C ILE E 70 -7.27 -51.87 -17.04
N PRO E 71 -7.12 -53.08 -16.47
CA PRO E 71 -7.19 -54.31 -17.27
C PRO E 71 -8.65 -54.59 -17.69
N LEU E 72 -8.78 -55.13 -18.89
CA LEU E 72 -10.07 -55.43 -19.52
C LEU E 72 -10.12 -56.91 -19.87
N PRO E 73 -11.32 -57.53 -19.89
CA PRO E 73 -11.46 -58.93 -20.26
C PRO E 73 -10.74 -59.21 -21.58
N LEU E 74 -9.98 -60.30 -21.59
CA LEU E 74 -9.36 -60.90 -22.79
C LEU E 74 -10.48 -61.28 -23.78
N LEU E 75 -10.33 -60.93 -25.05
CA LEU E 75 -11.36 -61.15 -26.09
C LEU E 75 -10.89 -62.18 -27.13
N ASN E 76 -9.58 -62.31 -27.35
CA ASN E 76 -8.95 -63.16 -28.41
C ASN E 76 -8.17 -64.31 -27.76
N GLU E 77 -8.72 -65.53 -27.84
CA GLU E 77 -8.12 -66.81 -27.36
C GLU E 77 -6.94 -67.21 -28.26
N ASP E 78 -6.74 -66.54 -29.42
CA ASP E 78 -5.79 -66.97 -30.49
C ASP E 78 -5.39 -65.75 -31.33
N MET E 79 -4.12 -65.34 -31.28
CA MET E 79 -3.65 -64.02 -31.80
C MET E 79 -3.15 -64.13 -33.24
N THR E 80 -3.19 -65.33 -33.82
CA THR E 80 -2.87 -65.59 -35.26
C THR E 80 -4.04 -65.14 -36.15
N CYS E 81 -5.28 -65.19 -35.61
CA CYS E 81 -6.56 -64.85 -36.28
C CYS E 81 -6.46 -63.46 -36.94
N ASN E 82 -6.85 -63.36 -38.21
CA ASN E 82 -6.79 -62.10 -39.00
C ASN E 82 -7.97 -61.18 -38.66
N THR E 83 -9.00 -61.70 -37.98
CA THR E 83 -10.06 -60.90 -37.33
C THR E 83 -10.05 -61.11 -35.82
N LEU E 84 -9.96 -59.99 -35.08
CA LEU E 84 -9.86 -59.95 -33.60
C LEU E 84 -10.87 -58.94 -33.06
N LEU E 85 -11.25 -59.07 -31.79
CA LEU E 85 -12.02 -58.02 -31.06
C LEU E 85 -11.09 -57.17 -30.21
N MET E 86 -11.34 -55.85 -30.17
CA MET E 86 -10.72 -54.89 -29.22
C MET E 86 -11.84 -54.16 -28.49
N TRP E 87 -11.59 -53.82 -27.23
CA TRP E 87 -12.46 -52.89 -26.46
C TRP E 87 -12.28 -51.49 -27.03
N GLU E 88 -13.40 -50.84 -27.26
CA GLU E 88 -13.46 -49.46 -27.80
C GLU E 88 -14.09 -48.61 -26.72
N ALA E 89 -13.37 -47.59 -26.21
CA ALA E 89 -13.94 -46.63 -25.23
C ALA E 89 -14.83 -45.66 -26.03
N VAL E 90 -16.12 -45.61 -25.71
CA VAL E 90 -17.07 -44.79 -26.51
C VAL E 90 -17.42 -43.51 -25.75
N SER E 91 -17.39 -43.53 -24.42
CA SER E 91 -17.70 -42.31 -23.62
C SER E 91 -17.07 -42.40 -22.24
N VAL E 92 -17.07 -41.27 -21.54
CA VAL E 92 -16.45 -41.15 -20.18
C VAL E 92 -17.25 -40.14 -19.39
N LYS E 93 -17.55 -40.47 -18.15
CA LYS E 93 -17.98 -39.48 -17.14
C LYS E 93 -16.80 -39.32 -16.22
N THR E 94 -16.33 -38.10 -16.05
CA THR E 94 -15.15 -37.80 -15.21
C THR E 94 -15.52 -36.68 -14.26
N GLU E 95 -14.91 -36.70 -13.09
CA GLU E 95 -15.20 -35.72 -12.03
C GLU E 95 -13.93 -35.50 -11.22
N VAL E 96 -13.66 -34.25 -10.90
CA VAL E 96 -12.63 -33.85 -9.91
C VAL E 96 -13.30 -33.81 -8.55
N ILE E 97 -12.85 -34.60 -7.58
CA ILE E 97 -13.49 -34.71 -6.23
C ILE E 97 -12.79 -33.77 -5.26
N GLY E 98 -13.54 -33.14 -4.36
CA GLY E 98 -13.03 -32.51 -3.13
C GLY E 98 -12.87 -31.01 -3.20
N SER E 99 -13.51 -30.31 -4.15
CA SER E 99 -13.49 -28.82 -4.19
C SER E 99 -14.03 -28.29 -2.86
N ASN E 100 -15.01 -29.00 -2.28
CA ASN E 100 -15.60 -28.71 -0.95
C ASN E 100 -14.51 -28.61 0.13
N THR E 101 -13.40 -29.37 0.03
CA THR E 101 -12.31 -29.31 1.05
C THR E 101 -11.68 -27.92 1.12
N LEU E 102 -11.74 -27.14 0.04
CA LEU E 102 -11.12 -25.79 -0.05
C LEU E 102 -11.97 -24.77 0.71
N MET E 103 -13.18 -25.17 1.14
CA MET E 103 -14.08 -24.37 2.01
C MET E 103 -13.63 -24.41 3.47
N ASN E 104 -12.61 -25.21 3.78
CA ASN E 104 -11.94 -25.20 5.11
C ASN E 104 -11.02 -23.95 5.17
N VAL E 105 -11.42 -22.97 5.98
CA VAL E 105 -10.57 -21.79 6.24
C VAL E 105 -10.32 -21.65 7.73
N HIS E 106 -10.25 -22.78 8.44
CA HIS E 106 -9.93 -22.82 9.89
C HIS E 106 -8.62 -23.54 10.12
N ASP E 107 -8.01 -24.09 9.08
CA ASP E 107 -6.73 -24.81 9.25
C ASP E 107 -5.67 -23.74 9.58
N TYR E 108 -4.48 -24.19 9.93
CA TYR E 108 -3.34 -23.34 10.31
C TYR E 108 -2.82 -22.70 9.02
N MET E 109 -3.42 -21.56 8.68
CA MET E 109 -3.27 -20.88 7.37
C MET E 109 -2.99 -19.42 7.65
N THR E 110 -2.33 -18.74 6.72
CA THR E 110 -2.18 -17.26 6.79
C THR E 110 -3.55 -16.61 7.02
N ARG E 111 -3.61 -15.49 7.73
CA ARG E 111 -4.87 -14.77 7.91
C ARG E 111 -4.60 -13.27 7.98
N THR E 112 -5.60 -12.46 7.67
CA THR E 112 -5.54 -10.99 7.78
C THR E 112 -6.37 -10.57 9.00
N ASP E 113 -5.70 -10.08 10.04
CA ASP E 113 -6.33 -9.65 11.30
C ASP E 113 -7.03 -10.88 11.89
N ASN E 114 -8.31 -10.77 12.25
CA ASN E 114 -9.13 -11.90 12.78
C ASN E 114 -9.96 -12.52 11.64
N GLY E 115 -9.56 -12.30 10.37
CA GLY E 115 -10.25 -12.90 9.22
C GLY E 115 -10.04 -14.39 9.10
N VAL E 116 -10.68 -15.01 8.11
CA VAL E 116 -10.54 -16.48 7.88
C VAL E 116 -9.15 -16.79 7.30
N GLY E 117 -8.73 -18.05 7.41
CA GLY E 117 -7.54 -18.58 6.74
C GLY E 117 -7.61 -18.38 5.24
N HIS E 118 -6.50 -17.94 4.63
CA HIS E 118 -6.39 -17.69 3.18
C HIS E 118 -6.44 -19.06 2.49
N PRO E 119 -7.52 -19.32 1.73
CA PRO E 119 -7.68 -20.59 1.05
C PRO E 119 -6.73 -20.74 -0.15
N VAL E 120 -6.72 -21.93 -0.71
CA VAL E 120 -5.84 -22.32 -1.87
C VAL E 120 -6.16 -21.42 -3.07
N VAL E 121 -5.14 -20.76 -3.61
CA VAL E 121 -5.27 -19.88 -4.80
C VAL E 121 -4.00 -20.02 -5.64
N GLY E 122 -4.07 -19.58 -6.87
CA GLY E 122 -2.91 -19.63 -7.77
C GLY E 122 -3.25 -20.28 -9.08
N SER E 123 -2.20 -20.72 -9.76
CA SER E 123 -2.32 -21.37 -11.08
C SER E 123 -3.01 -22.73 -10.94
N THR E 124 -3.91 -23.01 -11.87
CA THR E 124 -4.62 -24.29 -11.98
C THR E 124 -4.24 -24.97 -13.30
N TYR E 125 -4.07 -26.28 -13.23
CA TYR E 125 -3.82 -27.11 -14.43
C TYR E 125 -4.69 -28.35 -14.31
N HIS E 126 -5.65 -28.49 -15.22
CA HIS E 126 -6.55 -29.67 -15.27
C HIS E 126 -6.36 -30.36 -16.61
N MET E 127 -6.27 -31.68 -16.56
CA MET E 127 -6.08 -32.52 -17.75
C MET E 127 -6.63 -33.91 -17.41
N PHE E 128 -7.28 -34.54 -18.36
CA PHE E 128 -7.61 -35.98 -18.30
C PHE E 128 -7.56 -36.50 -19.74
N ALA E 129 -7.23 -37.78 -19.81
CA ALA E 129 -7.05 -38.52 -21.07
C ALA E 129 -7.52 -39.95 -20.86
N VAL E 130 -8.19 -40.46 -21.88
CA VAL E 130 -8.66 -41.86 -21.97
C VAL E 130 -8.12 -42.38 -23.31
N GLY E 131 -7.32 -43.44 -23.24
CA GLY E 131 -6.61 -43.99 -24.41
C GLY E 131 -6.54 -45.50 -24.39
N GLY E 132 -6.22 -46.06 -25.55
CA GLY E 132 -6.02 -47.52 -25.71
C GLY E 132 -4.55 -47.87 -25.65
N GLU E 133 -3.71 -46.89 -25.28
CA GLU E 133 -2.28 -47.05 -25.00
C GLU E 133 -1.82 -45.85 -24.18
N PRO E 134 -0.57 -45.85 -23.63
CA PRO E 134 -0.07 -44.70 -22.89
C PRO E 134 -0.18 -43.39 -23.69
N LEU E 135 -0.47 -42.32 -22.97
CA LEU E 135 -0.57 -40.95 -23.53
C LEU E 135 0.80 -40.55 -24.06
N ASP E 136 0.83 -40.06 -25.29
CA ASP E 136 2.04 -39.51 -25.94
C ASP E 136 2.34 -38.12 -25.35
N LEU E 137 3.58 -37.91 -24.88
CA LEU E 137 4.07 -36.65 -24.27
C LEU E 137 5.06 -35.99 -25.22
N GLN E 138 4.99 -34.67 -25.35
CA GLN E 138 6.00 -33.82 -26.01
C GLN E 138 6.73 -33.07 -24.90
N GLY E 139 8.05 -33.20 -24.86
CA GLY E 139 8.91 -32.44 -23.94
C GLY E 139 8.89 -30.97 -24.29
N ILE E 140 8.80 -30.11 -23.28
CA ILE E 140 8.92 -28.64 -23.44
C ILE E 140 9.08 -28.02 -22.04
N GLN E 141 9.88 -26.96 -21.94
CA GLN E 141 10.38 -26.45 -20.62
C GLN E 141 10.34 -24.91 -20.62
N GLN E 142 10.17 -24.33 -19.45
CA GLN E 142 10.25 -22.85 -19.28
C GLN E 142 11.71 -22.43 -19.30
N SER E 143 12.59 -23.29 -18.76
CA SER E 143 14.06 -23.09 -18.78
C SER E 143 14.81 -24.37 -19.17
N HIS E 144 15.69 -24.26 -20.17
CA HIS E 144 16.52 -25.40 -20.65
C HIS E 144 17.60 -25.75 -19.62
N LEU E 145 17.88 -24.85 -18.67
CA LEU E 145 19.02 -24.97 -17.73
C LEU E 145 18.61 -25.68 -16.45
N VAL E 146 17.32 -26.02 -16.25
CA VAL E 146 16.90 -26.70 -15.00
C VAL E 146 17.65 -28.03 -14.90
N GLN E 147 18.07 -28.38 -13.68
CA GLN E 147 18.72 -29.65 -13.33
C GLN E 147 17.72 -30.46 -12.55
N TYR E 148 17.12 -31.47 -13.17
CA TYR E 148 16.03 -32.28 -12.57
C TYR E 148 16.69 -33.38 -11.74
N PRO E 149 16.08 -33.77 -10.61
CA PRO E 149 16.65 -34.82 -9.78
C PRO E 149 16.57 -36.20 -10.43
N GLU E 150 17.42 -37.10 -9.94
CA GLU E 150 17.47 -38.53 -10.34
C GLU E 150 16.10 -39.14 -10.06
N GLY E 151 15.70 -40.07 -10.92
CA GLY E 151 14.49 -40.91 -10.72
C GLY E 151 13.25 -40.32 -11.36
N LEU E 152 13.33 -39.12 -11.96
CA LEU E 152 12.20 -38.56 -12.75
C LEU E 152 12.44 -38.84 -14.23
N ILE E 153 11.36 -38.95 -15.00
CA ILE E 153 11.42 -39.00 -16.48
C ILE E 153 11.16 -37.58 -16.95
N VAL E 154 12.15 -36.98 -17.62
CA VAL E 154 12.17 -35.57 -18.08
C VAL E 154 12.78 -35.59 -19.48
N PRO E 155 12.69 -34.52 -20.27
CA PRO E 155 13.23 -34.56 -21.63
C PRO E 155 14.67 -35.10 -21.70
N LYS E 156 15.51 -34.77 -20.72
CA LYS E 156 16.91 -35.23 -20.67
C LYS E 156 16.94 -36.75 -20.83
N SER E 157 15.94 -37.47 -20.31
CA SER E 157 15.83 -38.96 -20.33
C SER E 157 15.76 -39.51 -21.76
N VAL E 158 15.40 -38.70 -22.77
CA VAL E 158 15.10 -39.21 -24.14
C VAL E 158 15.89 -38.42 -25.19
N THR E 159 16.50 -37.29 -24.85
CA THR E 159 17.19 -36.48 -25.88
C THR E 159 18.16 -35.52 -25.21
N ASP E 160 18.92 -34.80 -26.05
CA ASP E 160 19.84 -33.69 -25.68
C ASP E 160 18.98 -32.46 -25.38
N VAL E 161 18.99 -32.00 -24.13
CA VAL E 161 18.25 -30.78 -23.74
C VAL E 161 19.08 -29.56 -24.12
N THR E 162 18.61 -28.74 -25.06
CA THR E 162 19.22 -27.44 -25.42
C THR E 162 18.14 -26.38 -25.26
N ALA E 163 18.38 -25.15 -25.70
CA ALA E 163 17.39 -24.05 -25.71
C ALA E 163 16.20 -24.40 -26.59
N LYS E 164 16.36 -25.30 -27.57
CA LYS E 164 15.23 -25.71 -28.42
C LYS E 164 14.06 -26.22 -27.53
N ILE E 165 14.35 -26.83 -26.38
CA ILE E 165 13.32 -27.40 -25.47
C ILE E 165 12.35 -26.31 -24.95
N GLN E 166 12.70 -25.02 -25.06
CA GLN E 166 11.85 -23.88 -24.60
C GLN E 166 10.77 -23.63 -25.65
N CYS E 167 10.95 -24.14 -26.86
CA CYS E 167 9.89 -24.17 -27.88
C CYS E 167 9.64 -25.65 -28.23
N LEU E 168 9.50 -25.98 -29.52
CA LEU E 168 9.18 -27.37 -29.94
C LEU E 168 10.44 -28.08 -30.42
N ASP E 169 10.96 -28.98 -29.60
CA ASP E 169 12.05 -29.89 -30.00
C ASP E 169 11.42 -31.23 -30.39
N PRO E 170 11.37 -31.58 -31.70
CA PRO E 170 10.61 -32.75 -32.16
C PRO E 170 11.21 -34.08 -31.69
N SER E 171 12.40 -34.07 -31.11
CA SER E 171 13.11 -35.27 -30.60
C SER E 171 12.67 -35.58 -29.16
N ALA E 172 11.97 -34.65 -28.51
CA ALA E 172 11.62 -34.79 -27.08
C ALA E 172 10.27 -35.50 -27.00
N LYS E 173 10.28 -36.82 -27.21
CA LYS E 173 9.06 -37.68 -27.27
C LYS E 173 9.16 -38.72 -26.16
N ALA E 174 8.05 -38.95 -25.49
CA ALA E 174 7.94 -39.97 -24.43
C ALA E 174 6.49 -40.44 -24.35
N LYS E 175 6.26 -41.44 -23.52
CA LYS E 175 4.95 -42.04 -23.25
C LYS E 175 4.78 -41.99 -21.74
N LEU E 176 3.61 -41.54 -21.30
CA LEU E 176 3.27 -41.46 -19.87
C LEU E 176 3.08 -42.89 -19.39
N ASP E 177 4.14 -43.55 -18.90
CA ASP E 177 4.08 -44.98 -18.52
C ASP E 177 4.46 -45.18 -17.06
N LYS E 178 4.65 -44.12 -16.29
CA LYS E 178 4.93 -44.22 -14.83
C LYS E 178 4.12 -43.15 -14.10
N ASP E 179 3.41 -43.55 -13.07
CA ASP E 179 2.60 -42.66 -12.21
C ASP E 179 3.58 -41.88 -11.33
N GLY E 180 3.40 -40.56 -11.23
CA GLY E 180 4.11 -39.70 -10.26
C GLY E 180 5.57 -39.51 -10.56
N LYS E 181 5.98 -39.63 -11.83
CA LYS E 181 7.39 -39.55 -12.26
C LYS E 181 7.60 -38.59 -13.42
N TYR E 182 6.56 -38.24 -14.18
CA TYR E 182 6.65 -37.28 -15.30
C TYR E 182 6.14 -35.91 -14.85
N PRO E 183 7.02 -34.92 -14.62
CA PRO E 183 6.59 -33.63 -14.08
C PRO E 183 5.73 -32.93 -15.12
N ILE E 184 4.65 -32.31 -14.66
CA ILE E 184 3.79 -31.59 -15.63
C ILE E 184 4.60 -30.47 -16.27
N GLU E 185 5.55 -29.84 -15.57
CA GLU E 185 6.22 -28.63 -16.10
C GLU E 185 7.16 -28.92 -17.27
N THR E 186 7.45 -30.21 -17.57
CA THR E 186 8.33 -30.59 -18.69
C THR E 186 7.57 -31.33 -19.80
N TRP E 187 6.26 -31.62 -19.66
CA TRP E 187 5.57 -32.57 -20.59
C TRP E 187 4.17 -32.08 -20.93
N SER E 188 3.88 -31.89 -22.22
CA SER E 188 2.55 -31.67 -22.80
C SER E 188 2.07 -32.92 -23.50
N PRO E 189 0.75 -33.16 -23.46
CA PRO E 189 0.11 -34.11 -24.36
C PRO E 189 0.55 -33.73 -25.78
N ASP E 190 1.02 -34.71 -26.54
CA ASP E 190 1.54 -34.48 -27.91
C ASP E 190 0.41 -34.48 -28.91
N PRO E 191 0.04 -33.33 -29.52
CA PRO E 191 -1.07 -33.30 -30.49
C PRO E 191 -0.68 -33.89 -31.85
N SER E 192 0.62 -34.12 -32.10
CA SER E 192 1.12 -34.78 -33.33
C SER E 192 0.94 -36.31 -33.21
N ARG E 193 0.68 -36.86 -32.02
CA ARG E 193 0.44 -38.32 -31.85
C ARG E 193 -0.92 -38.47 -31.20
N ASN E 194 -1.09 -39.39 -30.27
CA ASN E 194 -2.36 -39.51 -29.50
C ASN E 194 -3.52 -39.79 -30.47
N GLU E 195 -3.25 -40.53 -31.55
CA GLU E 195 -4.32 -41.02 -32.48
C GLU E 195 -5.26 -41.93 -31.70
N ASN E 196 -4.75 -42.68 -30.73
CA ASN E 196 -5.54 -43.71 -30.01
C ASN E 196 -5.88 -43.24 -28.59
N THR E 197 -5.84 -41.93 -28.36
CA THR E 197 -6.18 -41.28 -27.07
C THR E 197 -7.04 -40.04 -27.32
N ARG E 198 -7.96 -39.77 -26.41
CA ARG E 198 -8.65 -38.46 -26.34
C ARG E 198 -8.17 -37.78 -25.06
N TYR E 199 -7.64 -36.58 -25.19
CA TYR E 199 -7.25 -35.77 -24.01
C TYR E 199 -7.90 -34.39 -24.08
N PHE E 200 -8.05 -33.81 -22.90
CA PHE E 200 -8.78 -32.54 -22.63
C PHE E 200 -8.06 -31.87 -21.47
N GLY E 201 -7.93 -30.56 -21.53
CA GLY E 201 -7.26 -29.83 -20.45
C GLY E 201 -7.51 -28.34 -20.53
N ASN E 202 -7.30 -27.68 -19.40
CA ASN E 202 -7.31 -26.20 -19.35
C ASN E 202 -6.33 -25.79 -18.26
N TYR E 203 -5.77 -24.63 -18.52
CA TYR E 203 -4.74 -23.99 -17.69
C TYR E 203 -5.22 -22.56 -17.43
N TYR E 204 -4.97 -22.08 -16.22
CA TYR E 204 -5.36 -20.72 -15.78
C TYR E 204 -4.24 -20.32 -14.82
N GLY E 205 -3.50 -19.27 -15.19
CA GLY E 205 -2.28 -18.83 -14.53
C GLY E 205 -2.53 -17.89 -13.36
N GLY E 206 -1.51 -17.15 -12.97
CA GLY E 206 -1.60 -16.15 -11.90
C GLY E 206 -1.04 -16.69 -10.61
N LEU E 207 -0.58 -15.77 -9.77
CA LEU E 207 -0.08 -16.10 -8.45
C LEU E 207 -1.24 -16.32 -7.48
N THR E 208 -2.32 -15.52 -7.51
CA THR E 208 -3.40 -15.62 -6.48
C THR E 208 -4.78 -15.83 -7.09
N THR E 209 -4.89 -16.23 -8.36
CA THR E 209 -6.15 -16.47 -9.05
C THR E 209 -7.01 -17.44 -8.23
N PRO E 210 -8.31 -17.14 -8.10
CA PRO E 210 -9.21 -18.06 -7.41
C PRO E 210 -9.47 -19.31 -8.24
N PRO E 211 -9.44 -20.51 -7.62
CA PRO E 211 -9.76 -21.75 -8.31
C PRO E 211 -11.27 -21.92 -8.57
N VAL E 212 -11.59 -22.60 -9.67
CA VAL E 212 -13.00 -22.79 -10.10
C VAL E 212 -13.17 -24.27 -10.40
N LEU E 213 -14.30 -24.85 -9.97
CA LEU E 213 -14.61 -26.24 -10.33
C LEU E 213 -16.12 -26.44 -10.42
N THR E 214 -16.53 -27.22 -11.39
CA THR E 214 -17.91 -27.72 -11.48
C THR E 214 -17.91 -29.23 -11.29
N PHE E 215 -18.98 -29.76 -10.74
CA PHE E 215 -19.12 -31.20 -10.47
C PHE E 215 -20.56 -31.59 -10.76
N THR E 216 -20.74 -32.80 -11.28
CA THR E 216 -22.06 -33.37 -11.57
C THR E 216 -21.86 -34.84 -11.95
N ASN E 217 -22.88 -35.64 -11.77
CA ASN E 217 -22.87 -37.04 -12.24
C ASN E 217 -23.72 -37.13 -13.49
N THR E 218 -24.07 -35.99 -14.11
CA THR E 218 -25.06 -36.01 -15.22
C THR E 218 -24.40 -35.79 -16.57
N VAL E 219 -23.07 -35.68 -16.67
CA VAL E 219 -22.41 -35.25 -17.95
C VAL E 219 -21.51 -36.36 -18.50
N THR E 220 -21.72 -36.70 -19.77
CA THR E 220 -20.95 -37.74 -20.50
C THR E 220 -20.19 -37.06 -21.63
N THR E 221 -18.91 -37.36 -21.78
CA THR E 221 -18.11 -36.95 -22.94
C THR E 221 -17.97 -38.12 -23.90
N ILE E 222 -18.36 -37.93 -25.16
CA ILE E 222 -18.20 -38.91 -26.25
C ILE E 222 -16.72 -38.98 -26.64
N LEU E 223 -16.18 -40.18 -26.78
CA LEU E 223 -14.75 -40.40 -27.11
C LEU E 223 -14.59 -40.81 -28.57
N LEU E 224 -15.68 -40.93 -29.32
CA LEU E 224 -15.62 -41.31 -30.75
C LEU E 224 -14.95 -40.18 -31.51
N ASP E 225 -14.08 -40.49 -32.46
CA ASP E 225 -13.45 -39.46 -33.32
C ASP E 225 -14.43 -39.13 -34.44
N GLU E 226 -13.95 -38.42 -35.45
CA GLU E 226 -14.71 -37.93 -36.62
C GLU E 226 -15.23 -39.12 -37.42
N ASN E 227 -14.54 -40.28 -37.35
CA ASN E 227 -14.95 -41.50 -38.11
C ASN E 227 -15.77 -42.46 -37.23
N GLY E 228 -16.22 -42.01 -36.05
CA GLY E 228 -17.05 -42.83 -35.14
C GLY E 228 -16.25 -43.89 -34.40
N VAL E 229 -14.93 -43.71 -34.28
CA VAL E 229 -14.02 -44.71 -33.66
C VAL E 229 -13.49 -44.14 -32.35
N GLY E 230 -13.68 -44.87 -31.27
CA GLY E 230 -13.13 -44.54 -29.96
C GLY E 230 -11.75 -45.14 -29.78
N PRO E 231 -11.03 -44.77 -28.71
CA PRO E 231 -9.78 -45.45 -28.37
C PRO E 231 -10.03 -46.97 -28.32
N LEU E 232 -9.10 -47.67 -28.96
CA LEU E 232 -9.04 -49.14 -29.07
C LEU E 232 -7.92 -49.67 -28.15
N CYS E 233 -8.28 -50.54 -27.20
CA CYS E 233 -7.50 -50.93 -26.01
C CYS E 233 -6.52 -52.06 -26.35
N LYS E 234 -5.33 -51.64 -26.77
CA LYS E 234 -4.19 -52.52 -27.09
C LYS E 234 -3.83 -53.30 -25.83
N GLY E 235 -3.64 -54.62 -25.97
CA GLY E 235 -3.29 -55.47 -24.82
C GLY E 235 -4.41 -55.55 -23.80
N ASP E 236 -5.64 -55.21 -24.20
CA ASP E 236 -6.82 -55.24 -23.29
C ASP E 236 -6.52 -54.39 -22.06
N GLY E 237 -5.86 -53.26 -22.28
CA GLY E 237 -5.68 -52.20 -21.27
C GLY E 237 -6.35 -50.90 -21.68
N LEU E 238 -7.01 -50.26 -20.73
CA LEU E 238 -7.55 -48.88 -20.82
C LEU E 238 -6.64 -47.93 -20.02
N PHE E 239 -6.14 -46.90 -20.69
CA PHE E 239 -5.07 -46.02 -20.14
C PHE E 239 -5.73 -44.71 -19.72
N LEU E 240 -5.78 -44.48 -18.41
CA LEU E 240 -6.31 -43.27 -17.76
C LEU E 240 -5.14 -42.39 -17.31
N SER E 241 -5.21 -41.10 -17.60
CA SER E 241 -4.18 -40.08 -17.23
C SER E 241 -4.89 -38.83 -16.72
N CYS E 242 -4.25 -38.08 -15.82
CA CYS E 242 -4.81 -36.78 -15.38
C CYS E 242 -3.80 -36.04 -14.53
N CYS E 243 -4.13 -34.78 -14.32
CA CYS E 243 -3.47 -33.91 -13.32
C CYS E 243 -4.50 -32.84 -12.96
N ASP E 244 -4.62 -32.52 -11.68
CA ASP E 244 -5.66 -31.57 -11.18
C ASP E 244 -5.01 -30.73 -10.07
N VAL E 245 -4.16 -29.80 -10.50
CA VAL E 245 -3.54 -28.77 -9.61
C VAL E 245 -4.58 -27.69 -9.36
N MET E 246 -4.88 -27.43 -8.09
CA MET E 246 -5.93 -26.47 -7.65
C MET E 246 -5.29 -25.13 -7.26
N GLY E 247 -3.96 -25.05 -7.18
CA GLY E 247 -3.24 -23.83 -6.78
C GLY E 247 -2.27 -24.11 -5.65
N TRP E 248 -1.98 -23.11 -4.83
CA TRP E 248 -1.03 -23.20 -3.70
C TRP E 248 -1.74 -22.98 -2.36
N PHE E 249 -1.37 -23.83 -1.40
CA PHE E 249 -1.71 -23.74 0.05
C PHE E 249 -0.58 -23.00 0.77
N THR E 250 -0.92 -22.15 1.75
CA THR E 250 0.09 -21.44 2.57
C THR E 250 -0.22 -21.73 4.04
N ALA E 251 0.62 -22.50 4.72
CA ALA E 251 0.46 -22.80 6.15
C ALA E 251 0.75 -21.52 6.94
N GLY E 252 0.18 -21.44 8.14
CA GLY E 252 0.25 -20.28 9.05
C GLY E 252 1.63 -20.12 9.64
N SER E 253 2.50 -21.11 9.44
CA SER E 253 3.92 -21.15 9.89
C SER E 253 4.74 -20.12 9.14
N GLY E 254 4.30 -19.64 7.96
CA GLY E 254 5.19 -18.80 7.14
C GLY E 254 4.57 -18.36 5.85
N THR E 255 5.41 -18.04 4.88
CA THR E 255 4.99 -17.61 3.53
C THR E 255 5.33 -18.69 2.50
N HIS E 256 5.93 -19.80 2.94
CA HIS E 256 6.23 -20.99 2.10
C HIS E 256 4.92 -21.61 1.60
N GLN E 257 4.88 -21.97 0.34
CA GLN E 257 3.66 -22.49 -0.28
C GLN E 257 3.88 -23.92 -0.73
N ARG E 258 2.76 -24.65 -0.86
CA ARG E 258 2.67 -26.05 -1.35
C ARG E 258 1.62 -26.15 -2.46
N PHE E 259 1.96 -26.83 -3.55
CA PHE E 259 0.94 -27.23 -4.55
C PHE E 259 -0.15 -28.07 -3.85
N ARG E 260 -1.41 -27.85 -4.22
CA ARG E 260 -2.55 -28.68 -3.72
C ARG E 260 -3.28 -29.24 -4.94
N GLY E 261 -3.46 -30.57 -4.99
CA GLY E 261 -4.16 -31.30 -6.06
C GLY E 261 -5.32 -32.10 -5.50
N LEU E 262 -6.19 -32.56 -6.38
CA LEU E 262 -7.39 -33.33 -5.98
C LEU E 262 -7.48 -34.58 -6.84
N PRO E 263 -8.17 -35.63 -6.33
CA PRO E 263 -8.34 -36.87 -7.08
C PRO E 263 -9.40 -36.71 -8.18
N ARG E 264 -9.29 -37.53 -9.21
CA ARG E 264 -10.23 -37.56 -10.34
C ARG E 264 -10.81 -38.96 -10.47
N TYR E 265 -12.13 -39.02 -10.61
CA TYR E 265 -12.95 -40.22 -10.92
C TYR E 265 -13.10 -40.35 -12.42
N PHE E 266 -13.04 -41.58 -12.92
CA PHE E 266 -13.38 -41.94 -14.31
C PHE E 266 -14.40 -43.09 -14.31
N ASN E 267 -15.39 -42.99 -15.20
CA ASN E 267 -16.37 -44.05 -15.51
C ASN E 267 -16.46 -44.13 -17.02
N VAL E 268 -15.77 -45.12 -17.61
CA VAL E 268 -15.64 -45.27 -19.09
C VAL E 268 -16.59 -46.36 -19.57
N GLN E 269 -17.30 -46.06 -20.65
CA GLN E 269 -18.18 -47.03 -21.33
C GLN E 269 -17.40 -47.63 -22.50
N LEU E 270 -17.43 -48.95 -22.65
CA LEU E 270 -16.68 -49.65 -23.72
C LEU E 270 -17.63 -50.58 -24.47
N ARG E 271 -17.30 -50.87 -25.71
CA ARG E 271 -18.05 -51.85 -26.52
C ARG E 271 -16.96 -52.67 -27.22
N LYS E 272 -17.32 -53.81 -27.77
CA LYS E 272 -16.36 -54.61 -28.58
C LYS E 272 -16.38 -54.10 -30.01
N ARG E 273 -15.21 -54.04 -30.63
CA ARG E 273 -15.06 -53.61 -32.03
C ARG E 273 -14.20 -54.65 -32.74
N ALA E 274 -14.59 -55.11 -33.94
CA ALA E 274 -13.79 -56.03 -34.76
C ALA E 274 -12.76 -55.22 -35.54
N VAL E 275 -11.54 -55.75 -35.62
CA VAL E 275 -10.40 -55.14 -36.33
C VAL E 275 -9.68 -56.24 -37.12
N ARG E 276 -8.79 -55.82 -38.02
CA ARG E 276 -8.03 -56.66 -38.99
C ARG E 276 -6.57 -56.80 -38.53
N ASN E 277 -6.14 -58.00 -38.12
CA ASN E 277 -4.71 -58.35 -37.89
C ASN E 277 -4.17 -59.16 -39.08
N ILE F 19 30.43 51.48 17.38
CA ILE F 19 29.78 50.33 16.62
C ILE F 19 28.86 50.92 15.54
N THR F 20 29.08 50.54 14.28
CA THR F 20 28.26 50.92 13.10
C THR F 20 27.39 49.71 12.70
N GLN F 21 26.08 49.91 12.51
CA GLN F 21 25.09 48.86 12.14
C GLN F 21 24.88 48.90 10.63
N ILE F 22 24.87 47.74 10.00
CA ILE F 22 24.55 47.51 8.57
C ILE F 22 23.42 46.48 8.56
N GLU F 23 22.48 46.67 7.66
CA GLU F 23 21.24 45.88 7.55
C GLU F 23 21.03 45.52 6.09
N ALA F 24 20.56 44.31 5.82
CA ALA F 24 20.26 43.89 4.44
C ALA F 24 19.35 42.66 4.50
N PHE F 25 18.47 42.53 3.50
CA PHE F 25 17.70 41.31 3.20
C PHE F 25 18.28 40.77 1.90
N LEU F 26 18.63 39.48 1.87
CA LEU F 26 19.01 38.84 0.59
C LEU F 26 17.85 37.92 0.21
N ASN F 27 17.29 38.14 -0.97
CA ASN F 27 16.21 37.31 -1.53
C ASN F 27 16.79 36.00 -2.07
N PRO F 28 15.99 34.92 -1.98
CA PRO F 28 16.43 33.61 -2.48
C PRO F 28 16.57 33.61 -4.01
N ARG F 29 17.53 32.82 -4.47
CA ARG F 29 17.82 32.50 -5.88
C ARG F 29 17.58 31.00 -6.11
N MET F 30 16.30 30.61 -6.25
CA MET F 30 15.84 29.19 -6.31
C MET F 30 15.73 28.69 -7.76
N GLY F 31 16.04 29.55 -8.74
CA GLY F 31 16.06 29.24 -10.18
C GLY F 31 15.27 30.27 -10.96
N VAL F 32 14.08 30.59 -10.49
CA VAL F 32 13.25 31.73 -10.93
C VAL F 32 13.77 32.93 -10.14
N ASN F 33 14.77 33.62 -10.70
CA ASN F 33 15.55 34.67 -10.02
C ASN F 33 15.01 36.05 -10.46
N ASP F 34 13.94 36.06 -11.25
CA ASP F 34 13.29 37.30 -11.78
C ASP F 34 12.10 37.65 -10.89
N GLU F 35 12.16 38.82 -10.27
CA GLU F 35 11.14 39.27 -9.29
C GLU F 35 9.79 39.58 -9.98
N THR F 36 9.73 39.62 -11.32
CA THR F 36 8.45 39.83 -12.04
C THR F 36 7.85 38.48 -12.47
N ASN F 37 8.58 37.36 -12.32
CA ASN F 37 8.07 36.01 -12.67
C ASN F 37 7.12 35.52 -11.57
N THR F 38 5.99 34.93 -11.96
CA THR F 38 4.89 34.57 -11.04
C THR F 38 5.38 33.46 -10.07
N TRP F 39 6.51 32.83 -10.37
CA TRP F 39 7.10 31.75 -9.54
C TRP F 39 8.38 32.24 -8.82
N TYR F 40 8.57 33.55 -8.70
CA TYR F 40 9.69 34.13 -7.90
C TYR F 40 9.75 33.47 -6.53
N GLY F 41 10.95 33.01 -6.16
CA GLY F 41 11.21 32.41 -4.84
C GLY F 41 11.10 30.89 -4.91
N PHE F 42 10.80 30.37 -6.10
CA PHE F 42 10.73 28.92 -6.39
C PHE F 42 11.70 28.62 -7.53
N SER F 43 11.94 27.36 -7.83
CA SER F 43 12.51 26.94 -9.12
C SER F 43 11.37 26.73 -10.12
N GLU F 44 11.73 26.56 -11.40
CA GLU F 44 10.85 25.93 -12.41
C GLU F 44 10.72 24.45 -12.03
N GLN F 45 9.70 23.78 -12.56
CA GLN F 45 9.46 22.33 -12.35
C GLN F 45 10.76 21.60 -12.65
N VAL F 46 11.22 20.81 -11.69
CA VAL F 46 12.49 20.05 -11.78
C VAL F 46 12.30 18.86 -12.72
N THR F 47 13.20 18.73 -13.68
CA THR F 47 13.24 17.62 -14.65
C THR F 47 14.43 16.77 -14.23
N VAL F 48 14.37 15.50 -14.56
CA VAL F 48 15.32 14.45 -14.11
C VAL F 48 15.92 13.78 -15.33
N ALA F 49 17.24 13.60 -15.33
CA ALA F 49 17.99 12.97 -16.44
C ALA F 49 17.48 11.53 -16.68
N THR F 50 17.49 11.09 -17.94
CA THR F 50 17.04 9.74 -18.37
C THR F 50 18.30 8.93 -18.62
N ALA F 51 19.46 9.55 -18.46
CA ALA F 51 20.79 8.90 -18.54
C ALA F 51 21.83 9.79 -17.86
N ARG F 52 22.89 9.19 -17.31
CA ARG F 52 24.01 9.92 -16.68
C ARG F 52 24.67 10.87 -17.68
N GLU F 53 24.77 10.45 -18.95
CA GLU F 53 25.55 11.12 -20.01
C GLU F 53 24.72 12.23 -20.68
N THR F 54 23.42 12.33 -20.42
CA THR F 54 22.52 13.34 -21.04
C THR F 54 21.89 14.21 -19.95
N ASP F 55 22.58 14.35 -18.83
CA ASP F 55 22.07 15.05 -17.63
C ASP F 55 22.36 16.54 -17.82
N ARG F 56 21.34 17.31 -18.17
CA ARG F 56 21.45 18.73 -18.58
C ARG F 56 20.36 19.52 -17.87
N PRO F 57 20.60 19.96 -16.63
CA PRO F 57 19.60 20.72 -15.88
C PRO F 57 19.52 22.14 -16.40
N PRO F 58 18.32 22.59 -16.81
CA PRO F 58 18.12 24.01 -17.11
C PRO F 58 18.40 24.89 -15.88
N LYS F 59 18.87 26.11 -16.13
CA LYS F 59 19.33 27.05 -15.07
C LYS F 59 18.18 27.38 -14.10
N GLU F 60 16.92 27.39 -14.55
CA GLU F 60 15.78 27.85 -13.71
C GLU F 60 15.34 26.74 -12.74
N GLN F 61 15.98 25.57 -12.78
CA GLN F 61 15.53 24.35 -12.05
C GLN F 61 16.50 24.01 -10.92
N MET F 62 17.51 24.84 -10.66
CA MET F 62 18.49 24.61 -9.57
C MET F 62 18.56 25.82 -8.67
N PRO F 63 18.74 25.59 -7.35
CA PRO F 63 19.04 26.68 -6.42
C PRO F 63 20.49 27.16 -6.46
N TYR F 64 20.65 28.45 -6.17
CA TYR F 64 21.94 29.17 -6.25
C TYR F 64 22.24 29.83 -4.91
N TYR F 65 23.51 30.08 -4.68
CA TYR F 65 23.93 31.01 -3.61
C TYR F 65 23.44 32.42 -3.97
N SER F 66 22.85 33.11 -3.00
CA SER F 66 22.62 34.56 -2.98
C SER F 66 23.88 35.25 -2.44
N CYS F 67 24.33 36.33 -3.06
CA CYS F 67 25.37 37.17 -2.42
C CYS F 67 25.13 38.65 -2.70
N ALA F 68 25.69 39.51 -1.87
CA ALA F 68 25.59 40.98 -1.97
C ALA F 68 26.80 41.58 -1.26
N ARG F 69 27.45 42.55 -1.91
CA ARG F 69 28.50 43.41 -1.30
C ARG F 69 27.85 44.71 -0.85
N ILE F 70 27.79 45.00 0.44
CA ILE F 70 27.17 46.25 0.96
C ILE F 70 28.26 47.31 1.10
N PRO F 71 28.19 48.44 0.33
CA PRO F 71 29.11 49.56 0.50
C PRO F 71 29.13 50.11 1.94
N LEU F 72 30.34 50.36 2.46
CA LEU F 72 30.63 50.92 3.80
C LEU F 72 31.21 52.33 3.67
N PRO F 73 31.04 53.23 4.67
CA PRO F 73 31.74 54.53 4.67
C PRO F 73 33.22 54.41 4.28
N LEU F 74 33.69 55.28 3.38
CA LEU F 74 35.14 55.41 3.05
C LEU F 74 35.88 55.86 4.33
N LEU F 75 37.04 55.27 4.63
CA LEU F 75 37.74 55.49 5.94
C LEU F 75 39.09 56.21 5.72
N ASN F 76 39.77 55.99 4.59
CA ASN F 76 41.14 56.51 4.31
C ASN F 76 41.14 57.50 3.13
N GLU F 77 41.52 58.75 3.39
CA GLU F 77 41.61 59.85 2.39
C GLU F 77 42.89 59.67 1.56
N ASP F 78 43.78 58.76 1.97
CA ASP F 78 45.05 58.45 1.29
C ASP F 78 45.45 57.03 1.67
N MET F 79 45.70 56.20 0.65
CA MET F 79 45.99 54.73 0.76
C MET F 79 47.51 54.51 0.73
N THR F 80 48.30 55.57 0.49
CA THR F 80 49.79 55.58 0.61
C THR F 80 50.19 55.37 2.08
N CYS F 81 49.43 55.97 3.02
CA CYS F 81 49.66 55.95 4.50
C CYS F 81 49.93 54.52 4.98
N ASN F 82 50.94 54.29 5.83
CA ASN F 82 51.35 52.93 6.26
C ASN F 82 50.47 52.44 7.44
N THR F 83 49.54 53.26 7.94
CA THR F 83 48.50 52.84 8.90
C THR F 83 47.12 53.25 8.37
N LEU F 84 46.23 52.27 8.22
CA LEU F 84 44.87 52.49 7.66
C LEU F 84 43.82 51.91 8.60
N LEU F 85 42.58 52.34 8.45
CA LEU F 85 41.41 51.83 9.18
C LEU F 85 40.64 50.89 8.25
N MET F 86 40.15 49.78 8.79
CA MET F 86 39.21 48.88 8.07
C MET F 86 38.01 48.68 8.97
N TRP F 87 36.85 48.54 8.35
CA TRP F 87 35.66 48.08 9.08
C TRP F 87 35.90 46.62 9.46
N GLU F 88 35.62 46.29 10.70
CA GLU F 88 35.73 44.92 11.27
C GLU F 88 34.32 44.49 11.66
N ALA F 89 33.79 43.44 11.03
CA ALA F 89 32.48 42.86 11.45
C ALA F 89 32.73 42.10 12.75
N VAL F 90 32.04 42.48 13.82
CA VAL F 90 32.25 41.97 15.19
C VAL F 90 31.19 40.91 15.52
N SER F 91 29.97 41.08 15.01
CA SER F 91 28.81 40.23 15.32
C SER F 91 27.74 40.36 14.24
N VAL F 92 26.82 39.42 14.19
CA VAL F 92 25.68 39.47 13.24
C VAL F 92 24.43 38.91 13.90
N LYS F 93 23.30 39.56 13.63
CA LYS F 93 21.95 39.02 13.89
C LYS F 93 21.43 38.61 12.53
N THR F 94 20.94 37.39 12.40
CA THR F 94 20.51 36.87 11.08
C THR F 94 19.24 36.07 11.27
N GLU F 95 18.35 36.16 10.29
CA GLU F 95 17.02 35.57 10.40
C GLU F 95 16.57 35.10 9.02
N VAL F 96 16.04 33.90 8.98
CA VAL F 96 15.35 33.39 7.77
C VAL F 96 13.92 33.77 7.99
N ILE F 97 13.35 34.57 7.11
CA ILE F 97 11.97 35.08 7.26
C ILE F 97 11.03 34.23 6.41
N GLY F 98 9.83 33.96 6.92
CA GLY F 98 8.70 33.45 6.11
C GLY F 98 8.36 31.99 6.32
N SER F 99 8.86 31.38 7.39
CA SER F 99 8.44 30.00 7.81
C SER F 99 6.91 29.94 7.90
N ASN F 100 6.28 31.02 8.39
CA ASN F 100 4.80 31.17 8.54
C ASN F 100 4.09 30.98 7.19
N THR F 101 4.73 31.29 6.07
CA THR F 101 4.11 31.13 4.74
C THR F 101 3.84 29.64 4.44
N LEU F 102 4.64 28.72 5.02
CA LEU F 102 4.46 27.26 4.81
C LEU F 102 3.24 26.73 5.60
N MET F 103 2.59 27.56 6.42
CA MET F 103 1.33 27.18 7.13
C MET F 103 0.11 27.40 6.20
N ASN F 104 0.34 27.89 4.98
CA ASN F 104 -0.65 27.95 3.87
C ASN F 104 -0.79 26.55 3.24
N VAL F 105 -1.91 25.89 3.49
CA VAL F 105 -2.25 24.54 2.97
C VAL F 105 -3.56 24.62 2.20
N HIS F 106 -3.95 25.83 1.77
CA HIS F 106 -5.19 26.04 0.97
C HIS F 106 -4.81 26.44 -0.47
N ASP F 107 -3.51 26.65 -0.78
CA ASP F 107 -3.10 26.97 -2.17
C ASP F 107 -3.42 25.76 -3.05
N TYR F 108 -3.15 25.90 -4.35
CA TYR F 108 -3.43 24.85 -5.36
C TYR F 108 -2.33 23.79 -5.25
N MET F 109 -2.55 22.78 -4.40
CA MET F 109 -1.51 21.84 -3.89
C MET F 109 -2.06 20.41 -3.96
N THR F 110 -1.21 19.40 -3.91
CA THR F 110 -1.65 17.98 -3.79
C THR F 110 -2.48 17.87 -2.50
N ARG F 111 -3.51 17.04 -2.48
CA ARG F 111 -4.20 16.75 -1.23
C ARG F 111 -4.56 15.26 -1.22
N THR F 112 -4.90 14.78 -0.05
CA THR F 112 -5.37 13.40 0.20
C THR F 112 -6.84 13.50 0.57
N ASP F 113 -7.71 13.05 -0.32
CA ASP F 113 -9.16 13.08 -0.08
C ASP F 113 -9.55 14.56 0.09
N ASN F 114 -10.22 14.89 1.19
CA ASN F 114 -10.65 16.26 1.55
C ASN F 114 -9.68 16.87 2.56
N GLY F 115 -8.48 16.27 2.71
CA GLY F 115 -7.41 16.78 3.59
C GLY F 115 -6.81 18.09 3.11
N VAL F 116 -5.89 18.66 3.88
CA VAL F 116 -5.27 19.98 3.53
C VAL F 116 -4.29 19.77 2.38
N GLY F 117 -3.92 20.85 1.69
CA GLY F 117 -2.84 20.88 0.69
C GLY F 117 -1.53 20.38 1.28
N HIS F 118 -0.79 19.52 0.57
CA HIS F 118 0.51 18.98 1.04
C HIS F 118 1.56 20.09 1.11
N PRO F 119 2.08 20.42 2.31
CA PRO F 119 3.03 21.53 2.43
C PRO F 119 4.42 21.16 1.89
N VAL F 120 5.23 22.18 1.75
CA VAL F 120 6.63 22.09 1.26
C VAL F 120 7.38 21.14 2.19
N VAL F 121 8.00 20.12 1.64
CA VAL F 121 8.81 19.16 2.44
C VAL F 121 9.96 18.70 1.56
N GLY F 122 10.95 18.03 2.14
CA GLY F 122 12.11 17.55 1.37
C GLY F 122 13.40 18.02 1.96
N SER F 123 14.47 18.03 1.15
CA SER F 123 15.83 18.35 1.63
C SER F 123 15.91 19.85 1.94
N THR F 124 16.53 20.19 3.05
CA THR F 124 16.74 21.62 3.40
C THR F 124 18.25 21.91 3.40
N TYR F 125 18.60 23.12 2.99
CA TYR F 125 20.02 23.56 2.94
C TYR F 125 20.01 25.00 3.42
N HIS F 126 20.60 25.27 4.57
CA HIS F 126 20.75 26.63 5.13
C HIS F 126 22.22 26.97 5.25
N MET F 127 22.63 28.13 4.74
CA MET F 127 23.98 28.67 4.97
C MET F 127 23.94 30.19 4.95
N PHE F 128 24.75 30.80 5.78
CA PHE F 128 25.02 32.26 5.72
C PHE F 128 26.51 32.47 5.99
N ALA F 129 26.99 33.58 5.49
CA ALA F 129 28.40 33.97 5.62
C ALA F 129 28.50 35.48 5.64
N VAL F 130 29.39 35.98 6.50
CA VAL F 130 29.77 37.41 6.64
C VAL F 130 31.28 37.43 6.48
N GLY F 131 31.78 38.18 5.49
CA GLY F 131 33.23 38.35 5.32
C GLY F 131 33.60 39.74 4.81
N GLY F 132 34.90 39.99 4.72
CA GLY F 132 35.46 41.27 4.23
C GLY F 132 35.98 41.12 2.82
N GLU F 133 35.60 40.03 2.17
CA GLU F 133 35.89 39.71 0.75
C GLU F 133 34.96 38.56 0.38
N PRO F 134 34.86 38.22 -0.93
CA PRO F 134 33.99 37.13 -1.37
C PRO F 134 34.29 35.76 -0.72
N LEU F 135 33.21 35.04 -0.39
CA LEU F 135 33.24 33.63 0.06
C LEU F 135 34.11 32.80 -0.89
N ASP F 136 35.10 32.11 -0.35
CA ASP F 136 35.86 31.09 -1.10
C ASP F 136 34.97 29.84 -1.25
N LEU F 137 34.90 29.30 -2.47
CA LEU F 137 34.12 28.09 -2.81
C LEU F 137 35.09 26.99 -3.21
N GLN F 138 34.73 25.77 -2.85
CA GLN F 138 35.37 24.52 -3.28
C GLN F 138 34.38 23.79 -4.17
N GLY F 139 34.83 23.42 -5.39
CA GLY F 139 34.02 22.61 -6.33
C GLY F 139 33.90 21.16 -5.89
N ILE F 140 32.67 20.63 -5.98
CA ILE F 140 32.41 19.19 -5.76
C ILE F 140 31.02 18.88 -6.32
N GLN F 141 30.84 17.70 -6.91
CA GLN F 141 29.62 17.34 -7.68
C GLN F 141 29.16 15.93 -7.28
N GLN F 142 27.87 15.67 -7.35
CA GLN F 142 27.29 14.30 -7.20
C GLN F 142 27.63 13.49 -8.46
N SER F 143 27.64 14.12 -9.63
CA SER F 143 28.08 13.46 -10.90
C SER F 143 29.02 14.37 -11.69
N HIS F 144 30.14 13.81 -12.12
CA HIS F 144 31.14 14.51 -12.98
C HIS F 144 30.57 14.70 -14.40
N LEU F 145 29.54 13.95 -14.79
CA LEU F 145 29.08 13.96 -16.21
C LEU F 145 28.01 15.01 -16.44
N VAL F 146 27.59 15.76 -15.41
CA VAL F 146 26.51 16.77 -15.62
C VAL F 146 27.02 17.79 -16.65
N GLN F 147 26.14 18.18 -17.59
CA GLN F 147 26.42 19.30 -18.54
C GLN F 147 25.60 20.50 -18.06
N TYR F 148 26.26 21.51 -17.48
CA TYR F 148 25.61 22.70 -16.91
C TYR F 148 25.40 23.68 -18.06
N PRO F 149 24.34 24.49 -18.01
CA PRO F 149 24.06 25.43 -19.08
C PRO F 149 24.98 26.67 -19.07
N GLU F 150 24.92 27.43 -20.16
CA GLU F 150 25.80 28.62 -20.40
C GLU F 150 25.36 29.69 -19.40
N GLY F 151 26.31 30.46 -18.86
CA GLY F 151 26.04 31.61 -17.98
C GLY F 151 26.21 31.28 -16.49
N LEU F 152 26.26 29.99 -16.14
CA LEU F 152 26.47 29.54 -14.74
C LEU F 152 27.96 29.42 -14.48
N ILE F 153 28.42 29.77 -13.28
CA ILE F 153 29.83 29.49 -12.89
C ILE F 153 29.83 28.16 -12.11
N VAL F 154 30.58 27.19 -12.62
CA VAL F 154 30.59 25.80 -12.10
C VAL F 154 32.01 25.32 -12.15
N PRO F 155 32.35 24.17 -11.56
CA PRO F 155 33.75 23.75 -11.57
C PRO F 155 34.44 23.76 -12.94
N LYS F 156 33.68 23.53 -14.01
CA LYS F 156 34.18 23.50 -15.43
C LYS F 156 34.76 24.89 -15.76
N SER F 157 34.19 25.95 -15.18
CA SER F 157 34.63 27.37 -15.33
C SER F 157 36.06 27.56 -14.82
N VAL F 158 36.61 26.69 -13.97
CA VAL F 158 37.93 26.96 -13.31
C VAL F 158 38.87 25.77 -13.47
N THR F 159 38.44 24.58 -13.84
CA THR F 159 39.39 23.43 -13.91
C THR F 159 38.83 22.38 -14.85
N ASP F 160 39.66 21.39 -15.22
N ASP F 160 39.62 21.33 -15.12
CA ASP F 160 39.22 20.18 -15.95
CA ASP F 160 39.30 20.13 -15.93
C ASP F 160 38.40 19.33 -14.97
C ASP F 160 38.45 19.18 -15.06
N VAL F 161 37.16 19.04 -15.37
CA VAL F 161 36.19 18.25 -14.55
C VAL F 161 36.35 16.79 -14.93
N THR F 162 36.92 16.01 -14.00
CA THR F 162 37.06 14.53 -14.07
C THR F 162 36.24 13.89 -12.92
N ALA F 163 36.31 12.57 -12.80
CA ALA F 163 35.70 11.83 -11.67
C ALA F 163 36.18 12.43 -10.33
N LYS F 164 37.36 13.09 -10.31
CA LYS F 164 37.95 13.68 -9.08
C LYS F 164 36.95 14.63 -8.41
N ILE F 165 36.10 15.28 -9.18
CA ILE F 165 35.16 16.32 -8.72
C ILE F 165 34.06 15.69 -7.85
N GLN F 166 33.92 14.36 -7.84
CA GLN F 166 32.90 13.66 -7.00
C GLN F 166 33.46 13.53 -5.58
N CYS F 167 34.76 13.75 -5.42
CA CYS F 167 35.40 13.92 -4.10
C CYS F 167 36.03 15.31 -4.04
N LEU F 168 37.23 15.42 -3.49
CA LEU F 168 37.89 16.74 -3.34
C LEU F 168 38.97 16.88 -4.42
N ASP F 169 38.70 17.73 -5.40
CA ASP F 169 39.68 18.18 -6.42
C ASP F 169 40.14 19.55 -5.99
N PRO F 170 41.38 19.66 -5.48
CA PRO F 170 41.88 20.93 -4.97
C PRO F 170 42.11 22.02 -6.03
N SER F 171 42.01 21.69 -7.32
CA SER F 171 42.09 22.71 -8.40
C SER F 171 40.75 23.44 -8.53
N ALA F 172 39.66 22.88 -7.99
CA ALA F 172 38.30 23.43 -8.19
C ALA F 172 38.04 24.54 -7.18
N LYS F 173 38.65 25.71 -7.39
CA LYS F 173 38.55 26.85 -6.45
C LYS F 173 37.88 28.01 -7.15
N ALA F 174 37.02 28.71 -6.44
CA ALA F 174 36.40 29.92 -6.97
C ALA F 174 36.00 30.82 -5.81
N LYS F 175 35.54 32.02 -6.14
CA LYS F 175 35.00 32.99 -5.16
C LYS F 175 33.56 33.24 -5.55
N LEU F 176 32.71 33.47 -4.56
CA LEU F 176 31.27 33.75 -4.80
C LEU F 176 31.15 35.24 -5.13
N ASP F 177 31.29 35.56 -6.42
CA ASP F 177 31.37 36.97 -6.90
C ASP F 177 30.15 37.32 -7.76
N LYS F 178 29.17 36.41 -7.95
CA LYS F 178 27.94 36.70 -8.71
C LYS F 178 26.71 36.08 -8.03
N ASP F 179 25.71 36.90 -7.71
CA ASP F 179 24.40 36.46 -7.16
C ASP F 179 23.69 35.57 -8.19
N GLY F 180 23.06 34.48 -7.75
CA GLY F 180 22.19 33.65 -8.61
C GLY F 180 22.89 32.99 -9.78
N LYS F 181 24.20 32.71 -9.69
CA LYS F 181 24.91 32.09 -10.84
C LYS F 181 25.77 30.90 -10.42
N TYR F 182 26.00 30.72 -9.12
CA TYR F 182 26.85 29.63 -8.56
C TYR F 182 25.88 28.62 -7.94
N PRO F 183 25.63 27.46 -8.58
CA PRO F 183 24.64 26.52 -8.06
C PRO F 183 25.18 25.91 -6.77
N ILE F 184 24.32 25.75 -5.78
CA ILE F 184 24.73 25.09 -4.51
C ILE F 184 25.16 23.65 -4.79
N GLU F 185 24.62 22.97 -5.80
CA GLU F 185 24.91 21.54 -5.99
C GLU F 185 26.33 21.34 -6.50
N THR F 186 27.07 22.40 -6.90
CA THR F 186 28.49 22.23 -7.35
C THR F 186 29.50 22.93 -6.42
N TRP F 187 29.06 23.73 -5.45
CA TRP F 187 29.99 24.59 -4.68
C TRP F 187 29.74 24.48 -3.17
N SER F 188 30.81 24.18 -2.43
CA SER F 188 30.86 24.26 -0.96
C SER F 188 31.68 25.45 -0.52
N PRO F 189 31.33 26.04 0.64
CA PRO F 189 32.23 26.95 1.35
C PRO F 189 33.54 26.20 1.65
N ASP F 190 34.67 26.83 1.31
CA ASP F 190 36.00 26.20 1.31
C ASP F 190 36.58 26.37 2.72
N PRO F 191 36.75 25.28 3.50
CA PRO F 191 37.31 25.40 4.85
C PRO F 191 38.83 25.62 4.88
N SER F 192 39.52 25.35 3.76
CA SER F 192 40.98 25.55 3.62
C SER F 192 41.30 27.03 3.29
N ARG F 193 40.31 27.83 2.98
CA ARG F 193 40.45 29.30 2.75
C ARG F 193 39.52 30.03 3.73
N ASN F 194 38.89 31.12 3.31
CA ASN F 194 37.88 31.86 4.12
C ASN F 194 38.49 32.31 5.47
N GLU F 195 39.77 32.70 5.45
CA GLU F 195 40.44 33.24 6.66
C GLU F 195 39.77 34.55 7.06
N ASN F 196 39.16 35.27 6.11
CA ASN F 196 38.58 36.62 6.34
C ASN F 196 37.05 36.59 6.22
N THR F 197 36.45 35.40 6.37
CA THR F 197 34.99 35.16 6.33
C THR F 197 34.60 34.16 7.43
N ARG F 198 33.43 34.36 8.06
CA ARG F 198 32.75 33.35 8.92
C ARG F 198 31.55 32.82 8.15
N TYR F 199 31.45 31.49 8.06
CA TYR F 199 30.32 30.79 7.42
C TYR F 199 29.80 29.72 8.35
N PHE F 200 28.48 29.53 8.26
CA PHE F 200 27.66 28.61 9.09
C PHE F 200 26.65 27.94 8.18
N GLY F 201 26.38 26.65 8.39
CA GLY F 201 25.30 26.01 7.62
C GLY F 201 24.88 24.67 8.15
N ASN F 202 23.79 24.17 7.63
CA ASN F 202 23.30 22.84 8.01
C ASN F 202 22.48 22.32 6.83
N TYR F 203 22.41 21.03 6.78
CA TYR F 203 21.78 20.29 5.67
C TYR F 203 21.01 19.12 6.30
N TYR F 204 19.82 18.86 5.79
CA TYR F 204 18.97 17.73 6.22
C TYR F 204 18.42 17.17 4.91
N GLY F 205 18.63 15.89 4.62
CA GLY F 205 18.17 15.28 3.37
C GLY F 205 16.79 14.68 3.39
N GLY F 206 16.57 13.72 2.48
CA GLY F 206 15.27 13.06 2.30
C GLY F 206 14.40 13.71 1.25
N LEU F 207 13.46 12.92 0.74
CA LEU F 207 12.47 13.35 -0.26
C LEU F 207 11.33 14.13 0.41
N THR F 208 10.92 13.71 1.61
CA THR F 208 9.66 14.22 2.24
C THR F 208 9.87 14.62 3.69
N THR F 209 11.11 14.94 4.06
CA THR F 209 11.49 15.41 5.40
C THR F 209 10.79 16.72 5.72
N PRO F 210 10.20 16.84 6.92
CA PRO F 210 9.55 18.09 7.31
C PRO F 210 10.60 19.17 7.54
N PRO F 211 10.36 20.38 7.05
CA PRO F 211 11.27 21.50 7.34
C PRO F 211 11.13 22.00 8.77
N VAL F 212 12.22 22.55 9.31
CA VAL F 212 12.29 23.06 10.69
C VAL F 212 12.97 24.42 10.63
N LEU F 213 12.49 25.36 11.44
CA LEU F 213 13.09 26.71 11.48
C LEU F 213 12.78 27.34 12.82
N THR F 214 13.74 28.06 13.36
CA THR F 214 13.55 28.90 14.54
C THR F 214 13.75 30.35 14.12
N PHE F 215 13.14 31.28 14.86
CA PHE F 215 13.29 32.72 14.55
C PHE F 215 13.15 33.50 15.86
N THR F 216 13.88 34.59 15.93
CA THR F 216 13.95 35.46 17.13
C THR F 216 14.76 36.68 16.75
N ASN F 217 14.61 37.75 17.50
CA ASN F 217 15.47 38.95 17.30
C ASN F 217 16.40 39.08 18.51
N THR F 218 16.59 38.01 19.29
CA THR F 218 17.33 38.06 20.57
C THR F 218 18.69 37.37 20.44
N VAL F 219 19.07 36.89 19.26
CA VAL F 219 20.30 36.07 19.13
C VAL F 219 21.32 36.76 18.22
N THR F 220 22.48 37.02 18.80
CA THR F 220 23.67 37.60 18.15
C THR F 220 24.72 36.51 17.96
N THR F 221 25.32 36.43 16.79
CA THR F 221 26.49 35.55 16.55
C THR F 221 27.76 36.40 16.48
N ILE F 222 28.73 36.09 17.35
CA ILE F 222 30.05 36.77 17.42
C ILE F 222 30.87 36.29 16.22
N LEU F 223 31.56 37.20 15.53
CA LEU F 223 32.30 36.90 14.29
C LEU F 223 33.80 37.03 14.53
N LEU F 224 34.21 37.39 15.75
CA LEU F 224 35.62 37.43 16.18
C LEU F 224 36.20 36.02 16.11
N ASP F 225 37.38 35.89 15.51
CA ASP F 225 38.12 34.61 15.44
C ASP F 225 38.82 34.41 16.78
N GLU F 226 39.62 33.35 16.86
CA GLU F 226 40.32 32.90 18.09
C GLU F 226 41.33 33.97 18.54
N ASN F 227 41.69 34.95 17.70
CA ASN F 227 42.62 36.06 18.04
C ASN F 227 41.86 37.35 18.33
N GLY F 228 40.54 37.31 18.34
CA GLY F 228 39.67 38.47 18.63
C GLY F 228 39.50 39.39 17.42
N VAL F 229 39.78 38.89 16.22
CA VAL F 229 39.62 39.69 14.97
C VAL F 229 38.41 39.20 14.17
N GLY F 230 37.48 40.12 13.87
CA GLY F 230 36.37 39.89 12.92
C GLY F 230 36.83 40.00 11.48
N PRO F 231 35.95 39.66 10.51
CA PRO F 231 36.24 39.89 9.11
C PRO F 231 36.56 41.39 8.92
N LEU F 232 37.60 41.67 8.16
CA LEU F 232 38.08 43.06 7.88
C LEU F 232 37.74 43.42 6.43
N CYS F 233 36.89 44.44 6.27
CA CYS F 233 36.20 44.71 4.98
C CYS F 233 37.13 45.37 3.97
N LYS F 234 37.70 44.54 3.09
CA LYS F 234 38.59 45.02 2.01
C LYS F 234 37.79 45.94 1.08
N GLY F 235 38.38 47.08 0.75
CA GLY F 235 37.80 48.03 -0.21
C GLY F 235 36.51 48.60 0.31
N ASP F 236 36.33 48.63 1.63
CA ASP F 236 35.13 49.18 2.34
C ASP F 236 33.84 48.51 1.79
N GLY F 237 33.87 47.19 1.63
CA GLY F 237 32.69 46.37 1.30
C GLY F 237 32.46 45.28 2.33
N LEU F 238 31.21 45.10 2.74
CA LEU F 238 30.75 43.96 3.56
C LEU F 238 30.12 42.89 2.65
N PHE F 239 30.64 41.66 2.71
CA PHE F 239 30.24 40.55 1.80
C PHE F 239 29.32 39.60 2.57
N LEU F 240 28.04 39.62 2.17
CA LEU F 240 26.97 38.74 2.71
C LEU F 240 26.69 37.64 1.67
N SER F 241 26.55 36.39 2.14
CA SER F 241 26.21 35.22 1.28
C SER F 241 25.21 34.36 2.02
N CYS F 242 24.34 33.65 1.30
CA CYS F 242 23.39 32.72 1.94
C CYS F 242 22.75 31.81 0.88
N CYS F 243 22.09 30.78 1.39
CA CYS F 243 21.13 29.95 0.64
C CYS F 243 20.21 29.35 1.69
N ASP F 244 18.91 29.41 1.44
CA ASP F 244 17.91 28.88 2.38
C ASP F 244 16.85 28.08 1.61
N VAL F 245 17.17 26.82 1.28
CA VAL F 245 16.21 25.85 0.66
C VAL F 245 15.38 25.19 1.75
N MET F 246 14.06 25.29 1.62
CA MET F 246 13.08 24.77 2.62
C MET F 246 12.55 23.39 2.22
N GLY F 247 12.85 22.93 1.03
CA GLY F 247 12.26 21.73 0.42
C GLY F 247 11.64 21.99 -0.94
N TRP F 248 10.66 21.14 -1.28
CA TRP F 248 9.98 21.16 -2.60
C TRP F 248 8.50 21.42 -2.37
N PHE F 249 7.98 22.31 -3.20
CA PHE F 249 6.53 22.60 -3.37
C PHE F 249 6.00 21.70 -4.48
N THR F 250 4.78 21.20 -4.34
CA THR F 250 4.05 20.45 -5.41
C THR F 250 2.70 21.13 -5.68
N ALA F 251 2.57 21.78 -6.83
CA ALA F 251 1.31 22.34 -7.35
C ALA F 251 0.31 21.20 -7.60
N GLY F 252 -0.97 21.47 -7.35
CA GLY F 252 -2.08 20.52 -7.57
C GLY F 252 -2.28 20.17 -9.04
N SER F 253 -1.59 20.84 -9.97
CA SER F 253 -1.59 20.51 -11.43
C SER F 253 -0.91 19.17 -11.70
N GLY F 254 -0.09 18.64 -10.80
CA GLY F 254 0.62 17.38 -11.15
C GLY F 254 1.53 16.89 -10.05
N THR F 255 2.56 16.11 -10.42
CA THR F 255 3.55 15.53 -9.48
C THR F 255 4.87 16.28 -9.65
N HIS F 256 4.92 17.25 -10.58
CA HIS F 256 6.11 18.11 -10.82
C HIS F 256 6.40 18.92 -9.55
N GLN F 257 7.67 19.03 -9.19
CA GLN F 257 8.04 19.71 -7.93
C GLN F 257 8.92 20.92 -8.24
N ARG F 258 8.95 21.85 -7.31
CA ARG F 258 9.78 23.05 -7.41
C ARG F 258 10.49 23.28 -6.08
N PHE F 259 11.77 23.65 -6.15
CA PHE F 259 12.49 24.20 -4.98
C PHE F 259 11.72 25.40 -4.45
N ARG F 260 11.65 25.53 -3.12
CA ARG F 260 11.13 26.72 -2.40
C ARG F 260 12.21 27.21 -1.43
N GLY F 261 12.49 28.51 -1.51
CA GLY F 261 13.48 29.21 -0.68
C GLY F 261 12.88 30.40 0.01
N LEU F 262 13.58 30.92 1.02
CA LEU F 262 13.07 32.03 1.85
C LEU F 262 14.16 33.09 1.90
N PRO F 263 13.76 34.36 2.07
CA PRO F 263 14.74 35.42 2.23
C PRO F 263 15.47 35.33 3.57
N ARG F 264 16.68 35.91 3.62
CA ARG F 264 17.43 36.05 4.89
C ARG F 264 17.76 37.53 5.19
N TYR F 265 17.52 37.91 6.44
CA TYR F 265 17.87 39.23 7.03
C TYR F 265 19.25 39.12 7.68
N PHE F 266 20.09 40.13 7.51
CA PHE F 266 21.40 40.30 8.18
C PHE F 266 21.47 41.66 8.86
N ASN F 267 21.86 41.67 10.14
CA ASN F 267 22.23 42.91 10.86
C ASN F 267 23.64 42.73 11.41
N VAL F 268 24.62 43.38 10.76
CA VAL F 268 26.06 43.29 11.11
C VAL F 268 26.47 44.53 11.91
N GLN F 269 27.07 44.32 13.08
CA GLN F 269 27.72 45.36 13.91
C GLN F 269 29.19 45.45 13.49
N LEU F 270 29.65 46.66 13.15
CA LEU F 270 31.02 46.95 12.66
C LEU F 270 31.71 47.98 13.57
N ARG F 271 33.01 47.82 13.78
CA ARG F 271 33.85 48.83 14.49
C ARG F 271 35.04 49.14 13.57
N LYS F 272 35.71 50.26 13.80
CA LYS F 272 36.88 50.67 12.99
C LYS F 272 38.09 49.98 13.61
N ARG F 273 38.96 49.41 12.79
CA ARG F 273 40.16 48.69 13.25
C ARG F 273 41.37 49.25 12.50
N ALA F 274 42.46 49.63 13.19
CA ALA F 274 43.70 50.11 12.55
C ALA F 274 44.48 48.90 12.06
N VAL F 275 45.10 49.00 10.88
CA VAL F 275 45.91 47.95 10.23
C VAL F 275 47.21 48.55 9.67
N ARG F 276 48.25 47.74 9.54
CA ARG F 276 49.57 48.08 8.95
C ARG F 276 49.50 47.85 7.44
N ASN F 277 49.77 48.88 6.62
CA ASN F 277 49.69 48.86 5.14
C ASN F 277 50.73 47.88 4.60
N ILE G 19 9.81 45.82 40.96
CA ILE G 19 9.38 44.61 40.15
C ILE G 19 7.86 44.39 40.31
N THR G 20 7.09 44.64 39.23
CA THR G 20 5.60 44.52 39.14
C THR G 20 5.20 43.39 38.18
N GLN G 21 4.57 42.31 38.67
CA GLN G 21 4.06 41.14 37.88
C GLN G 21 2.76 41.48 37.16
N ILE G 22 2.70 41.21 35.85
CA ILE G 22 1.47 41.26 35.00
C ILE G 22 1.22 39.86 34.42
N GLU G 23 0.03 39.31 34.60
CA GLU G 23 -0.39 37.96 34.14
C GLU G 23 -1.44 38.11 33.04
N ALA G 24 -1.33 37.36 31.94
CA ALA G 24 -2.42 37.22 30.95
C ALA G 24 -2.46 35.81 30.38
N PHE G 25 -3.65 35.37 29.95
CA PHE G 25 -3.85 34.28 28.96
C PHE G 25 -4.35 34.87 27.65
N LEU G 26 -3.75 34.51 26.52
CA LEU G 26 -4.27 34.85 25.17
C LEU G 26 -4.84 33.57 24.54
N ASN G 27 -6.09 33.61 24.09
CA ASN G 27 -6.76 32.42 23.51
C ASN G 27 -6.39 32.32 22.03
N PRO G 28 -6.32 31.10 21.46
CA PRO G 28 -5.99 30.97 20.04
C PRO G 28 -7.02 31.56 19.07
N ARG G 29 -6.54 32.07 17.92
CA ARG G 29 -7.34 32.54 16.76
C ARG G 29 -7.07 31.65 15.55
N MET G 30 -7.65 30.46 15.56
CA MET G 30 -7.40 29.37 14.57
C MET G 30 -8.37 29.50 13.38
N GLY G 31 -9.29 30.47 13.44
CA GLY G 31 -10.33 30.75 12.42
C GLY G 31 -11.72 30.78 13.03
N VAL G 32 -12.05 29.82 13.89
CA VAL G 32 -13.28 29.93 14.75
C VAL G 32 -12.85 30.73 15.98
N ASN G 33 -12.98 32.05 15.88
CA ASN G 33 -12.51 33.04 16.89
C ASN G 33 -13.65 33.40 17.87
N ASP G 34 -14.84 32.78 17.74
CA ASP G 34 -16.03 33.07 18.58
C ASP G 34 -16.19 31.99 19.66
N GLU G 35 -16.22 32.40 20.93
CA GLU G 35 -16.19 31.49 22.12
C GLU G 35 -17.54 30.80 22.32
N THR G 36 -18.57 31.21 21.58
CA THR G 36 -19.92 30.58 21.59
C THR G 36 -19.99 29.48 20.52
N ASN G 37 -19.05 29.47 19.58
CA ASN G 37 -19.02 28.48 18.48
C ASN G 37 -18.52 27.12 19.01
N THR G 38 -19.19 26.04 18.65
CA THR G 38 -18.88 24.68 19.14
C THR G 38 -17.44 24.29 18.70
N TRP G 39 -16.88 24.95 17.69
CA TRP G 39 -15.51 24.61 17.17
C TRP G 39 -14.48 25.62 17.69
N TYR G 40 -14.76 26.30 18.80
CA TYR G 40 -13.82 27.32 19.34
C TYR G 40 -12.48 26.65 19.56
N GLY G 41 -11.40 27.27 19.09
CA GLY G 41 -10.03 26.77 19.29
C GLY G 41 -9.56 25.93 18.11
N PHE G 42 -10.38 25.86 17.07
CA PHE G 42 -10.12 25.14 15.81
C PHE G 42 -10.42 26.10 14.69
N SER G 43 -9.98 25.81 13.47
CA SER G 43 -10.52 26.40 12.22
C SER G 43 -11.80 25.64 11.79
N GLU G 44 -12.56 26.21 10.88
CA GLU G 44 -13.59 25.46 10.10
C GLU G 44 -12.80 24.52 9.17
N GLN G 45 -13.49 23.51 8.63
CA GLN G 45 -12.88 22.53 7.68
C GLN G 45 -12.09 23.28 6.59
N VAL G 46 -10.82 22.91 6.41
CA VAL G 46 -9.93 23.63 5.46
C VAL G 46 -10.29 23.21 4.04
N THR G 47 -10.51 24.18 3.15
CA THR G 47 -10.79 23.96 1.73
C THR G 47 -9.53 24.30 0.96
N VAL G 48 -9.39 23.72 -0.21
CA VAL G 48 -8.15 23.80 -1.04
C VAL G 48 -8.51 24.29 -2.43
N ALA G 49 -7.75 25.28 -2.91
CA ALA G 49 -7.96 25.92 -4.22
C ALA G 49 -7.84 24.86 -5.31
N THR G 50 -8.67 24.98 -6.35
CA THR G 50 -8.69 24.08 -7.53
C THR G 50 -7.87 24.74 -8.62
N ALA G 51 -7.36 25.95 -8.36
CA ALA G 51 -6.42 26.65 -9.26
C ALA G 51 -5.79 27.82 -8.53
N ARG G 52 -4.61 28.22 -8.97
CA ARG G 52 -3.82 29.33 -8.36
C ARG G 52 -4.62 30.63 -8.40
N GLU G 53 -5.34 30.87 -9.51
CA GLU G 53 -6.04 32.14 -9.82
C GLU G 53 -7.38 32.21 -9.09
N THR G 54 -7.88 31.10 -8.54
CA THR G 54 -9.21 31.02 -7.89
C THR G 54 -9.04 30.73 -6.39
N ASP G 55 -7.85 31.04 -5.88
CA ASP G 55 -7.45 30.65 -4.50
C ASP G 55 -8.03 31.63 -3.48
N ARG G 56 -9.11 31.25 -2.81
CA ARG G 56 -9.91 32.14 -1.91
C ARG G 56 -10.20 31.44 -0.62
N PRO G 57 -9.27 31.50 0.35
CA PRO G 57 -9.53 30.98 1.68
C PRO G 57 -10.59 31.80 2.42
N PRO G 58 -11.74 31.19 2.79
CA PRO G 58 -12.59 31.75 3.83
C PRO G 58 -11.83 32.08 5.13
N LYS G 59 -12.27 33.10 5.84
CA LYS G 59 -11.49 33.69 6.97
C LYS G 59 -11.48 32.71 8.15
N GLU G 60 -12.47 31.83 8.26
CA GLU G 60 -12.60 30.88 9.40
C GLU G 60 -11.69 29.66 9.21
N GLN G 61 -10.97 29.57 8.09
CA GLN G 61 -10.21 28.36 7.70
C GLN G 61 -8.69 28.57 7.82
N MET G 62 -8.25 29.74 8.29
CA MET G 62 -6.82 30.11 8.47
C MET G 62 -6.55 30.56 9.90
N PRO G 63 -5.33 30.28 10.40
CA PRO G 63 -4.96 30.73 11.74
C PRO G 63 -4.42 32.17 11.72
N TYR G 64 -4.63 32.86 12.84
CA TYR G 64 -4.28 34.28 13.06
C TYR G 64 -3.33 34.42 14.26
N TYR G 65 -2.55 35.50 14.24
CA TYR G 65 -1.86 36.03 15.43
C TYR G 65 -2.90 36.48 16.48
N SER G 66 -2.72 36.00 17.71
CA SER G 66 -3.38 36.49 18.93
C SER G 66 -2.56 37.68 19.43
N CYS G 67 -3.23 38.72 19.94
CA CYS G 67 -2.56 39.91 20.54
C CYS G 67 -3.51 40.60 21.52
N ALA G 68 -2.93 41.20 22.55
CA ALA G 68 -3.61 41.96 23.61
C ALA G 68 -2.62 43.00 24.15
N ARG G 69 -3.14 44.21 24.41
CA ARG G 69 -2.46 45.33 25.11
C ARG G 69 -2.95 45.26 26.55
N ILE G 70 -2.10 44.95 27.52
CA ILE G 70 -2.48 44.97 28.97
C ILE G 70 -2.25 46.39 29.46
N PRO G 71 -3.30 47.11 29.92
CA PRO G 71 -3.13 48.44 30.48
C PRO G 71 -2.33 48.35 31.78
N LEU G 72 -1.38 49.27 31.95
CA LEU G 72 -0.45 49.34 33.11
C LEU G 72 -0.78 50.58 33.95
N PRO G 73 -0.38 50.59 35.24
CA PRO G 73 -0.53 51.78 36.07
C PRO G 73 0.05 53.05 35.41
N LEU G 74 -0.75 54.12 35.35
CA LEU G 74 -0.32 55.46 34.83
C LEU G 74 0.87 55.91 35.70
N LEU G 75 1.95 56.39 35.10
CA LEU G 75 3.21 56.68 35.85
C LEU G 75 3.43 58.20 35.97
N ASN G 76 3.16 58.98 34.93
CA ASN G 76 3.49 60.42 34.81
C ASN G 76 2.21 61.27 34.81
N GLU G 77 2.06 62.20 35.77
CA GLU G 77 0.92 63.16 35.80
C GLU G 77 1.00 64.11 34.59
N ASP G 78 2.18 64.37 34.06
CA ASP G 78 2.41 65.46 33.06
C ASP G 78 3.47 65.01 32.05
N MET G 79 3.13 64.98 30.77
CA MET G 79 4.00 64.45 29.68
C MET G 79 4.79 65.59 28.98
N THR G 80 4.84 66.79 29.56
CA THR G 80 5.70 67.92 29.08
C THR G 80 7.07 67.86 29.76
N CYS G 81 7.22 66.97 30.76
CA CYS G 81 8.12 67.07 31.93
C CYS G 81 9.62 66.87 31.61
N ASN G 82 10.00 66.41 30.42
CA ASN G 82 11.43 66.30 30.02
C ASN G 82 12.10 65.06 30.67
N THR G 83 11.73 64.69 31.91
CA THR G 83 12.11 63.42 32.58
C THR G 83 10.85 62.65 33.01
N LEU G 84 10.67 61.42 32.48
CA LEU G 84 9.45 60.59 32.70
C LEU G 84 9.82 59.15 33.14
N LEU G 85 8.90 58.47 33.82
CA LEU G 85 8.99 57.01 34.06
C LEU G 85 8.30 56.27 32.92
N MET G 86 8.88 55.14 32.49
CA MET G 86 8.23 54.11 31.61
C MET G 86 8.37 52.75 32.28
N TRP G 87 7.38 51.89 32.07
CA TRP G 87 7.42 50.48 32.54
C TRP G 87 8.41 49.72 31.67
N GLU G 88 9.23 48.84 32.28
CA GLU G 88 10.28 48.08 31.56
C GLU G 88 10.07 46.60 31.84
N ALA G 89 9.80 45.83 30.79
CA ALA G 89 9.60 44.38 30.88
C ALA G 89 11.00 43.78 30.89
N VAL G 90 11.34 43.16 32.01
CA VAL G 90 12.73 42.65 32.25
C VAL G 90 12.77 41.15 31.94
N SER G 91 11.65 40.47 32.08
CA SER G 91 11.62 39.00 31.89
C SER G 91 10.18 38.56 31.66
N VAL G 92 10.02 37.30 31.21
CA VAL G 92 8.68 36.66 31.07
C VAL G 92 8.74 35.16 31.37
N LYS G 93 7.68 34.68 32.02
CA LYS G 93 7.37 33.24 32.16
C LYS G 93 6.19 32.95 31.23
N THR G 94 6.36 32.06 30.26
CA THR G 94 5.32 31.80 29.23
C THR G 94 5.11 30.28 29.15
N GLU G 95 3.86 29.88 28.90
CA GLU G 95 3.45 28.46 28.88
C GLU G 95 2.35 28.32 27.83
N VAL G 96 2.51 27.37 26.92
CA VAL G 96 1.37 26.88 26.09
C VAL G 96 0.66 25.84 26.95
N ILE G 97 -0.63 26.02 27.21
CA ILE G 97 -1.42 25.12 28.10
C ILE G 97 -2.25 24.14 27.25
N GLY G 98 -2.43 22.91 27.73
CA GLY G 98 -3.45 21.99 27.18
C GLY G 98 -2.89 20.90 26.25
N SER G 99 -1.58 20.68 26.24
CA SER G 99 -0.99 19.56 25.46
C SER G 99 -1.69 18.26 25.88
N ASN G 100 -2.07 18.17 27.18
CA ASN G 100 -2.78 17.04 27.81
C ASN G 100 -4.08 16.74 27.07
N THR G 101 -4.67 17.73 26.39
CA THR G 101 -5.98 17.53 25.72
C THR G 101 -5.79 16.68 24.46
N LEU G 102 -4.61 16.70 23.85
CA LEU G 102 -4.31 15.89 22.64
C LEU G 102 -4.25 14.41 23.03
N MET G 103 -4.21 14.10 24.33
CA MET G 103 -4.19 12.70 24.85
C MET G 103 -5.60 12.09 24.79
N ASN G 104 -6.58 12.85 24.29
CA ASN G 104 -7.98 12.44 24.03
C ASN G 104 -8.06 11.78 22.64
N VAL G 105 -8.20 10.47 22.61
CA VAL G 105 -8.29 9.67 21.36
C VAL G 105 -9.58 8.84 21.41
N HIS G 106 -10.55 9.26 22.24
CA HIS G 106 -11.91 8.64 22.33
C HIS G 106 -12.93 9.56 21.67
N ASP G 107 -12.56 10.76 21.23
CA ASP G 107 -13.50 11.68 20.56
C ASP G 107 -13.87 11.08 19.20
N TYR G 108 -14.79 11.74 18.51
CA TYR G 108 -15.30 11.38 17.16
C TYR G 108 -14.23 11.74 16.13
N MET G 109 -13.29 10.81 15.92
CA MET G 109 -12.04 11.00 15.14
C MET G 109 -11.86 9.79 14.19
N THR G 110 -11.05 9.95 13.15
CA THR G 110 -10.58 8.85 12.28
C THR G 110 -9.99 7.73 13.14
N ARG G 111 -10.24 6.47 12.79
CA ARG G 111 -9.56 5.36 13.50
C ARG G 111 -9.16 4.31 12.45
N THR G 112 -8.27 3.41 12.83
CA THR G 112 -7.87 2.27 12.01
C THR G 112 -8.42 1.03 12.71
N ASP G 113 -9.40 0.37 12.11
CA ASP G 113 -9.96 -0.84 12.71
C ASP G 113 -10.55 -0.43 14.08
N ASN G 114 -10.22 -1.15 15.15
CA ASN G 114 -10.70 -0.88 16.52
C ASN G 114 -9.66 -0.13 17.33
N GLY G 115 -8.68 0.49 16.65
CA GLY G 115 -7.66 1.31 17.31
C GLY G 115 -8.23 2.66 17.73
N VAL G 116 -7.38 3.44 18.37
CA VAL G 116 -7.77 4.71 19.02
C VAL G 116 -8.02 5.75 17.93
N GLY G 117 -8.69 6.84 18.29
CA GLY G 117 -8.85 8.02 17.41
C GLY G 117 -7.50 8.58 17.02
N HIS G 118 -7.30 8.94 15.76
CA HIS G 118 -6.05 9.55 15.25
C HIS G 118 -5.91 10.96 15.81
N PRO G 119 -4.91 11.22 16.68
CA PRO G 119 -4.77 12.53 17.30
C PRO G 119 -4.27 13.59 16.33
N VAL G 120 -4.26 14.82 16.83
CA VAL G 120 -3.82 16.03 16.09
C VAL G 120 -2.33 15.89 15.72
N VAL G 121 -2.06 16.08 14.43
CA VAL G 121 -0.72 15.95 13.81
C VAL G 121 -0.63 16.94 12.65
N GLY G 122 0.60 17.22 12.25
CA GLY G 122 0.93 18.08 11.09
C GLY G 122 1.87 19.19 11.50
N SER G 123 1.74 20.32 10.82
CA SER G 123 2.69 21.45 10.90
C SER G 123 2.42 22.22 12.18
N THR G 124 3.48 22.66 12.85
CA THR G 124 3.38 23.39 14.14
C THR G 124 4.01 24.77 13.91
N TYR G 125 3.41 25.76 14.52
CA TYR G 125 3.91 27.16 14.49
C TYR G 125 3.70 27.73 15.87
N HIS G 126 4.80 28.00 16.55
CA HIS G 126 4.84 28.62 17.89
C HIS G 126 5.58 29.94 17.76
N MET G 127 4.97 31.00 18.30
CA MET G 127 5.66 32.29 18.46
C MET G 127 5.01 33.03 19.63
N PHE G 128 5.83 33.77 20.35
CA PHE G 128 5.36 34.79 21.32
C PHE G 128 6.26 35.99 21.18
N ALA G 129 5.73 37.11 21.66
CA ALA G 129 6.41 38.41 21.68
C ALA G 129 5.89 39.19 22.89
N VAL G 130 6.81 39.89 23.55
CA VAL G 130 6.54 40.90 24.61
C VAL G 130 7.22 42.18 24.14
N GLY G 131 6.43 43.25 24.01
CA GLY G 131 6.85 44.55 23.47
C GLY G 131 6.20 45.68 24.25
N GLY G 132 6.74 46.89 24.09
CA GLY G 132 6.19 48.17 24.60
C GLY G 132 5.52 48.98 23.51
N GLU G 133 5.15 48.30 22.42
CA GLU G 133 4.34 48.79 21.30
C GLU G 133 3.93 47.57 20.48
N PRO G 134 3.06 47.74 19.46
CA PRO G 134 2.65 46.61 18.60
C PRO G 134 3.81 45.95 17.84
N LEU G 135 3.79 44.61 17.80
CA LEU G 135 4.79 43.81 17.04
C LEU G 135 4.81 44.32 15.60
N ASP G 136 6.00 44.62 15.09
CA ASP G 136 6.22 44.97 13.66
C ASP G 136 6.19 43.69 12.82
N LEU G 137 5.51 43.75 11.67
CA LEU G 137 5.29 42.60 10.78
C LEU G 137 5.85 42.92 9.41
N GLN G 138 6.33 41.88 8.76
CA GLN G 138 6.81 41.93 7.37
C GLN G 138 5.92 41.00 6.54
N GLY G 139 5.40 41.51 5.43
CA GLY G 139 4.53 40.77 4.51
C GLY G 139 5.33 39.82 3.63
N ILE G 140 4.84 38.59 3.52
CA ILE G 140 5.47 37.52 2.70
C ILE G 140 4.44 36.40 2.52
N GLN G 141 4.34 35.82 1.33
CA GLN G 141 3.26 34.85 1.00
C GLN G 141 3.86 33.66 0.23
N GLN G 142 3.23 32.51 0.33
CA GLN G 142 3.55 31.33 -0.52
C GLN G 142 3.08 31.57 -1.97
N SER G 143 1.97 32.29 -2.13
CA SER G 143 1.43 32.62 -3.48
C SER G 143 0.94 34.06 -3.50
N HIS G 144 1.42 34.82 -4.48
CA HIS G 144 1.00 36.24 -4.72
C HIS G 144 -0.46 36.34 -5.24
N LEU G 145 -1.02 35.26 -5.80
CA LEU G 145 -2.34 35.29 -6.48
C LEU G 145 -3.49 34.96 -5.52
N VAL G 146 -3.22 34.71 -4.23
CA VAL G 146 -4.30 34.42 -3.24
C VAL G 146 -5.24 35.64 -3.18
N GLN G 147 -6.54 35.38 -3.03
CA GLN G 147 -7.59 36.40 -2.88
C GLN G 147 -8.14 36.30 -1.47
N TYR G 148 -7.75 37.27 -0.64
CA TYR G 148 -8.01 37.28 0.82
C TYR G 148 -9.36 37.96 1.05
N PRO G 149 -10.20 37.44 1.97
CA PRO G 149 -11.54 37.99 2.19
C PRO G 149 -11.54 39.34 2.94
N GLU G 150 -12.64 40.08 2.82
CA GLU G 150 -12.83 41.43 3.43
C GLU G 150 -12.63 41.34 4.95
N GLY G 151 -11.99 42.36 5.52
CA GLY G 151 -11.88 42.53 6.98
C GLY G 151 -10.59 41.94 7.56
N LEU G 152 -9.84 41.16 6.77
CA LEU G 152 -8.50 40.67 7.17
C LEU G 152 -7.48 41.73 6.77
N ILE G 153 -6.46 41.92 7.60
CA ILE G 153 -5.30 42.75 7.21
C ILE G 153 -4.21 41.83 6.64
N VAL G 154 -3.78 42.11 5.42
CA VAL G 154 -2.88 41.25 4.59
C VAL G 154 -2.03 42.21 3.80
N PRO G 155 -0.92 41.77 3.17
CA PRO G 155 -0.07 42.68 2.41
C PRO G 155 -0.82 43.66 1.51
N LYS G 156 -1.86 43.20 0.80
CA LYS G 156 -2.65 44.03 -0.17
C LYS G 156 -3.09 45.33 0.51
N SER G 157 -3.45 45.25 1.79
CA SER G 157 -3.90 46.35 2.68
C SER G 157 -2.88 47.49 2.75
N VAL G 158 -1.58 47.26 2.49
CA VAL G 158 -0.50 48.26 2.74
C VAL G 158 0.36 48.50 1.50
N THR G 159 0.24 47.72 0.45
CA THR G 159 1.15 47.87 -0.71
C THR G 159 0.53 47.12 -1.88
N ASP G 160 1.13 47.30 -3.06
CA ASP G 160 0.83 46.59 -4.32
C ASP G 160 1.43 45.17 -4.21
N VAL G 161 0.52 44.19 -4.14
CA VAL G 161 0.87 42.75 -4.12
C VAL G 161 1.29 42.31 -5.52
N THR G 162 2.57 41.98 -5.67
CA THR G 162 3.18 41.35 -6.85
C THR G 162 3.86 40.03 -6.43
N ALA G 163 4.55 39.39 -7.36
CA ALA G 163 5.35 38.17 -7.15
C ALA G 163 6.47 38.46 -6.12
N LYS G 164 6.85 39.73 -5.94
CA LYS G 164 7.94 40.14 -5.02
C LYS G 164 7.58 39.69 -3.59
N ILE G 165 6.29 39.67 -3.28
CA ILE G 165 5.72 39.23 -1.97
C ILE G 165 5.98 37.73 -1.67
N GLN G 166 6.36 36.95 -2.69
CA GLN G 166 6.75 35.52 -2.49
C GLN G 166 8.18 35.50 -1.94
N CYS G 167 8.90 36.62 -2.04
CA CYS G 167 10.22 36.81 -1.38
C CYS G 167 10.09 37.99 -0.43
N LEU G 168 11.10 38.86 -0.32
CA LEU G 168 11.05 40.03 0.61
C LEU G 168 10.74 41.29 -0.20
N ASP G 169 9.52 41.79 -0.04
CA ASP G 169 9.05 43.11 -0.54
C ASP G 169 9.12 44.12 0.60
N PRO G 170 10.10 45.05 0.59
CA PRO G 170 10.29 45.96 1.72
C PRO G 170 9.11 46.94 1.99
N SER G 171 8.15 47.03 1.08
CA SER G 171 6.98 47.94 1.20
C SER G 171 5.91 47.31 2.07
N ALA G 172 5.97 45.99 2.26
CA ALA G 172 4.92 45.19 2.94
C ALA G 172 5.19 45.23 4.46
N LYS G 173 4.94 46.38 5.07
CA LYS G 173 5.18 46.65 6.52
C LYS G 173 3.84 46.88 7.21
N ALA G 174 3.66 46.39 8.42
CA ALA G 174 2.45 46.66 9.21
C ALA G 174 2.72 46.37 10.68
N LYS G 175 1.73 46.59 11.53
CA LYS G 175 1.87 46.34 12.97
C LYS G 175 0.69 45.47 13.38
N LEU G 176 0.96 44.50 14.26
CA LEU G 176 -0.08 43.61 14.83
C LEU G 176 -0.90 44.39 15.86
N ASP G 177 -2.01 45.01 15.41
CA ASP G 177 -2.86 45.91 16.23
C ASP G 177 -4.28 45.32 16.40
N LYS G 178 -4.59 44.17 15.79
CA LYS G 178 -5.96 43.59 15.75
C LYS G 178 -5.89 42.07 15.99
N ASP G 179 -6.49 41.57 17.07
CA ASP G 179 -6.58 40.13 17.46
C ASP G 179 -7.36 39.41 16.35
N GLY G 180 -6.87 38.25 15.96
CA GLY G 180 -7.54 37.33 15.00
C GLY G 180 -7.92 37.97 13.68
N LYS G 181 -7.12 38.89 13.14
CA LYS G 181 -7.36 39.48 11.79
C LYS G 181 -6.10 39.48 10.91
N TYR G 182 -4.92 39.27 11.50
CA TYR G 182 -3.64 39.19 10.75
C TYR G 182 -3.33 37.70 10.58
N PRO G 183 -3.46 37.14 9.36
CA PRO G 183 -3.22 35.71 9.14
C PRO G 183 -1.74 35.37 9.24
N ILE G 184 -1.39 34.31 9.97
CA ILE G 184 0.05 33.93 10.11
C ILE G 184 0.67 33.66 8.73
N GLU G 185 -0.09 33.20 7.71
CA GLU G 185 0.50 32.82 6.41
C GLU G 185 0.92 34.01 5.54
N THR G 186 0.58 35.26 5.89
CA THR G 186 1.00 36.45 5.10
C THR G 186 2.02 37.34 5.86
N TRP G 187 2.25 37.08 7.16
CA TRP G 187 2.98 37.98 8.11
C TRP G 187 4.03 37.25 8.97
N SER G 188 5.28 37.65 8.80
CA SER G 188 6.42 37.30 9.69
C SER G 188 6.71 38.47 10.63
N PRO G 189 7.15 38.19 11.87
CA PRO G 189 7.74 39.24 12.70
C PRO G 189 8.90 39.86 11.91
N ASP G 190 8.98 41.19 11.85
CA ASP G 190 9.98 41.92 11.05
C ASP G 190 11.27 41.98 11.87
N PRO G 191 12.40 41.37 11.41
CA PRO G 191 13.66 41.48 12.15
C PRO G 191 14.34 42.84 11.93
N SER G 192 13.93 43.57 10.89
CA SER G 192 14.47 44.91 10.51
C SER G 192 13.90 45.99 11.42
N ARG G 193 12.89 45.68 12.22
CA ARG G 193 12.25 46.65 13.16
C ARG G 193 12.26 45.99 14.52
N ASN G 194 11.19 46.16 15.29
CA ASN G 194 10.99 45.49 16.61
C ASN G 194 12.12 45.77 17.60
N GLU G 195 12.65 47.00 17.56
CA GLU G 195 13.71 47.45 18.49
C GLU G 195 13.13 47.45 19.91
N ASN G 196 11.82 47.63 20.08
CA ASN G 196 11.19 47.71 21.42
C ASN G 196 10.33 46.48 21.68
N THR G 197 10.58 45.38 20.94
CA THR G 197 9.90 44.08 21.15
C THR G 197 10.93 42.95 21.19
N ARG G 198 10.68 41.93 22.00
CA ARG G 198 11.42 40.63 21.88
C ARG G 198 10.43 39.59 21.37
N TYR G 199 10.77 38.90 20.29
CA TYR G 199 9.92 37.80 19.76
C TYR G 199 10.77 36.55 19.60
N PHE G 200 10.11 35.41 19.69
CA PHE G 200 10.69 34.05 19.70
C PHE G 200 9.71 33.13 18.98
N GLY G 201 10.22 32.25 18.12
CA GLY G 201 9.35 31.29 17.42
C GLY G 201 10.08 30.07 16.87
N ASN G 202 9.31 29.04 16.59
CA ASN G 202 9.79 27.81 15.94
C ASN G 202 8.64 27.29 15.07
N TYR G 203 9.04 26.71 13.97
CA TYR G 203 8.17 26.12 12.97
C TYR G 203 8.70 24.70 12.70
N TYR G 204 7.78 23.79 12.45
CA TYR G 204 8.09 22.38 12.09
C TYR G 204 7.01 21.98 11.10
N GLY G 205 7.39 21.62 9.88
CA GLY G 205 6.44 21.34 8.79
C GLY G 205 5.93 19.91 8.78
N GLY G 206 5.47 19.51 7.60
CA GLY G 206 4.97 18.15 7.31
C GLY G 206 3.48 18.04 7.47
N LEU G 207 2.90 17.03 6.83
CA LEU G 207 1.45 16.75 6.81
C LEU G 207 1.05 16.03 8.12
N THR G 208 1.86 15.10 8.62
CA THR G 208 1.43 14.19 9.73
C THR G 208 2.47 14.14 10.84
N THR G 209 3.31 15.17 10.93
CA THR G 209 4.38 15.29 11.94
C THR G 209 3.76 15.26 13.32
N PRO G 210 4.27 14.46 14.28
CA PRO G 210 3.71 14.51 15.62
C PRO G 210 4.07 15.83 16.27
N PRO G 211 3.12 16.47 16.98
CA PRO G 211 3.47 17.68 17.74
C PRO G 211 4.23 17.35 19.03
N VAL G 212 4.94 18.34 19.52
CA VAL G 212 5.88 18.25 20.66
C VAL G 212 5.68 19.50 21.50
N LEU G 213 5.62 19.33 22.81
CA LEU G 213 5.50 20.46 23.75
C LEU G 213 6.17 20.09 25.06
N THR G 214 6.80 21.08 25.66
CA THR G 214 7.30 21.01 27.04
C THR G 214 6.57 22.08 27.85
N PHE G 215 6.41 21.83 29.15
CA PHE G 215 5.76 22.79 30.07
C PHE G 215 6.40 22.68 31.45
N THR G 216 6.49 23.83 32.10
CA THR G 216 7.04 23.98 33.46
C THR G 216 6.68 25.38 33.94
N ASN G 217 6.62 25.56 35.25
CA ASN G 217 6.50 26.89 35.88
C ASN G 217 7.86 27.37 36.39
N THR G 218 8.99 26.78 35.93
CA THR G 218 10.34 27.07 36.48
C THR G 218 11.23 27.83 35.49
N VAL G 219 10.79 28.16 34.29
CA VAL G 219 11.71 28.77 33.28
C VAL G 219 11.28 30.22 33.04
N THR G 220 12.23 31.15 33.14
CA THR G 220 12.04 32.60 32.87
C THR G 220 12.91 33.01 31.69
N THR G 221 12.36 33.78 30.76
CA THR G 221 13.12 34.38 29.63
C THR G 221 13.43 35.84 29.95
N ILE G 222 14.69 36.23 29.78
CA ILE G 222 15.19 37.60 30.03
C ILE G 222 14.85 38.42 28.77
N LEU G 223 14.29 39.63 28.94
CA LEU G 223 13.84 40.46 27.78
C LEU G 223 14.81 41.61 27.59
N LEU G 224 15.84 41.71 28.44
CA LEU G 224 16.90 42.75 28.38
C LEU G 224 17.68 42.55 27.08
N ASP G 225 17.92 43.64 26.35
CA ASP G 225 18.75 43.62 25.12
C ASP G 225 20.22 43.65 25.56
N GLU G 226 21.12 43.80 24.59
CA GLU G 226 22.58 43.76 24.83
C GLU G 226 22.96 44.94 25.73
N ASN G 227 22.15 46.01 25.78
CA ASN G 227 22.44 47.20 26.64
C ASN G 227 21.78 47.07 28.02
N GLY G 228 21.17 45.93 28.34
CA GLY G 228 20.44 45.76 29.61
C GLY G 228 19.10 46.48 29.62
N VAL G 229 18.55 46.84 28.46
CA VAL G 229 17.25 47.56 28.36
C VAL G 229 16.18 46.57 27.85
N GLY G 230 15.13 46.41 28.63
CA GLY G 230 13.96 45.60 28.26
C GLY G 230 12.98 46.44 27.44
N PRO G 231 11.91 45.83 26.88
CA PRO G 231 10.86 46.61 26.25
C PRO G 231 10.34 47.68 27.23
N LEU G 232 10.24 48.90 26.70
CA LEU G 232 9.68 50.11 27.36
C LEU G 232 8.27 50.41 26.81
N CYS G 233 7.30 50.40 27.70
CA CYS G 233 5.85 50.38 27.39
C CYS G 233 5.37 51.80 27.11
N LYS G 234 5.38 52.17 25.84
CA LYS G 234 4.72 53.40 25.34
C LYS G 234 3.24 53.39 25.79
N GLY G 235 2.74 54.57 26.15
CA GLY G 235 1.34 54.75 26.59
C GLY G 235 0.96 53.86 27.75
N ASP G 236 1.92 53.38 28.55
CA ASP G 236 1.63 52.52 29.74
C ASP G 236 0.75 51.32 29.33
N GLY G 237 1.08 50.75 28.17
CA GLY G 237 0.53 49.48 27.65
C GLY G 237 1.62 48.44 27.39
N LEU G 238 1.36 47.21 27.81
CA LEU G 238 2.22 46.02 27.54
C LEU G 238 1.61 45.22 26.41
N PHE G 239 2.35 45.04 25.33
CA PHE G 239 1.90 44.35 24.08
C PHE G 239 2.34 42.89 24.10
N LEU G 240 1.36 41.99 24.15
CA LEU G 240 1.54 40.51 24.21
C LEU G 240 1.00 39.95 22.90
N SER G 241 1.78 39.09 22.23
CA SER G 241 1.48 38.57 20.87
C SER G 241 1.82 37.08 20.84
N CYS G 242 1.04 36.24 20.15
CA CYS G 242 1.37 34.80 20.06
C CYS G 242 0.62 34.08 18.93
N CYS G 243 1.06 32.85 18.66
CA CYS G 243 0.37 31.85 17.81
C CYS G 243 0.95 30.48 18.19
N ASP G 244 0.07 29.53 18.46
CA ASP G 244 0.43 28.16 18.89
C ASP G 244 -0.49 27.18 18.14
N VAL G 245 -0.22 27.01 16.86
CA VAL G 245 -0.79 25.93 16.00
C VAL G 245 -0.16 24.59 16.41
N MET G 246 -0.98 23.62 16.81
CA MET G 246 -0.53 22.27 17.20
C MET G 246 -0.55 21.32 15.99
N GLY G 247 -1.20 21.68 14.89
CA GLY G 247 -1.41 20.78 13.75
C GLY G 247 -2.87 20.72 13.33
N TRP G 248 -3.31 19.59 12.75
CA TRP G 248 -4.68 19.43 12.17
C TRP G 248 -5.40 18.29 12.89
N PHE G 249 -6.64 18.57 13.29
CA PHE G 249 -7.62 17.60 13.84
C PHE G 249 -8.42 17.01 12.68
N THR G 250 -8.73 15.72 12.71
CA THR G 250 -9.64 15.14 11.69
C THR G 250 -10.82 14.48 12.40
N ALA G 251 -12.00 15.06 12.21
CA ALA G 251 -13.27 14.51 12.74
C ALA G 251 -13.63 13.21 12.00
N GLY G 252 -14.25 12.27 12.72
CA GLY G 252 -14.64 10.94 12.21
C GLY G 252 -15.72 11.00 11.15
N SER G 253 -16.28 12.18 10.90
CA SER G 253 -17.26 12.43 9.81
C SER G 253 -16.59 12.35 8.43
N GLY G 254 -15.26 12.39 8.34
CA GLY G 254 -14.66 12.50 7.00
C GLY G 254 -13.15 12.67 7.04
N THR G 255 -12.59 13.20 5.95
CA THR G 255 -11.14 13.43 5.78
C THR G 255 -10.84 14.93 5.83
N HIS G 256 -11.86 15.77 5.98
CA HIS G 256 -11.76 17.24 6.18
C HIS G 256 -10.96 17.53 7.45
N GLN G 257 -10.02 18.47 7.36
CA GLN G 257 -9.13 18.75 8.53
C GLN G 257 -9.35 20.15 9.07
N ARG G 258 -9.12 20.33 10.37
CA ARG G 258 -9.18 21.65 11.04
C ARG G 258 -7.85 21.92 11.73
N PHE G 259 -7.31 23.14 11.60
CA PHE G 259 -6.27 23.66 12.52
C PHE G 259 -6.72 23.47 13.97
N ARG G 260 -5.81 23.04 14.86
CA ARG G 260 -6.02 22.99 16.33
C ARG G 260 -4.92 23.82 16.98
N GLY G 261 -5.34 24.77 17.83
CA GLY G 261 -4.43 25.74 18.50
C GLY G 261 -4.62 25.68 19.99
N LEU G 262 -3.66 26.22 20.75
CA LEU G 262 -3.72 26.12 22.22
C LEU G 262 -3.49 27.52 22.80
N PRO G 263 -4.06 27.81 23.99
CA PRO G 263 -3.87 29.11 24.63
C PRO G 263 -2.44 29.26 25.16
N ARG G 264 -1.99 30.51 25.28
CA ARG G 264 -0.68 30.85 25.87
C ARG G 264 -0.84 31.78 27.08
N TYR G 265 -0.28 31.35 28.21
CA TYR G 265 -0.06 32.12 29.46
C TYR G 265 1.21 32.97 29.34
N PHE G 266 1.08 34.20 29.81
CA PHE G 266 2.21 35.14 30.05
C PHE G 266 2.20 35.62 31.51
N ASN G 267 3.41 35.80 32.06
CA ASN G 267 3.62 36.46 33.37
C ASN G 267 4.90 37.27 33.23
N VAL G 268 4.75 38.56 32.94
CA VAL G 268 5.83 39.53 32.69
C VAL G 268 6.17 40.23 34.02
N GLN G 269 7.48 40.35 34.32
CA GLN G 269 8.00 41.13 35.46
C GLN G 269 8.39 42.50 34.92
N LEU G 270 7.84 43.57 35.49
CA LEU G 270 8.08 44.97 35.03
C LEU G 270 8.89 45.70 36.10
N ARG G 271 9.60 46.76 35.72
CA ARG G 271 10.24 47.70 36.66
C ARG G 271 10.10 49.10 36.06
N LYS G 272 10.12 50.14 36.91
CA LYS G 272 10.01 51.55 36.47
C LYS G 272 11.39 51.97 35.96
N ARG G 273 11.43 52.63 34.83
CA ARG G 273 12.71 53.17 34.28
C ARG G 273 12.51 54.64 33.96
N ALA G 274 13.46 55.48 34.40
CA ALA G 274 13.47 56.91 34.07
C ALA G 274 13.99 57.05 32.65
N VAL G 275 13.38 57.92 31.85
CA VAL G 275 13.77 58.21 30.44
C VAL G 275 13.68 59.71 30.22
N ARG G 276 14.41 60.23 29.22
CA ARG G 276 14.33 61.62 28.70
C ARG G 276 13.08 61.75 27.83
N ILE H 19 19.02 18.61 56.22
CA ILE H 19 18.31 18.03 55.03
C ILE H 19 17.65 16.69 55.42
N THR H 20 16.31 16.61 55.37
CA THR H 20 15.48 15.39 55.51
C THR H 20 15.11 14.83 54.13
N GLN H 21 15.21 13.50 53.94
CA GLN H 21 14.93 12.81 52.65
C GLN H 21 13.58 12.10 52.77
N ILE H 22 12.72 12.29 51.78
CA ILE H 22 11.40 11.60 51.60
C ILE H 22 11.45 10.85 50.26
N GLU H 23 11.26 9.54 50.31
CA GLU H 23 11.22 8.59 49.17
C GLU H 23 9.77 8.15 48.99
N ALA H 24 9.23 8.14 47.77
CA ALA H 24 7.94 7.50 47.44
C ALA H 24 7.97 6.98 46.00
N PHE H 25 7.22 5.91 45.71
CA PHE H 25 6.83 5.50 44.35
C PHE H 25 5.34 5.82 44.20
N LEU H 26 4.95 6.50 43.12
CA LEU H 26 3.53 6.63 42.70
C LEU H 26 3.30 5.65 41.53
N ASN H 27 2.31 4.78 41.68
CA ASN H 27 1.88 3.79 40.67
C ASN H 27 1.01 4.55 39.67
N PRO H 28 1.09 4.19 38.36
CA PRO H 28 0.28 4.86 37.35
C PRO H 28 -1.22 4.53 37.51
N ARG H 29 -2.07 5.45 37.07
CA ARG H 29 -3.54 5.37 37.02
C ARG H 29 -3.97 5.49 35.55
N MET H 30 -3.78 4.41 34.79
CA MET H 30 -4.00 4.37 33.30
C MET H 30 -5.45 4.05 32.96
N GLY H 31 -6.28 3.74 33.95
CA GLY H 31 -7.72 3.47 33.78
C GLY H 31 -8.12 2.26 34.58
N VAL H 32 -7.33 1.19 34.49
CA VAL H 32 -7.40 0.01 35.40
C VAL H 32 -6.55 0.37 36.61
N ASN H 33 -7.21 0.89 37.66
CA ASN H 33 -6.57 1.50 38.85
C ASN H 33 -6.55 0.49 40.01
N ASP H 34 -7.06 -0.73 39.82
CA ASP H 34 -7.15 -1.76 40.88
C ASP H 34 -5.98 -2.74 40.69
N GLU H 35 -5.17 -2.90 41.72
CA GLU H 35 -3.88 -3.63 41.70
C GLU H 35 -4.11 -5.14 41.66
N THR H 36 -5.35 -5.63 41.78
CA THR H 36 -5.69 -7.08 41.69
C THR H 36 -6.23 -7.40 40.29
N ASN H 37 -6.56 -6.39 39.49
CA ASN H 37 -6.98 -6.56 38.08
C ASN H 37 -5.78 -6.99 37.20
N THR H 38 -5.95 -8.00 36.36
CA THR H 38 -4.94 -8.58 35.43
C THR H 38 -4.34 -7.52 34.48
N TRP H 39 -5.06 -6.42 34.20
CA TRP H 39 -4.63 -5.30 33.31
C TRP H 39 -4.18 -4.06 34.11
N TYR H 40 -3.72 -4.24 35.34
CA TYR H 40 -3.21 -3.12 36.20
C TYR H 40 -2.01 -2.50 35.47
N GLY H 41 -2.00 -1.17 35.40
CA GLY H 41 -0.92 -0.40 34.76
C GLY H 41 -1.24 -0.12 33.30
N PHE H 42 -2.43 -0.57 32.85
CA PHE H 42 -2.99 -0.27 31.53
C PHE H 42 -4.37 0.33 31.72
N SER H 43 -4.92 0.89 30.64
CA SER H 43 -6.36 1.15 30.48
C SER H 43 -7.10 -0.13 30.03
N GLU H 44 -8.44 -0.08 30.09
CA GLU H 44 -9.30 -1.06 29.40
C GLU H 44 -9.25 -0.71 27.91
N GLN H 45 -9.75 -1.59 27.05
CA GLN H 45 -9.70 -1.35 25.58
C GLN H 45 -10.38 -0.02 25.29
N VAL H 46 -9.66 0.88 24.63
CA VAL H 46 -10.14 2.25 24.31
C VAL H 46 -11.21 2.11 23.25
N THR H 47 -12.42 2.61 23.54
CA THR H 47 -13.53 2.77 22.58
C THR H 47 -13.51 4.22 22.11
N VAL H 48 -14.13 4.46 20.96
CA VAL H 48 -14.12 5.77 20.26
C VAL H 48 -15.56 6.14 19.90
N ALA H 49 -15.90 7.39 20.13
CA ALA H 49 -17.24 8.00 19.90
C ALA H 49 -17.62 7.76 18.44
N THR H 50 -18.90 7.43 18.21
CA THR H 50 -19.49 7.35 16.85
C THR H 50 -20.09 8.72 16.51
N ALA H 51 -20.08 9.65 17.46
CA ALA H 51 -20.57 11.04 17.25
C ALA H 51 -20.12 11.93 18.42
N ARG H 52 -19.91 13.20 18.12
CA ARG H 52 -19.52 14.26 19.09
C ARG H 52 -20.48 14.25 20.28
N GLU H 53 -21.78 14.06 20.01
CA GLU H 53 -22.90 14.22 20.99
C GLU H 53 -23.05 12.96 21.85
N THR H 54 -22.43 11.84 21.47
CA THR H 54 -22.60 10.54 22.14
C THR H 54 -21.27 10.09 22.75
N ASP H 55 -20.33 11.02 22.92
CA ASP H 55 -18.93 10.79 23.34
C ASP H 55 -18.86 10.51 24.84
N ARG H 56 -18.72 9.26 25.23
CA ARG H 56 -18.93 8.83 26.64
C ARG H 56 -17.82 7.85 26.97
N PRO H 57 -16.63 8.34 27.36
CA PRO H 57 -15.56 7.42 27.77
C PRO H 57 -15.82 6.76 29.11
N PRO H 58 -15.97 5.42 29.16
CA PRO H 58 -15.91 4.71 30.43
C PRO H 58 -14.63 5.07 31.21
N LYS H 59 -14.74 5.14 32.52
CA LYS H 59 -13.67 5.67 33.40
C LYS H 59 -12.41 4.81 33.18
N GLU H 60 -12.55 3.52 32.86
CA GLU H 60 -11.38 2.60 32.80
C GLU H 60 -10.54 2.83 31.53
N GLN H 61 -10.95 3.72 30.63
CA GLN H 61 -10.40 3.79 29.25
C GLN H 61 -9.50 5.04 29.09
N MET H 62 -9.25 5.78 30.18
CA MET H 62 -8.61 7.11 30.21
C MET H 62 -7.56 7.18 31.31
N PRO H 63 -6.40 7.81 31.05
CA PRO H 63 -5.38 7.95 32.08
C PRO H 63 -5.66 9.13 33.02
N TYR H 64 -5.23 8.94 34.26
CA TYR H 64 -5.39 9.93 35.37
C TYR H 64 -4.01 10.39 35.87
N TYR H 65 -3.99 11.61 36.40
CA TYR H 65 -3.00 12.11 37.38
C TYR H 65 -2.90 11.17 38.59
N SER H 66 -1.68 10.76 38.92
CA SER H 66 -1.31 10.13 40.20
C SER H 66 -1.01 11.28 41.16
N CYS H 67 -1.41 11.16 42.42
CA CYS H 67 -0.98 12.09 43.50
C CYS H 67 -0.95 11.38 44.86
N ALA H 68 -0.22 11.98 45.79
CA ALA H 68 0.08 11.44 47.13
C ALA H 68 0.55 12.60 48.01
N ARG H 69 -0.03 12.72 49.20
CA ARG H 69 0.42 13.67 50.25
C ARG H 69 1.27 12.84 51.20
N ILE H 70 2.54 13.17 51.35
CA ILE H 70 3.42 12.49 52.34
C ILE H 70 3.34 13.32 53.61
N PRO H 71 2.87 12.72 54.73
CA PRO H 71 2.85 13.43 56.01
C PRO H 71 4.30 13.57 56.50
N LEU H 72 4.64 14.77 56.98
CA LEU H 72 6.01 15.16 57.44
C LEU H 72 5.99 15.43 58.94
N PRO H 73 7.15 15.29 59.62
CA PRO H 73 7.22 15.37 61.08
C PRO H 73 6.73 16.72 61.60
N LEU H 74 5.91 16.74 62.66
CA LEU H 74 5.42 17.96 63.37
C LEU H 74 6.64 18.82 63.73
N LEU H 75 6.57 20.12 63.44
CA LEU H 75 7.68 21.09 63.65
C LEU H 75 7.36 21.99 64.85
N ASN H 76 6.08 22.39 64.97
CA ASN H 76 5.58 23.47 65.85
C ASN H 76 4.68 22.89 66.96
N GLU H 77 5.12 22.97 68.22
CA GLU H 77 4.35 22.56 69.44
C GLU H 77 3.08 23.42 69.53
N ASP H 78 3.22 24.74 69.60
CA ASP H 78 2.09 25.70 69.60
C ASP H 78 1.93 26.26 68.19
N MET H 79 0.69 26.27 67.66
CA MET H 79 0.32 26.89 66.34
C MET H 79 0.05 28.39 66.54
N THR H 80 0.08 28.85 67.79
CA THR H 80 -0.18 30.27 68.18
C THR H 80 0.98 31.15 67.66
N CYS H 81 2.19 30.92 68.20
CA CYS H 81 3.49 31.59 67.92
C CYS H 81 3.52 32.29 66.56
N ASN H 82 3.83 33.59 66.52
CA ASN H 82 3.84 34.46 65.31
C ASN H 82 5.04 34.11 64.40
N THR H 83 5.98 33.31 64.89
CA THR H 83 7.13 32.76 64.14
C THR H 83 7.05 31.23 64.18
N LEU H 84 6.89 30.58 63.01
CA LEU H 84 6.75 29.10 62.87
C LEU H 84 7.84 28.53 61.95
N LEU H 85 8.15 27.24 62.10
CA LEU H 85 8.99 26.45 61.19
C LEU H 85 8.11 25.78 60.13
N MET H 86 8.64 25.63 58.91
CA MET H 86 7.99 24.82 57.84
C MET H 86 9.03 23.97 57.12
N TRP H 87 8.59 22.82 56.61
CA TRP H 87 9.40 21.98 55.70
C TRP H 87 9.48 22.69 54.35
N GLU H 88 10.71 22.83 53.84
CA GLU H 88 11.03 23.48 52.54
C GLU H 88 11.64 22.40 51.65
N ALA H 89 10.99 22.12 50.52
CA ALA H 89 11.50 21.18 49.50
C ALA H 89 12.61 21.91 48.74
N VAL H 90 13.84 21.43 48.81
CA VAL H 90 14.98 22.15 48.16
C VAL H 90 15.28 21.51 46.82
N SER H 91 15.06 20.21 46.68
CA SER H 91 15.49 19.43 45.48
C SER H 91 14.77 18.08 45.42
N VAL H 92 14.74 17.51 44.20
CA VAL H 92 14.08 16.20 43.98
C VAL H 92 14.91 15.43 42.98
N LYS H 93 15.17 14.15 43.28
CA LYS H 93 15.60 13.14 42.30
C LYS H 93 14.36 12.33 41.92
N THR H 94 14.05 12.25 40.63
CA THR H 94 12.83 11.60 40.12
C THR H 94 13.22 10.70 38.94
N GLU H 95 12.52 9.58 38.80
CA GLU H 95 12.81 8.51 37.83
C GLU H 95 11.48 7.88 37.42
N VAL H 96 11.29 7.70 36.11
CA VAL H 96 10.24 6.79 35.58
C VAL H 96 10.85 5.41 35.48
N ILE H 97 10.26 4.42 36.14
CA ILE H 97 10.84 3.05 36.18
C ILE H 97 10.09 2.15 35.18
N GLY H 98 10.80 1.23 34.53
CA GLY H 98 10.18 0.10 33.79
C GLY H 98 10.21 0.25 32.28
N SER H 99 11.03 1.15 31.73
CA SER H 99 11.10 1.27 30.24
C SER H 99 11.59 -0.06 29.67
N ASN H 100 12.39 -0.77 30.46
CA ASN H 100 12.93 -2.12 30.17
C ASN H 100 11.77 -3.08 29.84
N THR H 101 10.58 -2.89 30.40
CA THR H 101 9.44 -3.81 30.21
C THR H 101 8.97 -3.75 28.75
N LEU H 102 9.12 -2.60 28.08
CA LEU H 102 8.67 -2.41 26.67
C LEU H 102 9.60 -3.15 25.72
N MET H 103 10.70 -3.71 26.20
CA MET H 103 11.61 -4.57 25.39
C MET H 103 11.06 -6.02 25.28
N ASN H 104 9.94 -6.29 25.95
CA ASN H 104 9.21 -7.56 25.83
C ASN H 104 8.40 -7.51 24.53
N VAL H 105 8.78 -8.30 23.54
CA VAL H 105 8.02 -8.35 22.25
C VAL H 105 7.63 -9.81 21.99
N HIS H 106 7.47 -10.59 23.07
CA HIS H 106 7.07 -12.02 22.97
C HIS H 106 5.67 -12.18 23.53
N ASP H 107 5.11 -11.13 24.15
CA ASP H 107 3.77 -11.19 24.76
C ASP H 107 2.76 -11.43 23.64
N TYR H 108 1.51 -11.67 23.99
CA TYR H 108 0.42 -11.91 23.02
C TYR H 108 0.03 -10.56 22.39
N MET H 109 0.70 -10.21 21.28
CA MET H 109 0.67 -8.86 20.63
C MET H 109 0.54 -9.02 19.10
N THR H 110 0.22 -7.92 18.40
CA THR H 110 0.19 -7.88 16.93
C THR H 110 1.58 -8.19 16.43
N ARG H 111 1.67 -8.89 15.31
CA ARG H 111 2.99 -9.09 14.67
C ARG H 111 2.82 -9.03 13.16
N THR H 112 3.93 -8.83 12.45
CA THR H 112 3.97 -8.87 10.99
C THR H 112 4.65 -10.19 10.62
N ASP H 113 3.91 -11.08 10.00
CA ASP H 113 4.49 -12.35 9.53
C ASP H 113 5.06 -13.00 10.79
N ASN H 114 6.31 -13.44 10.74
CA ASN H 114 6.99 -14.15 11.86
C ASN H 114 7.85 -13.18 12.67
N GLY H 115 7.67 -11.88 12.48
CA GLY H 115 8.42 -10.84 13.21
C GLY H 115 7.96 -10.74 14.67
N VAL H 116 8.58 -9.82 15.41
CA VAL H 116 8.38 -9.71 16.88
C VAL H 116 7.03 -9.05 17.15
N GLY H 117 6.51 -9.20 18.36
CA GLY H 117 5.32 -8.44 18.77
C GLY H 117 5.55 -6.95 18.67
N HIS H 118 4.55 -6.23 18.17
CA HIS H 118 4.59 -4.77 18.01
C HIS H 118 4.55 -4.13 19.38
N PRO H 119 5.64 -3.44 19.80
CA PRO H 119 5.68 -2.87 21.15
C PRO H 119 4.85 -1.58 21.29
N VAL H 120 4.73 -1.13 22.53
CA VAL H 120 3.96 0.07 22.90
C VAL H 120 4.50 1.27 22.12
N VAL H 121 3.62 2.00 21.46
CA VAL H 121 3.96 3.21 20.68
C VAL H 121 2.76 4.13 20.72
N GLY H 122 3.00 5.37 20.32
CA GLY H 122 1.99 6.42 20.23
C GLY H 122 2.34 7.60 21.11
N SER H 123 1.32 8.30 21.57
CA SER H 123 1.45 9.61 22.25
C SER H 123 2.00 9.43 23.66
N THR H 124 2.91 10.30 24.05
CA THR H 124 3.54 10.27 25.38
C THR H 124 3.18 11.57 26.10
N TYR H 125 2.98 11.43 27.40
CA TYR H 125 2.69 12.54 28.33
C TYR H 125 3.40 12.21 29.65
N HIS H 126 4.39 13.02 29.98
CA HIS H 126 5.20 12.90 31.21
C HIS H 126 5.08 14.20 31.98
N MET H 127 4.80 14.08 33.28
CA MET H 127 4.78 15.25 34.18
C MET H 127 5.03 14.75 35.59
N PHE H 128 5.77 15.56 36.34
CA PHE H 128 5.87 15.43 37.81
C PHE H 128 5.77 16.83 38.40
N ALA H 129 5.36 16.86 39.67
CA ALA H 129 5.22 18.09 40.46
C ALA H 129 5.56 17.74 41.90
N VAL H 130 6.26 18.66 42.57
CA VAL H 130 6.54 18.64 44.04
C VAL H 130 6.12 19.99 44.60
N GLY H 131 5.19 19.98 45.55
CA GLY H 131 4.48 21.17 46.08
C GLY H 131 4.21 21.02 47.58
N GLY H 132 3.96 22.14 48.24
CA GLY H 132 3.65 22.20 49.69
C GLY H 132 2.16 22.29 49.87
N GLU H 133 1.41 22.04 48.79
CA GLU H 133 -0.06 21.94 48.77
C GLU H 133 -0.44 21.19 47.50
N PRO H 134 -1.72 20.79 47.35
CA PRO H 134 -2.15 20.10 46.14
C PRO H 134 -1.87 20.95 44.89
N LEU H 135 -1.44 20.28 43.82
CA LEU H 135 -1.15 20.91 42.51
C LEU H 135 -2.37 21.67 42.02
N ASP H 136 -2.17 22.87 41.48
CA ASP H 136 -3.25 23.69 40.86
C ASP H 136 -3.47 23.18 39.43
N LEU H 137 -4.74 22.89 39.06
CA LEU H 137 -5.15 22.42 37.71
C LEU H 137 -6.02 23.47 37.02
N GLN H 138 -5.76 23.69 35.73
CA GLN H 138 -6.60 24.47 34.80
C GLN H 138 -7.32 23.48 33.87
N GLY H 139 -8.66 23.43 33.95
CA GLY H 139 -9.50 22.64 33.03
C GLY H 139 -9.41 23.13 31.59
N ILE H 140 -9.32 22.19 30.65
CA ILE H 140 -9.29 22.52 29.19
C ILE H 140 -9.51 21.19 28.46
N GLN H 141 -10.19 21.23 27.32
CA GLN H 141 -10.74 19.99 26.69
C GLN H 141 -10.57 20.04 25.18
N GLN H 142 -10.40 18.86 24.56
CA GLN H 142 -10.39 18.77 23.07
C GLN H 142 -11.82 18.99 22.55
N SER H 143 -12.82 18.45 23.26
CA SER H 143 -14.25 18.60 22.91
C SER H 143 -15.06 18.96 24.15
N HIS H 144 -15.90 19.98 24.02
CA HIS H 144 -16.77 20.49 25.10
C HIS H 144 -18.00 19.60 25.31
N LEU H 145 -18.29 18.67 24.38
CA LEU H 145 -19.52 17.84 24.38
C LEU H 145 -19.29 16.48 25.05
N VAL H 146 -18.08 16.18 25.50
CA VAL H 146 -17.80 14.86 26.15
C VAL H 146 -18.67 14.71 27.41
N GLN H 147 -19.24 13.53 27.63
CA GLN H 147 -20.05 13.21 28.83
C GLN H 147 -19.23 12.26 29.69
N TYR H 148 -18.61 12.78 30.75
CA TYR H 148 -17.68 12.02 31.61
C TYR H 148 -18.48 11.21 32.62
N PRO H 149 -18.04 9.98 32.96
CA PRO H 149 -18.75 9.16 33.94
C PRO H 149 -18.74 9.78 35.34
N GLU H 150 -19.79 9.51 36.13
CA GLU H 150 -19.95 10.08 37.48
C GLU H 150 -18.79 9.53 38.31
N GLY H 151 -18.36 10.26 39.34
CA GLY H 151 -17.26 9.81 40.22
C GLY H 151 -15.90 10.35 39.77
N LEU H 152 -15.76 10.74 38.50
CA LEU H 152 -14.57 11.46 37.96
C LEU H 152 -14.69 12.93 38.32
N ILE H 153 -13.58 13.55 38.73
CA ILE H 153 -13.51 15.03 38.88
C ILE H 153 -13.00 15.59 37.55
N VAL H 154 -13.81 16.45 36.94
CA VAL H 154 -13.61 17.00 35.57
C VAL H 154 -14.06 18.44 35.64
N PRO H 155 -13.84 19.28 34.60
CA PRO H 155 -14.23 20.68 34.67
C PRO H 155 -15.70 20.90 35.05
N LYS H 156 -16.58 19.99 34.61
CA LYS H 156 -18.03 20.04 34.97
C LYS H 156 -18.13 20.18 36.49
N SER H 157 -17.23 19.54 37.25
CA SER H 157 -17.24 19.43 38.74
C SER H 157 -17.00 20.79 39.40
N VAL H 158 -16.66 21.83 38.63
CA VAL H 158 -16.24 23.14 39.20
C VAL H 158 -16.75 24.30 38.36
N THR H 159 -17.34 24.07 37.20
CA THR H 159 -17.83 25.20 36.38
C THR H 159 -18.74 24.71 35.25
N ASP H 160 -19.24 25.67 34.48
CA ASP H 160 -20.17 25.49 33.33
C ASP H 160 -19.33 25.14 32.10
N VAL H 161 -19.40 23.89 31.64
CA VAL H 161 -18.64 23.42 30.44
C VAL H 161 -19.40 23.88 29.18
N THR H 162 -18.88 24.90 28.53
CA THR H 162 -19.27 25.39 27.20
C THR H 162 -18.09 25.24 26.25
N ALA H 163 -18.20 25.82 25.04
CA ALA H 163 -17.16 25.82 24.00
C ALA H 163 -15.89 26.46 24.57
N LYS H 164 -16.06 27.40 25.49
CA LYS H 164 -14.95 28.13 26.17
C LYS H 164 -13.87 27.12 26.59
N ILE H 165 -14.26 25.93 27.05
CA ILE H 165 -13.32 24.94 27.66
C ILE H 165 -12.36 24.39 26.58
N GLN H 166 -12.58 24.68 25.30
CA GLN H 166 -11.67 24.18 24.22
C GLN H 166 -10.48 25.14 24.12
N CYS H 167 -10.56 26.29 24.80
CA CYS H 167 -9.44 27.24 25.01
C CYS H 167 -9.29 27.52 26.50
N LEU H 168 -8.94 28.74 26.90
CA LEU H 168 -8.76 29.04 28.34
C LEU H 168 -10.06 29.65 28.89
N ASP H 169 -10.76 28.90 29.73
CA ASP H 169 -11.90 29.40 30.54
C ASP H 169 -11.37 29.62 31.94
N PRO H 170 -11.16 30.89 32.35
CA PRO H 170 -10.60 31.22 33.66
C PRO H 170 -11.31 30.59 34.87
N SER H 171 -12.56 30.13 34.74
CA SER H 171 -13.32 29.60 35.90
C SER H 171 -13.00 28.13 36.16
N ALA H 172 -12.30 27.46 35.23
CA ALA H 172 -12.08 25.98 35.28
C ALA H 172 -10.86 25.70 36.15
N LYS H 173 -11.00 25.88 37.48
CA LYS H 173 -9.90 25.78 38.48
C LYS H 173 -10.21 24.64 39.46
N ALA H 174 -9.21 23.82 39.76
CA ALA H 174 -9.34 22.74 40.75
C ALA H 174 -7.98 22.51 41.35
N LYS H 175 -7.89 21.56 42.28
CA LYS H 175 -6.62 21.11 42.88
C LYS H 175 -6.61 19.59 42.79
N LEU H 176 -5.44 19.01 42.58
CA LEU H 176 -5.27 17.55 42.44
C LEU H 176 -5.26 16.97 43.86
N ASP H 177 -6.45 16.60 44.36
CA ASP H 177 -6.64 16.11 45.75
C ASP H 177 -7.10 14.65 45.78
N LYS H 178 -7.35 14.02 44.61
CA LYS H 178 -7.75 12.60 44.50
C LYS H 178 -6.88 11.92 43.45
N ASP H 179 -6.16 10.87 43.84
CA ASP H 179 -5.38 9.97 42.95
C ASP H 179 -6.36 9.22 42.04
N GLY H 180 -6.02 9.05 40.77
CA GLY H 180 -6.76 8.20 39.82
C GLY H 180 -8.18 8.66 39.54
N LYS H 181 -8.48 9.97 39.66
CA LYS H 181 -9.86 10.49 39.49
C LYS H 181 -9.88 11.78 38.64
N TYR H 182 -8.75 12.47 38.47
CA TYR H 182 -8.63 13.66 37.58
C TYR H 182 -8.02 13.21 36.26
N PRO H 183 -8.78 13.25 35.14
CA PRO H 183 -8.26 12.78 33.85
C PRO H 183 -7.31 13.80 33.24
N ILE H 184 -6.18 13.29 32.78
CA ILE H 184 -5.13 14.16 32.15
C ILE H 184 -5.80 14.88 30.98
N GLU H 185 -6.74 14.25 30.26
CA GLU H 185 -7.26 14.88 29.02
C GLU H 185 -8.09 16.14 29.30
N THR H 186 -8.51 16.42 30.55
CA THR H 186 -9.28 17.65 30.89
C THR H 186 -8.52 18.64 31.77
N TRP H 187 -7.33 18.31 32.26
CA TRP H 187 -6.61 19.11 33.30
C TRP H 187 -5.14 19.35 32.92
N SER H 188 -4.74 20.61 32.78
CA SER H 188 -3.34 21.11 32.71
C SER H 188 -2.89 21.64 34.07
N PRO H 189 -1.61 21.43 34.47
CA PRO H 189 -1.02 22.21 35.58
C PRO H 189 -1.23 23.70 35.25
N ASP H 190 -1.71 24.45 36.25
CA ASP H 190 -2.11 25.87 36.10
C ASP H 190 -0.89 26.75 36.33
N PRO H 191 -0.39 27.43 35.28
CA PRO H 191 0.80 28.27 35.38
C PRO H 191 0.47 29.63 36.04
N SER H 192 -0.82 29.93 36.21
CA SER H 192 -1.28 31.18 36.86
C SER H 192 -1.32 30.98 38.39
N ARG H 193 -1.14 29.76 38.89
CA ARG H 193 -1.05 29.47 40.34
C ARG H 193 0.20 28.66 40.59
N ASN H 194 0.13 27.64 41.45
CA ASN H 194 1.31 26.80 41.78
C ASN H 194 2.52 27.69 42.16
N GLU H 195 2.28 28.82 42.85
CA GLU H 195 3.34 29.62 43.53
C GLU H 195 4.10 28.71 44.50
N ASN H 196 3.47 27.68 45.05
CA ASN H 196 4.08 26.83 46.10
C ASN H 196 4.26 25.41 45.60
N THR H 197 4.32 25.25 44.27
CA THR H 197 4.63 23.97 43.58
C THR H 197 5.61 24.20 42.41
N ARG H 198 6.51 23.26 42.16
CA ARG H 198 7.23 23.23 40.85
C ARG H 198 6.71 22.03 40.07
N TYR H 199 6.36 22.26 38.81
CA TYR H 199 5.94 21.19 37.89
C TYR H 199 6.75 21.28 36.58
N PHE H 200 6.88 20.12 35.96
CA PHE H 200 7.71 19.88 34.77
C PHE H 200 7.00 18.84 33.94
N GLY H 201 6.90 19.04 32.62
CA GLY H 201 6.43 17.96 31.76
C GLY H 201 6.76 18.14 30.30
N ASN H 202 6.45 17.08 29.56
CA ASN H 202 6.63 17.08 28.09
C ASN H 202 5.54 16.19 27.49
N TYR H 203 5.22 16.53 26.25
CA TYR H 203 4.23 15.84 25.42
C TYR H 203 4.82 15.63 24.03
N TYR H 204 4.53 14.47 23.45
CA TYR H 204 4.93 14.09 22.09
C TYR H 204 3.72 13.31 21.55
N GLY H 205 3.09 13.79 20.48
CA GLY H 205 1.87 13.20 19.89
C GLY H 205 2.14 12.10 18.85
N GLY H 206 1.16 11.90 17.97
CA GLY H 206 1.19 10.87 16.90
C GLY H 206 0.57 9.55 17.34
N LEU H 207 0.16 8.75 16.37
CA LEU H 207 -0.54 7.47 16.60
C LEU H 207 0.48 6.40 16.95
N THR H 208 1.65 6.41 16.28
CA THR H 208 2.62 5.28 16.34
C THR H 208 4.04 5.77 16.63
N THR H 209 4.21 6.95 17.20
CA THR H 209 5.53 7.54 17.52
C THR H 209 6.24 6.62 18.50
N PRO H 210 7.56 6.36 18.32
CA PRO H 210 8.26 5.55 19.31
C PRO H 210 8.37 6.30 20.63
N PRO H 211 8.19 5.62 21.77
CA PRO H 211 8.48 6.23 23.07
C PRO H 211 9.98 6.30 23.38
N VAL H 212 10.35 7.28 24.18
CA VAL H 212 11.74 7.64 24.55
C VAL H 212 11.77 7.86 26.06
N LEU H 213 12.75 7.28 26.75
CA LEU H 213 12.97 7.55 28.17
C LEU H 213 14.46 7.53 28.50
N THR H 214 14.86 8.37 29.43
CA THR H 214 16.19 8.31 30.03
C THR H 214 16.00 8.01 31.52
N PHE H 215 16.98 7.35 32.10
CA PHE H 215 16.94 7.03 33.55
C PHE H 215 18.36 7.07 34.10
N THR H 216 18.47 7.42 35.37
CA THR H 216 19.75 7.61 36.08
C THR H 216 19.45 7.98 37.54
N ASN H 217 20.41 7.75 38.42
CA ASN H 217 20.26 8.10 39.86
C ASN H 217 21.22 9.26 40.17
N THR H 218 21.65 10.02 39.14
CA THR H 218 22.71 11.06 39.28
C THR H 218 22.18 12.47 39.06
N VAL H 219 20.90 12.61 38.75
CA VAL H 219 20.34 13.93 38.39
C VAL H 219 19.39 14.40 39.50
N THR H 220 19.70 15.57 40.05
CA THR H 220 18.88 16.30 41.05
C THR H 220 18.30 17.53 40.36
N THR H 221 17.02 17.79 40.57
CA THR H 221 16.35 19.04 40.12
C THR H 221 16.20 19.94 41.36
N ILE H 222 16.70 21.17 41.28
CA ILE H 222 16.62 22.18 42.37
C ILE H 222 15.20 22.72 42.29
N LEU H 223 14.52 22.82 43.44
CA LEU H 223 13.09 23.24 43.50
C LEU H 223 13.00 24.69 43.95
N LEU H 224 14.12 25.34 44.29
CA LEU H 224 14.16 26.74 44.77
C LEU H 224 13.73 27.66 43.62
N ASP H 225 12.95 28.68 43.93
CA ASP H 225 12.46 29.69 42.96
C ASP H 225 13.52 30.79 42.79
N GLU H 226 13.18 31.88 42.08
CA GLU H 226 14.12 32.98 41.75
C GLU H 226 14.63 33.63 43.05
N ASN H 227 13.84 33.64 44.13
CA ASN H 227 14.20 34.26 45.43
C ASN H 227 14.87 33.25 46.36
N GLY H 228 15.09 32.01 45.92
CA GLY H 228 15.82 30.97 46.67
C GLY H 228 14.92 30.22 47.65
N VAL H 229 13.60 30.18 47.40
CA VAL H 229 12.58 29.54 48.29
C VAL H 229 12.00 28.28 47.63
N GLY H 230 12.09 27.15 48.33
CA GLY H 230 11.45 25.88 47.93
C GLY H 230 9.94 25.94 48.15
N PRO H 231 9.18 24.99 47.59
CA PRO H 231 7.85 24.66 48.12
C PRO H 231 7.88 24.54 49.65
N LEU H 232 6.95 25.24 50.31
CA LEU H 232 6.76 25.27 51.79
C LEU H 232 5.53 24.43 52.18
N CYS H 233 5.75 23.37 52.95
CA CYS H 233 4.77 22.26 53.17
C CYS H 233 3.75 22.68 54.22
N LYS H 234 2.59 23.14 53.75
CA LYS H 234 1.43 23.44 54.64
C LYS H 234 0.91 22.14 55.23
N GLY H 235 0.45 22.22 56.49
CA GLY H 235 -0.13 21.07 57.23
C GLY H 235 0.89 19.98 57.43
N ASP H 236 2.19 20.28 57.38
CA ASP H 236 3.28 19.27 57.40
C ASP H 236 2.95 18.16 56.38
N GLY H 237 2.51 18.56 55.19
CA GLY H 237 2.27 17.68 54.02
C GLY H 237 3.15 18.01 52.82
N LEU H 238 3.78 17.00 52.24
CA LEU H 238 4.53 17.10 50.95
C LEU H 238 3.67 16.49 49.85
N PHE H 239 3.32 17.26 48.82
CA PHE H 239 2.37 16.89 47.74
C PHE H 239 3.15 16.49 46.47
N LEU H 240 3.15 15.18 46.14
CA LEU H 240 3.74 14.61 44.90
C LEU H 240 2.64 14.35 43.86
N SER H 241 2.88 14.72 42.61
CA SER H 241 1.91 14.54 41.49
C SER H 241 2.66 14.00 40.26
N CYS H 242 2.02 13.17 39.42
CA CYS H 242 2.68 12.69 38.19
C CYS H 242 1.69 12.02 37.23
N CYS H 243 2.14 11.89 35.99
CA CYS H 243 1.50 10.99 34.98
C CYS H 243 2.59 10.61 33.99
N ASP H 244 2.74 9.32 33.69
CA ASP H 244 3.74 8.81 32.72
C ASP H 244 3.04 7.82 31.76
N VAL H 245 2.40 8.39 30.74
CA VAL H 245 1.83 7.68 29.56
C VAL H 245 2.95 7.40 28.57
N MET H 246 3.17 6.12 28.30
CA MET H 246 4.22 5.59 27.40
C MET H 246 3.69 5.38 25.98
N GLY H 247 2.37 5.43 25.76
CA GLY H 247 1.72 5.12 24.48
C GLY H 247 0.66 4.05 24.64
N TRP H 248 0.35 3.33 23.55
CA TRP H 248 -0.70 2.27 23.50
C TRP H 248 -0.09 0.89 23.25
N PHE H 249 -0.57 -0.09 24.02
CA PHE H 249 -0.40 -1.55 23.85
C PHE H 249 -1.53 -2.08 22.96
N THR H 250 -1.20 -3.02 22.08
CA THR H 250 -2.16 -3.75 21.21
C THR H 250 -1.98 -5.25 21.44
N ALA H 251 -2.95 -5.83 22.13
CA ALA H 251 -3.05 -7.28 22.30
C ALA H 251 -3.28 -7.97 20.94
N GLY H 252 -2.69 -9.15 20.80
CA GLY H 252 -2.81 -10.06 19.64
C GLY H 252 -4.20 -10.56 19.37
N SER H 253 -5.16 -10.34 20.26
CA SER H 253 -6.58 -10.75 20.12
C SER H 253 -7.30 -9.81 19.14
N GLY H 254 -6.72 -8.67 18.76
CA GLY H 254 -7.40 -7.71 17.87
C GLY H 254 -6.60 -6.46 17.58
N THR H 255 -7.29 -5.41 17.18
CA THR H 255 -6.73 -4.08 16.88
C THR H 255 -7.14 -3.08 17.97
N HIS H 256 -7.89 -3.51 19.01
CA HIS H 256 -8.15 -2.71 20.21
C HIS H 256 -6.86 -2.37 20.97
N GLN H 257 -6.80 -1.17 21.53
CA GLN H 257 -5.59 -0.60 22.15
C GLN H 257 -5.88 -0.21 23.59
N ARG H 258 -4.83 -0.24 24.40
CA ARG H 258 -4.83 0.14 25.83
C ARG H 258 -3.70 1.14 26.07
N PHE H 259 -3.97 2.26 26.75
CA PHE H 259 -2.93 3.10 27.38
C PHE H 259 -2.00 2.21 28.21
N ARG H 260 -0.71 2.57 28.22
CA ARG H 260 0.30 1.91 29.07
C ARG H 260 1.03 3.02 29.82
N GLY H 261 1.17 2.86 31.14
CA GLY H 261 1.85 3.83 32.00
C GLY H 261 2.89 3.15 32.84
N LEU H 262 3.79 3.90 33.45
CA LEU H 262 4.86 3.34 34.29
C LEU H 262 4.88 4.09 35.62
N PRO H 263 5.34 3.44 36.69
CA PRO H 263 5.49 4.11 37.98
C PRO H 263 6.62 5.17 37.98
N ARG H 264 6.51 6.13 38.89
CA ARG H 264 7.54 7.18 39.09
C ARG H 264 8.03 7.21 40.53
N TYR H 265 9.36 7.26 40.71
CA TYR H 265 10.05 7.42 42.02
C TYR H 265 10.31 8.91 42.25
N PHE H 266 10.10 9.34 43.50
CA PHE H 266 10.50 10.66 44.04
C PHE H 266 11.37 10.47 45.29
N ASN H 267 12.45 11.24 45.37
CA ASN H 267 13.35 11.40 46.54
C ASN H 267 13.54 12.91 46.68
N VAL H 268 12.81 13.50 47.62
CA VAL H 268 12.78 14.97 47.87
C VAL H 268 13.62 15.27 49.11
N GLN H 269 14.52 16.24 49.03
CA GLN H 269 15.30 16.77 50.18
C GLN H 269 14.59 18.02 50.70
N LEU H 270 14.31 18.07 52.01
CA LEU H 270 13.65 19.20 52.69
C LEU H 270 14.56 19.71 53.82
N ARG H 271 14.43 20.98 54.11
CA ARG H 271 15.14 21.62 55.24
C ARG H 271 14.07 22.43 55.98
N LYS H 272 14.37 22.83 57.21
CA LYS H 272 13.43 23.66 58.03
C LYS H 272 13.60 25.13 57.64
N ARG H 273 12.50 25.82 57.41
CA ARG H 273 12.53 27.26 57.10
C ARG H 273 11.63 27.98 58.11
N ALA H 274 12.14 29.07 58.69
CA ALA H 274 11.35 29.91 59.64
C ALA H 274 10.48 30.84 58.82
N VAL H 275 9.21 30.99 59.22
CA VAL H 275 8.20 31.84 58.51
C VAL H 275 7.44 32.68 59.53
N ARG H 276 6.87 33.82 59.09
CA ARG H 276 5.94 34.67 59.88
C ARG H 276 4.52 34.49 59.34
N ILE I 19 45.06 7.95 41.16
CA ILE I 19 44.34 7.28 40.06
C ILE I 19 44.96 5.89 39.84
N THR I 20 44.25 4.84 40.27
CA THR I 20 44.36 3.44 39.79
C THR I 20 43.33 3.25 38.66
N GLN I 21 43.76 2.86 37.46
CA GLN I 21 42.87 2.60 36.29
C GLN I 21 42.45 1.13 36.32
N ILE I 22 41.15 0.83 36.23
CA ILE I 22 40.58 -0.53 35.92
C ILE I 22 39.92 -0.45 34.54
N GLU I 23 40.23 -1.39 33.65
CA GLU I 23 39.49 -1.49 32.35
C GLU I 23 38.94 -2.89 32.17
N ALA I 24 37.84 -2.98 31.43
CA ALA I 24 37.12 -4.22 31.09
C ALA I 24 36.25 -3.98 29.85
N PHE I 25 36.00 -5.06 29.12
CA PHE I 25 34.90 -5.20 28.14
C PHE I 25 33.88 -6.19 28.69
N LEU I 26 32.61 -5.82 28.67
CA LEU I 26 31.50 -6.73 28.98
C LEU I 26 30.81 -7.08 27.66
N ASN I 27 30.81 -8.36 27.35
CA ASN I 27 30.13 -8.91 26.17
C ASN I 27 28.63 -8.89 26.41
N PRO I 28 27.83 -8.62 25.37
CA PRO I 28 26.39 -8.63 25.49
C PRO I 28 25.84 -10.06 25.68
N ARG I 29 24.69 -10.14 26.32
CA ARG I 29 23.96 -11.39 26.61
C ARG I 29 22.58 -11.23 26.01
N MET I 30 22.48 -11.55 24.72
CA MET I 30 21.28 -11.25 23.91
C MET I 30 20.37 -12.48 23.88
N GLY I 31 20.75 -13.58 24.55
CA GLY I 31 19.99 -14.84 24.53
C GLY I 31 20.88 -16.00 24.10
N VAL I 32 21.63 -15.83 23.01
CA VAL I 32 22.76 -16.72 22.66
C VAL I 32 24.00 -16.20 23.41
N ASN I 33 24.33 -16.81 24.55
CA ASN I 33 25.35 -16.35 25.54
C ASN I 33 26.61 -17.22 25.44
N ASP I 34 26.63 -18.16 24.49
CA ASP I 34 27.72 -19.13 24.30
C ASP I 34 28.58 -18.60 23.17
N GLU I 35 29.81 -18.21 23.49
CA GLU I 35 30.77 -17.62 22.52
C GLU I 35 31.10 -18.58 21.37
N THR I 36 30.76 -19.88 21.44
CA THR I 36 31.05 -20.86 20.36
C THR I 36 29.84 -21.01 19.44
N ASN I 37 28.69 -20.51 19.85
CA ASN I 37 27.43 -20.58 19.07
C ASN I 37 27.48 -19.52 17.94
N THR I 38 27.17 -19.95 16.71
CA THR I 38 27.31 -19.17 15.45
C THR I 38 26.48 -17.87 15.52
N TRP I 39 25.48 -17.78 16.39
CA TRP I 39 24.66 -16.56 16.60
C TRP I 39 25.01 -15.81 17.91
N TYR I 40 26.20 -15.99 18.46
CA TYR I 40 26.68 -15.21 19.62
C TYR I 40 26.50 -13.70 19.33
N GLY I 41 25.97 -12.94 20.30
CA GLY I 41 25.73 -11.48 20.20
C GLY I 41 24.33 -11.17 19.67
N PHE I 42 23.56 -12.21 19.41
CA PHE I 42 22.17 -12.12 19.00
C PHE I 42 21.36 -13.01 19.92
N SER I 43 20.05 -12.89 19.84
CA SER I 43 19.10 -13.87 20.41
C SER I 43 18.84 -14.99 19.38
N GLU I 44 18.21 -16.09 19.80
CA GLU I 44 17.59 -17.06 18.88
C GLU I 44 16.37 -16.35 18.28
N GLN I 45 15.81 -16.86 17.19
CA GLN I 45 14.63 -16.25 16.52
C GLN I 45 13.54 -16.05 17.57
N VAL I 46 12.98 -14.86 17.60
CA VAL I 46 11.99 -14.49 18.65
C VAL I 46 10.61 -15.06 18.29
N THR I 47 10.03 -15.83 19.21
CA THR I 47 8.66 -16.38 19.05
C THR I 47 7.76 -15.53 19.93
N VAL I 48 6.48 -15.56 19.61
CA VAL I 48 5.44 -14.65 20.15
C VAL I 48 4.29 -15.53 20.64
N ALA I 49 3.77 -15.24 21.84
CA ALA I 49 2.66 -15.96 22.48
C ALA I 49 1.42 -15.86 21.61
N THR I 50 0.60 -16.93 21.60
CA THR I 50 -0.74 -16.99 20.94
C THR I 50 -1.84 -16.73 21.99
N ALA I 51 -1.45 -16.56 23.24
CA ALA I 51 -2.37 -16.15 24.33
C ALA I 51 -1.55 -15.71 25.55
N ARG I 52 -2.12 -14.82 26.35
CA ARG I 52 -1.51 -14.34 27.61
C ARG I 52 -1.09 -15.53 28.50
N GLU I 53 -1.86 -16.62 28.55
CA GLU I 53 -1.71 -17.69 29.58
C GLU I 53 -0.72 -18.74 29.13
N THR I 54 -0.30 -18.68 27.86
CA THR I 54 0.65 -19.66 27.27
C THR I 54 1.93 -18.94 26.85
N ASP I 55 2.23 -17.80 27.50
CA ASP I 55 3.34 -16.90 27.11
C ASP I 55 4.61 -17.43 27.76
N ARG I 56 5.40 -18.18 26.99
CA ARG I 56 6.57 -18.94 27.53
C ARG I 56 7.78 -18.67 26.64
N PRO I 57 8.49 -17.54 26.88
CA PRO I 57 9.71 -17.25 26.15
C PRO I 57 10.85 -18.18 26.51
N PRO I 58 11.36 -18.98 25.56
CA PRO I 58 12.60 -19.70 25.77
C PRO I 58 13.68 -18.69 26.19
N LYS I 59 14.67 -19.16 26.93
CA LYS I 59 15.72 -18.29 27.52
C LYS I 59 16.63 -17.68 26.42
N GLU I 60 16.79 -18.36 25.27
CA GLU I 60 17.69 -17.88 24.20
C GLU I 60 17.04 -16.73 23.40
N GLN I 61 15.79 -16.34 23.69
CA GLN I 61 15.01 -15.38 22.86
C GLN I 61 14.87 -14.03 23.57
N MET I 62 15.58 -13.84 24.68
CA MET I 62 15.47 -12.58 25.47
C MET I 62 16.86 -12.07 25.78
N PRO I 63 17.06 -10.73 25.79
CA PRO I 63 18.32 -10.17 26.26
C PRO I 63 18.40 -10.00 27.79
N TYR I 64 19.62 -10.12 28.29
CA TYR I 64 19.95 -10.08 29.73
C TYR I 64 20.89 -8.91 30.04
N TYR I 65 20.93 -8.52 31.31
CA TYR I 65 21.98 -7.63 31.86
C TYR I 65 23.29 -8.38 31.83
N SER I 66 24.35 -7.70 31.41
CA SER I 66 25.74 -8.16 31.61
C SER I 66 26.20 -7.60 32.96
N CYS I 67 27.01 -8.34 33.72
CA CYS I 67 27.73 -7.80 34.87
C CYS I 67 29.03 -8.56 35.09
N ALA I 68 29.97 -7.90 35.75
CA ALA I 68 31.27 -8.43 36.19
C ALA I 68 31.63 -7.76 37.51
N ARG I 69 32.35 -8.49 38.36
CA ARG I 69 33.03 -7.96 39.57
C ARG I 69 34.51 -7.88 39.21
N ILE I 70 35.12 -6.70 39.22
CA ILE I 70 36.61 -6.63 39.04
C ILE I 70 37.24 -6.69 40.43
N PRO I 71 38.08 -7.72 40.73
CA PRO I 71 38.81 -7.77 41.99
C PRO I 71 39.86 -6.65 42.02
N LEU I 72 39.98 -5.99 43.17
CA LEU I 72 40.88 -4.83 43.39
C LEU I 72 41.94 -5.21 44.39
N PRO I 73 43.11 -4.54 44.40
CA PRO I 73 44.13 -4.80 45.42
C PRO I 73 43.55 -4.68 46.84
N LEU I 74 43.95 -5.58 47.74
CA LEU I 74 43.67 -5.50 49.21
C LEU I 74 44.35 -4.23 49.74
N LEU I 75 43.65 -3.47 50.59
CA LEU I 75 44.20 -2.19 51.15
C LEU I 75 44.55 -2.35 52.64
N ASN I 76 43.76 -3.14 53.38
CA ASN I 76 43.76 -3.23 54.86
C ASN I 76 44.35 -4.56 55.33
N GLU I 77 45.38 -4.51 56.20
CA GLU I 77 45.99 -5.69 56.86
C GLU I 77 45.19 -6.09 58.11
N ASP I 78 44.22 -5.29 58.60
CA ASP I 78 43.40 -5.65 59.80
C ASP I 78 42.06 -4.91 59.82
N MET I 79 40.95 -5.62 59.58
CA MET I 79 39.57 -5.04 59.56
C MET I 79 39.02 -4.88 60.98
N THR I 80 39.87 -5.02 62.01
CA THR I 80 39.55 -4.61 63.41
C THR I 80 39.69 -3.09 63.52
N CYS I 81 40.72 -2.53 62.87
CA CYS I 81 41.10 -1.09 62.89
C CYS I 81 39.86 -0.21 62.71
N ASN I 82 39.74 0.87 63.50
CA ASN I 82 38.53 1.73 63.52
C ASN I 82 38.54 2.65 62.29
N THR I 83 39.69 2.86 61.64
CA THR I 83 39.77 3.62 60.35
C THR I 83 40.41 2.75 59.28
N LEU I 84 39.71 2.63 58.14
CA LEU I 84 40.08 1.74 57.00
C LEU I 84 40.14 2.54 55.68
N LEU I 85 40.84 1.97 54.69
CA LEU I 85 40.95 2.46 53.30
C LEU I 85 39.98 1.64 52.43
N MET I 86 39.16 2.31 51.62
CA MET I 86 38.37 1.65 50.55
C MET I 86 38.73 2.29 49.19
N TRP I 87 38.67 1.48 48.14
CA TRP I 87 38.74 1.96 46.73
C TRP I 87 37.46 2.72 46.43
N GLU I 88 37.61 3.97 45.96
CA GLU I 88 36.50 4.90 45.61
C GLU I 88 36.58 5.15 44.11
N ALA I 89 35.50 4.86 43.37
CA ALA I 89 35.41 5.06 41.91
C ALA I 89 35.08 6.53 41.66
N VAL I 90 35.96 7.29 41.04
CA VAL I 90 35.70 8.76 40.92
C VAL I 90 35.12 9.07 39.56
N SER I 91 35.43 8.28 38.54
CA SER I 91 34.99 8.57 37.15
C SER I 91 35.11 7.31 36.30
N VAL I 92 34.46 7.37 35.15
CA VAL I 92 34.45 6.27 34.16
C VAL I 92 34.40 6.88 32.75
N LYS I 93 35.20 6.30 31.85
CA LYS I 93 35.02 6.40 30.39
C LYS I 93 34.37 5.11 29.91
N THR I 94 33.27 5.21 29.19
CA THR I 94 32.54 4.00 28.73
C THR I 94 32.18 4.21 27.27
N GLU I 95 32.13 3.11 26.53
CA GLU I 95 31.96 3.17 25.08
C GLU I 95 31.20 1.93 24.64
N VAL I 96 30.21 2.09 23.78
CA VAL I 96 29.62 0.92 23.07
C VAL I 96 30.43 0.71 21.79
N ILE I 97 31.02 -0.48 21.63
CA ILE I 97 31.87 -0.78 20.44
C ILE I 97 31.03 -1.51 19.39
N GLY I 98 31.28 -1.27 18.10
CA GLY I 98 30.69 -2.10 17.03
C GLY I 98 29.51 -1.51 16.27
N SER I 99 29.16 -0.23 16.46
CA SER I 99 28.12 0.43 15.60
C SER I 99 28.49 0.28 14.11
N ASN I 100 29.78 0.35 13.80
CA ASN I 100 30.36 0.11 12.46
C ASN I 100 29.83 -1.20 11.85
N THR I 101 29.59 -2.26 12.65
CA THR I 101 29.23 -3.58 12.11
C THR I 101 27.86 -3.52 11.43
N LEU I 102 27.00 -2.58 11.86
CA LEU I 102 25.62 -2.40 11.35
C LEU I 102 25.61 -1.80 9.94
N MET I 103 26.76 -1.28 9.50
CA MET I 103 26.97 -0.75 8.12
C MET I 103 27.19 -1.91 7.13
N ASN I 104 27.21 -3.16 7.61
CA ASN I 104 27.17 -4.39 6.80
C ASN I 104 25.74 -4.60 6.29
N VAL I 105 25.49 -4.38 5.01
CA VAL I 105 24.14 -4.63 4.41
C VAL I 105 24.30 -5.60 3.23
N HIS I 106 25.33 -6.45 3.25
CA HIS I 106 25.54 -7.50 2.22
C HIS I 106 25.30 -8.89 2.83
N ASP I 107 25.06 -8.96 4.14
CA ASP I 107 24.84 -10.26 4.81
C ASP I 107 23.53 -10.82 4.28
N TYR I 108 23.26 -12.07 4.57
CA TYR I 108 21.99 -12.73 4.18
C TYR I 108 20.83 -12.15 4.99
N MET I 109 20.21 -11.12 4.40
CA MET I 109 19.22 -10.22 5.06
C MET I 109 18.07 -9.97 4.08
N THR I 110 16.91 -9.58 4.60
CA THR I 110 15.76 -9.12 3.78
C THR I 110 16.27 -8.05 2.84
N ARG I 111 15.76 -7.99 1.61
CA ARG I 111 16.01 -6.81 0.74
C ARG I 111 14.76 -6.44 -0.03
N THR I 112 14.75 -5.23 -0.55
CA THR I 112 13.71 -4.73 -1.46
C THR I 112 14.29 -4.70 -2.88
N ASP I 113 13.79 -5.55 -3.78
CA ASP I 113 14.24 -5.59 -5.19
C ASP I 113 15.75 -5.81 -5.18
N ASN I 114 16.56 -4.98 -5.86
CA ASN I 114 18.03 -5.16 -5.87
C ASN I 114 18.69 -4.21 -4.88
N GLY I 115 17.95 -3.65 -3.92
CA GLY I 115 18.52 -2.77 -2.87
C GLY I 115 19.33 -3.53 -1.84
N VAL I 116 19.91 -2.80 -0.90
CA VAL I 116 20.81 -3.37 0.15
C VAL I 116 20.00 -4.22 1.14
N GLY I 117 20.71 -5.07 1.88
CA GLY I 117 20.15 -5.83 3.00
C GLY I 117 19.61 -4.86 4.05
N HIS I 118 18.42 -5.14 4.59
CA HIS I 118 17.77 -4.25 5.59
C HIS I 118 18.52 -4.37 6.92
N PRO I 119 19.14 -3.27 7.42
CA PRO I 119 19.99 -3.34 8.60
C PRO I 119 19.14 -3.42 9.87
N VAL I 120 19.84 -3.66 10.98
CA VAL I 120 19.25 -3.77 12.33
C VAL I 120 18.50 -2.49 12.66
N VAL I 121 17.22 -2.63 13.00
CA VAL I 121 16.35 -1.53 13.46
C VAL I 121 15.36 -2.03 14.52
N GLY I 122 14.74 -1.08 15.21
CA GLY I 122 13.74 -1.36 16.25
C GLY I 122 14.11 -0.72 17.56
N SER I 123 13.65 -1.32 18.66
CA SER I 123 13.81 -0.77 20.02
C SER I 123 15.28 -0.87 20.48
N THR I 124 15.75 0.18 21.13
CA THR I 124 17.10 0.22 21.73
C THR I 124 16.97 0.45 23.24
N TYR I 125 17.86 -0.22 23.98
CA TYR I 125 17.96 -0.12 25.45
C TYR I 125 19.42 -0.05 25.81
N HIS I 126 19.88 1.09 26.31
CA HIS I 126 21.29 1.26 26.73
C HIS I 126 21.32 1.52 28.22
N MET I 127 22.15 0.80 28.97
CA MET I 127 22.38 1.15 30.39
C MET I 127 23.76 0.71 30.82
N PHE I 128 24.38 1.47 31.71
CA PHE I 128 25.65 1.03 32.33
C PHE I 128 25.56 1.44 33.79
N ALA I 129 26.33 0.76 34.62
CA ALA I 129 26.42 1.03 36.06
C ALA I 129 27.83 0.73 36.53
N VAL I 130 28.31 1.55 37.45
CA VAL I 130 29.56 1.38 38.20
C VAL I 130 29.20 1.50 39.68
N GLY I 131 29.49 0.48 40.48
CA GLY I 131 29.14 0.47 41.91
C GLY I 131 30.18 -0.28 42.72
N GLY I 132 30.13 -0.10 44.04
CA GLY I 132 31.01 -0.81 45.01
C GLY I 132 30.34 -2.05 45.59
N GLU I 133 29.17 -2.39 45.05
CA GLU I 133 28.44 -3.67 45.30
C GLU I 133 27.55 -3.93 44.09
N PRO I 134 26.88 -5.09 44.00
CA PRO I 134 25.98 -5.38 42.88
C PRO I 134 24.86 -4.34 42.72
N LEU I 135 24.50 -4.00 41.48
CA LEU I 135 23.34 -3.12 41.17
C LEU I 135 22.11 -3.70 41.85
N ASP I 136 21.34 -2.82 42.48
CA ASP I 136 20.00 -3.11 43.03
C ASP I 136 18.98 -3.04 41.90
N LEU I 137 18.17 -4.09 41.76
CA LEU I 137 17.16 -4.24 40.71
C LEU I 137 15.77 -4.22 41.35
N GLN I 138 14.84 -3.51 40.72
CA GLN I 138 13.40 -3.56 41.02
C GLN I 138 12.74 -4.40 39.92
N GLY I 139 11.97 -5.41 40.32
CA GLY I 139 11.17 -6.24 39.41
C GLY I 139 9.99 -5.46 38.87
N ILE I 140 9.73 -5.60 37.57
CA ILE I 140 8.56 -4.97 36.91
C ILE I 140 8.39 -5.67 35.55
N GLN I 141 7.16 -5.85 35.10
CA GLN I 141 6.82 -6.77 33.98
C GLN I 141 5.73 -6.11 33.14
N GLN I 142 5.76 -6.35 31.83
CA GLN I 142 4.68 -5.93 30.91
C GLN I 142 3.46 -6.84 31.15
N SER I 143 3.67 -8.13 31.41
CA SER I 143 2.56 -9.07 31.71
C SER I 143 2.92 -9.92 32.95
N HIS I 144 2.00 -10.01 33.91
CA HIS I 144 2.16 -10.84 35.12
C HIS I 144 2.03 -12.33 34.79
N LEU I 145 1.53 -12.69 33.61
CA LEU I 145 1.19 -14.11 33.29
C LEU I 145 2.31 -14.82 32.57
N VAL I 146 3.39 -14.14 32.24
CA VAL I 146 4.52 -14.79 31.52
C VAL I 146 5.06 -15.91 32.41
N GLN I 147 5.38 -17.07 31.83
CA GLN I 147 6.06 -18.18 32.51
C GLN I 147 7.51 -18.23 32.02
N TYR I 148 8.45 -17.84 32.89
CA TYR I 148 9.89 -17.77 32.57
C TYR I 148 10.49 -19.15 32.78
N PRO I 149 11.40 -19.59 31.90
CA PRO I 149 11.99 -20.92 32.01
C PRO I 149 12.89 -21.05 33.24
N GLU I 150 13.16 -22.28 33.65
CA GLU I 150 14.03 -22.61 34.80
C GLU I 150 15.39 -21.93 34.56
N GLY I 151 16.04 -21.49 35.63
CA GLY I 151 17.46 -21.10 35.59
C GLY I 151 17.63 -19.60 35.43
N LEU I 152 16.58 -18.88 35.04
CA LEU I 152 16.58 -17.40 35.02
C LEU I 152 16.28 -16.89 36.42
N ILE I 153 16.83 -15.72 36.78
CA ILE I 153 16.39 -14.99 37.99
C ILE I 153 15.39 -13.92 37.53
N VAL I 154 14.14 -14.05 37.97
CA VAL I 154 13.02 -13.17 37.57
C VAL I 154 12.29 -12.85 38.87
N PRO I 155 11.30 -11.95 38.87
CA PRO I 155 10.65 -11.60 40.13
C PRO I 155 10.05 -12.79 40.92
N LYS I 156 9.55 -13.82 40.24
CA LYS I 156 9.05 -15.09 40.87
C LYS I 156 10.15 -15.68 41.76
N SER I 157 11.42 -15.41 41.45
CA SER I 157 12.58 -15.95 42.18
C SER I 157 12.67 -15.35 43.59
N VAL I 158 12.01 -14.21 43.81
CA VAL I 158 12.17 -13.41 45.07
C VAL I 158 10.81 -13.01 45.64
N THR I 159 9.74 -13.09 44.86
CA THR I 159 8.44 -12.74 45.44
C THR I 159 7.35 -13.53 44.74
N ASP I 160 6.12 -13.31 45.24
CA ASP I 160 4.85 -13.84 44.73
C ASP I 160 4.39 -12.87 43.63
N VAL I 161 4.36 -13.36 42.40
CA VAL I 161 4.03 -12.51 41.21
C VAL I 161 2.51 -12.41 41.06
N THR I 162 2.01 -11.19 41.14
CA THR I 162 0.60 -10.81 40.93
C THR I 162 0.54 -9.69 39.90
N ALA I 163 -0.64 -9.17 39.60
CA ALA I 163 -0.84 -8.02 38.70
C ALA I 163 0.04 -6.85 39.14
N LYS I 164 0.31 -6.73 40.45
CA LYS I 164 1.06 -5.57 41.01
C LYS I 164 2.41 -5.41 40.25
N ILE I 165 3.00 -6.51 39.75
CA ILE I 165 4.33 -6.53 39.09
C ILE I 165 4.31 -5.72 37.78
N GLN I 166 3.11 -5.45 37.24
CA GLN I 166 2.91 -4.61 36.04
C GLN I 166 3.08 -3.13 36.41
N CYS I 167 3.14 -2.84 37.69
CA CYS I 167 3.48 -1.50 38.20
C CYS I 167 4.58 -1.68 39.25
N LEU I 168 4.55 -0.97 40.38
CA LEU I 168 5.63 -1.05 41.40
C LEU I 168 5.14 -1.94 42.55
N ASP I 169 5.69 -3.14 42.63
CA ASP I 169 5.60 -4.07 43.78
C ASP I 169 6.90 -3.98 44.57
N PRO I 170 6.89 -3.30 45.74
CA PRO I 170 8.11 -3.08 46.52
C PRO I 170 8.76 -4.37 47.04
N SER I 171 8.08 -5.52 46.94
CA SER I 171 8.64 -6.82 47.39
C SER I 171 9.57 -7.40 46.33
N ALA I 172 9.52 -6.93 45.08
CA ALA I 172 10.36 -7.50 43.99
C ALA I 172 11.72 -6.79 43.99
N LYS I 173 12.58 -7.20 44.92
CA LYS I 173 13.94 -6.63 45.11
C LYS I 173 14.92 -7.73 44.79
N ALA I 174 15.94 -7.42 44.01
CA ALA I 174 17.02 -8.37 43.73
C ALA I 174 18.30 -7.57 43.54
N LYS I 175 19.41 -8.29 43.45
CA LYS I 175 20.74 -7.75 43.15
C LYS I 175 21.26 -8.44 41.88
N LEU I 176 21.84 -7.67 40.98
CA LEU I 176 22.45 -8.17 39.73
C LEU I 176 23.74 -8.91 40.08
N ASP I 177 23.63 -10.21 40.35
CA ASP I 177 24.76 -11.01 40.90
C ASP I 177 25.12 -12.16 39.95
N LYS I 178 24.44 -12.28 38.80
CA LYS I 178 24.80 -13.29 37.76
C LYS I 178 24.71 -12.62 36.37
N ASP I 179 25.76 -12.79 35.56
CA ASP I 179 25.84 -12.43 34.13
C ASP I 179 24.90 -13.32 33.32
N GLY I 180 24.07 -12.74 32.45
CA GLY I 180 23.36 -13.51 31.42
C GLY I 180 22.17 -14.27 31.98
N LYS I 181 21.64 -13.85 33.12
CA LYS I 181 20.62 -14.62 33.88
C LYS I 181 19.43 -13.75 34.26
N TYR I 182 19.59 -12.42 34.37
CA TYR I 182 18.50 -11.49 34.75
C TYR I 182 17.96 -10.82 33.48
N PRO I 183 16.73 -11.15 33.06
CA PRO I 183 16.11 -10.54 31.90
C PRO I 183 15.94 -9.03 32.06
N ILE I 184 16.38 -8.27 31.05
CA ILE I 184 16.12 -6.79 31.07
C ILE I 184 14.61 -6.58 31.14
N GLU I 185 13.76 -7.45 30.58
CA GLU I 185 12.29 -7.16 30.49
C GLU I 185 11.58 -7.29 31.85
N THR I 186 12.24 -7.79 32.90
CA THR I 186 11.61 -7.99 34.24
C THR I 186 12.27 -7.13 35.34
N TRP I 187 13.39 -6.47 35.04
CA TRP I 187 14.25 -5.79 36.05
C TRP I 187 14.67 -4.38 35.58
N SER I 188 14.38 -3.36 36.39
CA SER I 188 14.90 -1.98 36.27
C SER I 188 15.95 -1.76 37.34
N PRO I 189 16.92 -0.87 37.11
CA PRO I 189 17.75 -0.39 38.21
C PRO I 189 16.81 0.27 39.23
N ASP I 190 16.99 -0.09 40.51
CA ASP I 190 16.14 0.38 41.63
C ASP I 190 16.60 1.79 42.06
N PRO I 191 15.79 2.85 41.82
CA PRO I 191 16.19 4.20 42.21
C PRO I 191 16.07 4.46 43.74
N SER I 192 15.37 3.58 44.46
CA SER I 192 15.11 3.67 45.92
C SER I 192 16.32 3.12 46.69
N ARG I 193 17.16 2.33 46.02
CA ARG I 193 18.42 1.80 46.58
C ARG I 193 19.58 2.40 45.77
N ASN I 194 20.61 1.61 45.47
CA ASN I 194 21.75 2.01 44.60
C ASN I 194 22.45 3.25 45.16
N GLU I 195 22.57 3.36 46.48
CA GLU I 195 23.26 4.49 47.15
C GLU I 195 24.75 4.39 46.83
N ASN I 196 25.26 3.18 46.61
CA ASN I 196 26.70 2.91 46.40
C ASN I 196 26.94 2.55 44.93
N THR I 197 26.01 2.93 44.04
CA THR I 197 26.11 2.70 42.58
C THR I 197 25.67 3.94 41.79
N ARG I 198 26.30 4.20 40.65
CA ARG I 198 25.78 5.21 39.70
C ARG I 198 25.34 4.47 38.44
N TYR I 199 24.10 4.67 38.02
CA TYR I 199 23.59 4.05 36.76
C TYR I 199 23.02 5.15 35.86
N PHE I 200 23.05 4.86 34.56
CA PHE I 200 22.63 5.76 33.47
C PHE I 200 21.94 4.89 32.41
N GLY I 201 20.87 5.35 31.80
CA GLY I 201 20.25 4.53 30.74
C GLY I 201 19.41 5.33 29.82
N ASN I 202 19.17 4.79 28.62
CA ASN I 202 18.20 5.42 27.70
C ASN I 202 17.50 4.31 26.95
N TYR I 203 16.24 4.53 26.69
CA TYR I 203 15.35 3.64 25.95
C TYR I 203 14.71 4.41 24.79
N TYR I 204 14.50 3.74 23.67
CA TYR I 204 13.86 4.32 22.45
C TYR I 204 13.09 3.16 21.82
N GLY I 205 11.76 3.25 21.72
CA GLY I 205 10.91 2.15 21.27
C GLY I 205 10.73 2.09 19.76
N GLY I 206 9.68 1.38 19.34
CA GLY I 206 9.24 1.23 17.94
C GLY I 206 9.69 -0.09 17.37
N LEU I 207 9.05 -0.51 16.28
CA LEU I 207 9.38 -1.79 15.61
C LEU I 207 10.59 -1.63 14.68
N THR I 208 10.71 -0.48 14.01
CA THR I 208 11.69 -0.28 12.88
C THR I 208 12.45 1.05 13.02
N THR I 209 12.49 1.62 14.22
CA THR I 209 13.24 2.84 14.58
C THR I 209 14.71 2.66 14.23
N PRO I 210 15.34 3.64 13.53
CA PRO I 210 16.78 3.58 13.26
C PRO I 210 17.54 3.66 14.57
N PRO I 211 18.54 2.80 14.79
CA PRO I 211 19.42 2.93 15.93
C PRO I 211 20.41 4.11 15.79
N VAL I 212 20.79 4.67 16.91
CA VAL I 212 21.71 5.82 17.00
C VAL I 212 22.75 5.50 18.06
N LEU I 213 24.00 5.83 17.75
CA LEU I 213 25.13 5.68 18.69
C LEU I 213 26.18 6.75 18.41
N THR I 214 26.73 7.32 19.47
CA THR I 214 27.95 8.13 19.43
C THR I 214 29.05 7.34 20.14
N PHE I 215 30.27 7.56 19.71
CA PHE I 215 31.48 6.90 20.24
C PHE I 215 32.61 7.93 20.18
N THR I 216 33.41 7.92 21.23
CA THR I 216 34.57 8.81 21.44
C THR I 216 35.37 8.29 22.64
N ASN I 217 36.65 8.66 22.71
CA ASN I 217 37.51 8.31 23.86
C ASN I 217 37.73 9.60 24.67
N THR I 218 36.92 10.65 24.47
CA THR I 218 37.20 11.99 25.04
C THR I 218 36.23 12.37 26.16
N VAL I 219 35.31 11.48 26.52
CA VAL I 219 34.21 11.83 27.48
C VAL I 219 34.40 11.00 28.75
N THR I 220 34.56 11.69 29.87
CA THR I 220 34.68 11.08 31.21
C THR I 220 33.40 11.42 31.96
N THR I 221 32.76 10.42 32.56
CA THR I 221 31.59 10.60 33.44
C THR I 221 32.08 10.58 34.89
N ILE I 222 31.84 11.66 35.62
CA ILE I 222 32.18 11.80 37.06
C ILE I 222 31.16 11.03 37.89
N LEU I 223 31.64 10.24 38.85
CA LEU I 223 30.85 9.26 39.62
C LEU I 223 30.66 9.72 41.07
N LEU I 224 31.20 10.89 41.40
CA LEU I 224 31.07 11.52 42.74
C LEU I 224 29.61 11.93 42.89
N ASP I 225 29.00 11.65 44.04
CA ASP I 225 27.65 12.15 44.37
C ASP I 225 27.75 13.63 44.75
N GLU I 226 26.64 14.24 45.13
CA GLU I 226 26.50 15.67 45.52
C GLU I 226 27.36 15.99 46.75
N ASN I 227 27.85 14.98 47.50
CA ASN I 227 28.78 15.17 48.65
C ASN I 227 30.23 14.83 48.28
N GLY I 228 30.52 14.57 47.02
CA GLY I 228 31.90 14.37 46.55
C GLY I 228 32.38 12.95 46.81
N VAL I 229 31.45 12.02 47.01
CA VAL I 229 31.79 10.61 47.31
C VAL I 229 31.35 9.70 46.15
N GLY I 230 32.31 8.99 45.59
CA GLY I 230 32.05 7.99 44.54
C GLY I 230 31.71 6.66 45.18
N PRO I 231 31.33 5.65 44.36
CA PRO I 231 31.14 4.29 44.86
C PRO I 231 32.37 3.79 45.62
N LEU I 232 32.11 3.14 46.76
CA LEU I 232 33.13 2.56 47.63
C LEU I 232 33.07 1.04 47.54
N CYS I 233 34.18 0.42 47.15
CA CYS I 233 34.26 -0.99 46.74
C CYS I 233 34.33 -1.86 47.99
N LYS I 234 33.16 -2.32 48.44
CA LYS I 234 33.00 -3.37 49.48
C LYS I 234 33.63 -4.66 48.94
N GLY I 235 34.36 -5.38 49.81
CA GLY I 235 35.05 -6.63 49.46
C GLY I 235 36.20 -6.41 48.50
N ASP I 236 36.67 -5.17 48.34
CA ASP I 236 37.69 -4.82 47.30
C ASP I 236 37.20 -5.34 45.92
N GLY I 237 35.91 -5.19 45.65
CA GLY I 237 35.31 -5.47 44.34
C GLY I 237 34.66 -4.24 43.69
N LEU I 238 34.93 -4.05 42.39
CA LEU I 238 34.30 -3.03 41.51
C LEU I 238 33.24 -3.72 40.65
N PHE I 239 31.98 -3.28 40.75
CA PHE I 239 30.82 -3.92 40.08
C PHE I 239 30.42 -3.11 38.84
N LEU I 240 30.54 -3.74 37.67
CA LEU I 240 30.20 -3.20 36.32
C LEU I 240 28.96 -3.95 35.80
N SER I 241 27.94 -3.21 35.39
CA SER I 241 26.67 -3.72 34.82
C SER I 241 26.37 -3.01 33.50
N CYS I 242 25.81 -3.68 32.49
CA CYS I 242 25.32 -2.97 31.27
C CYS I 242 24.30 -3.81 30.52
N CYS I 243 23.61 -3.15 29.61
CA CYS I 243 22.93 -3.81 28.47
C CYS I 243 22.89 -2.79 27.32
N ASP I 244 23.16 -3.24 26.09
CA ASP I 244 23.19 -2.41 24.87
C ASP I 244 22.51 -3.18 23.72
N VAL I 245 21.19 -3.20 23.74
CA VAL I 245 20.32 -3.69 22.64
C VAL I 245 20.29 -2.63 21.53
N MET I 246 20.64 -3.02 20.31
CA MET I 246 20.66 -2.10 19.13
C MET I 246 19.38 -2.23 18.30
N GLY I 247 18.53 -3.23 18.55
CA GLY I 247 17.32 -3.52 17.74
C GLY I 247 17.24 -4.99 17.34
N TRP I 248 16.57 -5.27 16.23
CA TRP I 248 16.34 -6.63 15.67
C TRP I 248 17.02 -6.74 14.30
N PHE I 249 17.70 -7.86 14.11
CA PHE I 249 18.24 -8.37 12.83
C PHE I 249 17.17 -9.27 12.20
N THR I 250 17.03 -9.20 10.89
CA THR I 250 16.18 -10.14 10.09
C THR I 250 17.02 -10.83 9.01
N ALA I 251 17.22 -12.13 9.19
CA ALA I 251 17.91 -12.98 8.22
C ALA I 251 17.04 -13.12 6.97
N GLY I 252 17.69 -13.31 5.84
CA GLY I 252 17.04 -13.40 4.52
C GLY I 252 16.33 -14.71 4.34
N SER I 253 16.47 -15.63 5.29
CA SER I 253 15.70 -16.90 5.33
C SER I 253 14.21 -16.67 5.61
N GLY I 254 13.79 -15.48 6.06
CA GLY I 254 12.36 -15.30 6.40
C GLY I 254 12.10 -14.01 7.14
N THR I 255 11.04 -14.00 7.95
CA THR I 255 10.58 -12.76 8.64
C THR I 255 10.86 -12.84 10.14
N HIS I 256 11.43 -13.96 10.63
CA HIS I 256 11.87 -14.16 12.05
C HIS I 256 12.98 -13.16 12.37
N GLN I 257 12.93 -12.60 13.57
CA GLN I 257 13.86 -11.55 14.04
C GLN I 257 14.66 -12.02 15.25
N ARG I 258 15.86 -11.45 15.39
CA ARG I 258 16.77 -11.72 16.51
C ARG I 258 17.14 -10.37 17.10
N PHE I 259 17.16 -10.26 18.44
CA PHE I 259 17.85 -9.15 19.15
C PHE I 259 19.31 -9.11 18.70
N ARG I 260 19.87 -7.92 18.57
CA ARG I 260 21.31 -7.70 18.33
C ARG I 260 21.76 -6.72 19.40
N GLY I 261 22.82 -7.09 20.12
CA GLY I 261 23.48 -6.22 21.10
C GLY I 261 24.95 -6.02 20.76
N LEU I 262 25.61 -5.12 21.49
CA LEU I 262 27.02 -4.79 21.24
C LEU I 262 27.76 -4.81 22.58
N PRO I 263 29.06 -5.07 22.59
CA PRO I 263 29.85 -5.04 23.83
C PRO I 263 30.06 -3.61 24.32
N ARG I 264 30.30 -3.47 25.62
CA ARG I 264 30.58 -2.18 26.28
C ARG I 264 31.95 -2.23 26.96
N TYR I 265 32.74 -1.18 26.73
CA TYR I 265 34.06 -0.93 27.35
C TYR I 265 33.87 -0.03 28.55
N PHE I 266 34.59 -0.33 29.62
CA PHE I 266 34.65 0.49 30.85
C PHE I 266 36.10 0.71 31.23
N ASN I 267 36.43 1.97 31.53
CA ASN I 267 37.70 2.41 32.16
C ASN I 267 37.35 3.25 33.38
N VAL I 268 37.52 2.66 34.56
CA VAL I 268 37.14 3.33 35.83
C VAL I 268 38.40 3.84 36.53
N GLN I 269 38.37 5.09 37.00
CA GLN I 269 39.48 5.73 37.74
C GLN I 269 39.13 5.56 39.22
N LEU I 270 40.02 4.97 40.02
CA LEU I 270 39.77 4.80 41.47
C LEU I 270 40.87 5.49 42.29
N ARG I 271 40.49 5.95 43.49
CA ARG I 271 41.43 6.48 44.49
C ARG I 271 41.12 5.86 45.85
N LYS I 272 42.08 5.88 46.77
CA LYS I 272 41.91 5.29 48.13
C LYS I 272 41.19 6.35 48.96
N ARG I 273 40.12 5.96 49.66
CA ARG I 273 39.46 6.87 50.61
C ARG I 273 39.52 6.24 51.99
N ALA I 274 39.76 7.07 53.02
CA ALA I 274 39.77 6.66 54.43
C ALA I 274 38.32 6.65 54.91
N VAL I 275 37.89 5.59 55.60
CA VAL I 275 36.50 5.48 56.13
C VAL I 275 36.53 4.98 57.58
N ARG I 276 35.41 5.21 58.29
CA ARG I 276 35.18 4.84 59.72
C ARG I 276 34.06 3.79 59.80
N SER J 18 54.44 30.18 18.31
CA SER J 18 53.90 29.22 19.33
C SER J 18 53.17 28.06 18.63
N ILE J 19 52.20 28.35 17.77
CA ILE J 19 51.31 27.35 17.10
C ILE J 19 51.68 27.23 15.62
N THR J 20 51.88 25.98 15.17
CA THR J 20 52.07 25.58 13.76
C THR J 20 50.76 25.00 13.24
N GLN J 21 50.32 25.40 12.05
CA GLN J 21 49.08 24.88 11.43
C GLN J 21 49.47 23.78 10.44
N ILE J 22 48.71 22.68 10.46
CA ILE J 22 48.71 21.60 9.45
C ILE J 22 47.32 21.58 8.83
N GLU J 23 47.23 21.39 7.51
CA GLU J 23 45.91 21.15 6.88
C GLU J 23 45.97 20.05 5.84
N ALA J 24 44.84 19.41 5.64
CA ALA J 24 44.70 18.27 4.72
C ALA J 24 43.23 17.99 4.47
N PHE J 25 42.97 17.46 3.28
CA PHE J 25 41.69 16.86 2.83
C PHE J 25 41.96 15.38 2.70
N LEU J 26 41.10 14.53 3.29
CA LEU J 26 41.08 13.08 3.02
C LEU J 26 39.83 12.79 2.19
N ASN J 27 40.05 12.21 1.03
CA ASN J 27 39.03 11.72 0.09
C ASN J 27 38.41 10.44 0.64
N PRO J 28 37.10 10.26 0.46
CA PRO J 28 36.43 9.06 0.95
C PRO J 28 36.86 7.81 0.16
N ARG J 29 36.82 6.68 0.84
CA ARG J 29 37.08 5.35 0.24
C ARG J 29 35.84 4.47 0.40
N MET J 30 34.91 4.63 -0.52
CA MET J 30 33.56 4.04 -0.45
C MET J 30 33.53 2.71 -1.21
N GLY J 31 34.64 2.33 -1.84
CA GLY J 31 34.70 1.05 -2.58
C GLY J 31 35.34 1.27 -3.93
N VAL J 32 34.83 2.25 -4.67
CA VAL J 32 35.51 2.81 -5.87
C VAL J 32 36.52 3.84 -5.36
N ASN J 33 37.74 3.36 -5.08
CA ASN J 33 38.82 4.12 -4.42
C ASN J 33 39.75 4.70 -5.48
N ASP J 34 39.44 4.46 -6.76
CA ASP J 34 40.25 4.92 -7.93
C ASP J 34 39.70 6.24 -8.46
N GLU J 35 40.51 7.29 -8.42
CA GLU J 35 40.09 8.66 -8.79
C GLU J 35 39.84 8.79 -10.31
N THR J 36 40.27 7.83 -11.14
CA THR J 36 40.02 7.84 -12.62
C THR J 36 38.69 7.15 -12.95
N ASN J 37 38.13 6.41 -11.99
CA ASN J 37 36.87 5.65 -12.19
C ASN J 37 35.66 6.60 -12.10
N THR J 38 34.70 6.46 -13.02
CA THR J 38 33.53 7.36 -13.16
C THR J 38 32.63 7.34 -11.90
N TRP J 39 32.77 6.36 -11.01
CA TRP J 39 31.98 6.22 -9.77
C TRP J 39 32.81 6.53 -8.51
N TYR J 40 33.90 7.26 -8.68
CA TYR J 40 34.79 7.68 -7.57
C TYR J 40 33.93 8.36 -6.51
N GLY J 41 34.09 7.99 -5.25
CA GLY J 41 33.34 8.60 -4.12
C GLY J 41 32.07 7.86 -3.80
N PHE J 42 31.87 6.75 -4.50
CA PHE J 42 30.75 5.79 -4.32
C PHE J 42 31.35 4.39 -4.19
N SER J 43 30.50 3.46 -3.81
CA SER J 43 30.78 2.02 -3.98
C SER J 43 30.31 1.57 -5.38
N GLU J 44 30.68 0.37 -5.76
CA GLU J 44 30.00 -0.39 -6.83
C GLU J 44 28.63 -0.80 -6.27
N GLN J 45 27.72 -1.21 -7.15
CA GLN J 45 26.35 -1.64 -6.77
C GLN J 45 26.49 -2.76 -5.75
N VAL J 46 25.87 -2.58 -4.59
CA VAL J 46 25.94 -3.53 -3.46
C VAL J 46 25.13 -4.78 -3.79
N THR J 47 25.77 -5.93 -3.69
CA THR J 47 25.15 -7.23 -3.80
C THR J 47 24.99 -7.80 -2.39
N VAL J 48 24.06 -8.73 -2.29
CA VAL J 48 23.60 -9.28 -1.00
C VAL J 48 23.68 -10.80 -1.08
N ALA J 49 24.18 -11.42 -0.03
CA ALA J 49 24.36 -12.88 0.07
C ALA J 49 22.99 -13.57 0.00
N THR J 50 22.97 -14.74 -0.61
CA THR J 50 21.78 -15.62 -0.70
C THR J 50 21.90 -16.72 0.34
N ALA J 51 23.01 -16.73 1.07
CA ALA J 51 23.23 -17.62 2.23
C ALA J 51 24.30 -17.00 3.11
N ARG J 52 24.17 -17.26 4.41
CA ARG J 52 25.16 -16.85 5.43
C ARG J 52 26.54 -17.45 5.06
N GLU J 53 26.57 -18.65 4.48
CA GLU J 53 27.82 -19.42 4.25
C GLU J 53 28.47 -19.04 2.92
N THR J 54 27.79 -18.29 2.04
CA THR J 54 28.32 -17.90 0.71
C THR J 54 28.39 -16.37 0.63
N ASP J 55 28.61 -15.73 1.77
CA ASP J 55 28.59 -14.25 1.92
C ASP J 55 29.98 -13.73 1.57
N ARG J 56 30.14 -13.26 0.32
CA ARG J 56 31.42 -12.84 -0.29
C ARG J 56 31.25 -11.47 -0.91
N PRO J 57 31.44 -10.41 -0.11
CA PRO J 57 31.34 -9.04 -0.61
C PRO J 57 32.58 -8.69 -1.41
N PRO J 58 32.46 -8.33 -2.70
CA PRO J 58 33.61 -7.81 -3.43
C PRO J 58 34.13 -6.51 -2.78
N LYS J 59 35.42 -6.27 -2.93
CA LYS J 59 36.12 -5.16 -2.26
C LYS J 59 35.48 -3.81 -2.64
N GLU J 60 34.98 -3.63 -3.86
CA GLU J 60 34.49 -2.29 -4.35
C GLU J 60 33.07 -1.98 -3.82
N GLN J 61 32.50 -2.86 -3.02
CA GLN J 61 31.07 -2.73 -2.57
C GLN J 61 30.98 -2.42 -1.07
N MET J 62 32.11 -2.16 -0.42
CA MET J 62 32.18 -1.81 1.04
C MET J 62 32.94 -0.50 1.22
N PRO J 63 32.48 0.36 2.16
CA PRO J 63 33.28 1.49 2.63
C PRO J 63 34.43 1.13 3.61
N TYR J 64 35.48 1.92 3.50
CA TYR J 64 36.75 1.76 4.24
C TYR J 64 37.03 3.02 5.04
N TYR J 65 37.94 2.86 5.99
CA TYR J 65 38.58 3.99 6.70
C TYR J 65 39.52 4.69 5.71
N SER J 66 39.47 6.02 5.73
CA SER J 66 40.48 6.89 5.12
C SER J 66 41.55 7.15 6.16
N CYS J 67 42.82 7.17 5.77
CA CYS J 67 43.91 7.62 6.69
C CYS J 67 45.08 8.22 5.93
N ALA J 68 45.73 9.17 6.57
CA ALA J 68 46.95 9.81 6.08
C ALA J 68 47.87 10.07 7.27
N ARG J 69 49.18 9.94 7.04
CA ARG J 69 50.22 10.37 8.00
C ARG J 69 50.83 11.64 7.43
N ILE J 70 50.70 12.78 8.13
CA ILE J 70 51.33 14.06 7.73
C ILE J 70 52.74 14.07 8.30
N PRO J 71 53.81 14.08 7.46
CA PRO J 71 55.16 14.16 8.01
C PRO J 71 55.42 15.55 8.63
N LEU J 72 56.11 15.56 9.78
CA LEU J 72 56.38 16.81 10.53
C LEU J 72 57.89 16.95 10.67
N PRO J 73 58.42 18.18 10.84
CA PRO J 73 59.83 18.38 11.13
C PRO J 73 60.27 17.53 12.33
N LEU J 74 61.43 16.89 12.18
CA LEU J 74 62.07 16.08 13.25
C LEU J 74 62.73 17.05 14.24
N LEU J 75 62.19 17.10 15.45
CA LEU J 75 62.60 18.04 16.53
C LEU J 75 63.75 17.45 17.33
N ASN J 76 64.02 16.13 17.24
CA ASN J 76 65.08 15.45 18.02
C ASN J 76 66.17 14.88 17.11
N GLU J 77 67.46 14.99 17.48
CA GLU J 77 68.59 14.38 16.73
C GLU J 77 68.88 12.96 17.25
N ASP J 78 68.53 12.65 18.50
CA ASP J 78 68.90 11.38 19.18
C ASP J 78 67.74 11.00 20.08
N MET J 79 67.04 9.93 19.74
CA MET J 79 65.84 9.46 20.48
C MET J 79 66.23 8.80 21.82
N THR J 80 67.52 8.78 22.18
CA THR J 80 68.01 8.24 23.48
C THR J 80 68.13 9.36 24.53
N CYS J 81 68.22 10.62 24.10
CA CYS J 81 68.26 11.82 25.00
C CYS J 81 67.17 11.68 26.07
N ASN J 82 67.50 11.98 27.33
CA ASN J 82 66.56 11.84 28.49
C ASN J 82 65.40 12.84 28.36
N THR J 83 65.57 13.91 27.62
CA THR J 83 64.51 14.92 27.32
C THR J 83 64.38 15.11 25.80
N LEU J 84 63.16 14.95 25.29
CA LEU J 84 62.85 15.06 23.84
C LEU J 84 61.88 16.23 23.61
N LEU J 85 61.76 16.67 22.37
CA LEU J 85 60.76 17.67 21.95
C LEU J 85 59.85 16.97 20.93
N MET J 86 58.54 17.09 21.13
CA MET J 86 57.55 16.40 20.26
C MET J 86 56.47 17.39 19.88
N TRP J 87 55.93 17.21 18.70
CA TRP J 87 54.77 17.97 18.22
C TRP J 87 53.55 17.44 18.97
N GLU J 88 52.78 18.36 19.55
CA GLU J 88 51.59 18.05 20.36
C GLU J 88 50.42 18.66 19.61
N ALA J 89 49.42 17.85 19.27
CA ALA J 89 48.19 18.30 18.61
C ALA J 89 47.29 18.85 19.71
N VAL J 90 47.00 20.14 19.69
CA VAL J 90 46.23 20.74 20.82
C VAL J 90 44.79 20.91 20.40
N SER J 91 44.52 21.07 19.11
CA SER J 91 43.15 21.34 18.62
C SER J 91 43.06 21.06 17.13
N VAL J 92 41.83 20.92 16.65
CA VAL J 92 41.52 20.62 15.23
C VAL J 92 40.21 21.32 14.85
N LYS J 93 40.22 21.91 13.67
CA LYS J 93 39.00 22.28 12.94
C LYS J 93 38.80 21.23 11.86
N THR J 94 37.65 20.59 11.86
CA THR J 94 37.38 19.51 10.87
C THR J 94 36.02 19.78 10.25
N GLU J 95 35.89 19.45 8.99
CA GLU J 95 34.66 19.78 8.24
C GLU J 95 34.41 18.67 7.23
N VAL J 96 33.20 18.12 7.20
CA VAL J 96 32.74 17.31 6.06
C VAL J 96 32.29 18.23 4.94
N ILE J 97 32.88 18.09 3.76
CA ILE J 97 32.57 19.03 2.63
C ILE J 97 31.63 18.34 1.65
N GLY J 98 30.65 19.09 1.12
CA GLY J 98 29.85 18.61 -0.03
C GLY J 98 28.44 18.17 0.28
N SER J 99 27.88 18.48 1.45
CA SER J 99 26.43 18.17 1.69
C SER J 99 25.61 18.81 0.57
N ASN J 100 26.03 20.00 0.12
CA ASN J 100 25.38 20.76 -0.98
C ASN J 100 25.20 19.85 -2.20
N THR J 101 26.09 18.89 -2.45
CA THR J 101 26.00 18.03 -3.65
C THR J 101 24.75 17.13 -3.59
N LEU J 102 24.19 16.84 -2.40
CA LEU J 102 23.01 15.95 -2.20
C LEU J 102 21.72 16.71 -2.52
N MET J 103 21.82 18.02 -2.76
CA MET J 103 20.66 18.84 -3.23
C MET J 103 20.51 18.72 -4.76
N ASN J 104 21.39 17.96 -5.43
CA ASN J 104 21.23 17.55 -6.85
C ASN J 104 20.17 16.42 -6.89
N VAL J 105 18.97 16.73 -7.37
CA VAL J 105 17.84 15.77 -7.52
C VAL J 105 17.42 15.74 -8.99
N HIS J 106 18.34 16.02 -9.90
CA HIS J 106 18.11 16.00 -11.38
C HIS J 106 18.96 14.92 -12.02
N ASP J 107 19.87 14.28 -11.28
CA ASP J 107 20.76 13.26 -11.86
C ASP J 107 19.89 12.07 -12.26
N TYR J 108 20.45 11.10 -12.95
CA TYR J 108 19.73 9.87 -13.39
C TYR J 108 19.47 9.01 -12.14
N MET J 109 18.32 9.26 -11.48
CA MET J 109 17.95 8.73 -10.15
C MET J 109 16.50 8.21 -10.21
N THR J 110 16.12 7.36 -9.27
CA THR J 110 14.72 6.92 -9.07
C THR J 110 13.87 8.16 -8.87
N ARG J 111 12.64 8.15 -9.37
CA ARG J 111 11.68 9.24 -9.10
C ARG J 111 10.29 8.65 -8.94
N THR J 112 9.41 9.40 -8.30
CA THR J 112 7.98 9.06 -8.18
C THR J 112 7.23 9.95 -9.15
N ASP J 113 6.64 9.39 -10.21
CA ASP J 113 5.80 10.16 -11.16
C ASP J 113 6.71 11.24 -11.74
N ASN J 114 6.29 12.50 -11.73
CA ASN J 114 7.10 13.64 -12.26
C ASN J 114 7.88 14.33 -11.14
N GLY J 115 7.98 13.74 -9.95
CA GLY J 115 8.76 14.34 -8.85
C GLY J 115 10.26 14.27 -9.05
N VAL J 116 11.00 14.79 -8.09
CA VAL J 116 12.48 14.93 -8.21
C VAL J 116 13.12 13.55 -8.04
N GLY J 117 14.36 13.44 -8.46
CA GLY J 117 15.16 12.23 -8.19
C GLY J 117 15.22 11.99 -6.70
N HIS J 118 15.19 10.74 -6.25
CA HIS J 118 15.31 10.36 -4.81
C HIS J 118 16.74 10.57 -4.36
N PRO J 119 16.99 11.47 -3.39
CA PRO J 119 18.35 11.77 -2.96
C PRO J 119 18.90 10.67 -2.04
N VAL J 120 20.19 10.77 -1.78
CA VAL J 120 20.97 9.80 -0.95
C VAL J 120 20.36 9.74 0.45
N VAL J 121 20.00 8.53 0.89
CA VAL J 121 19.40 8.31 2.23
C VAL J 121 19.89 6.95 2.72
N GLY J 122 19.75 6.72 4.01
CA GLY J 122 20.10 5.44 4.64
C GLY J 122 21.04 5.62 5.79
N SER J 123 21.79 4.58 6.11
CA SER J 123 22.67 4.54 7.29
C SER J 123 23.83 5.52 7.10
N THR J 124 24.14 6.27 8.13
CA THR J 124 25.28 7.20 8.16
C THR J 124 26.28 6.69 9.20
N TYR J 125 27.55 6.90 8.88
CA TYR J 125 28.70 6.62 9.77
C TYR J 125 29.72 7.72 9.60
N HIS J 126 29.92 8.52 10.64
CA HIS J 126 30.91 9.63 10.69
C HIS J 126 31.91 9.31 11.77
N MET J 127 33.19 9.38 11.45
CA MET J 127 34.24 9.35 12.48
C MET J 127 35.45 10.13 11.99
N PHE J 128 36.11 10.78 12.91
CA PHE J 128 37.43 11.37 12.63
C PHE J 128 38.32 11.08 13.82
N ALA J 129 39.61 11.11 13.55
CA ALA J 129 40.63 10.91 14.58
C ALA J 129 41.87 11.71 14.22
N VAL J 130 42.49 12.25 15.26
CA VAL J 130 43.81 12.92 15.23
C VAL J 130 44.67 12.26 16.31
N GLY J 131 45.79 11.66 15.92
CA GLY J 131 46.69 10.96 16.84
C GLY J 131 48.16 11.13 16.48
N GLY J 132 49.04 10.75 17.42
CA GLY J 132 50.50 10.84 17.23
C GLY J 132 51.05 9.49 16.83
N GLU J 133 50.17 8.56 16.50
CA GLU J 133 50.48 7.20 16.02
C GLU J 133 49.22 6.71 15.33
N PRO J 134 49.30 5.58 14.61
CA PRO J 134 48.12 5.01 13.95
C PRO J 134 46.98 4.73 14.93
N LEU J 135 45.77 4.92 14.45
CA LEU J 135 44.51 4.62 15.18
C LEU J 135 44.52 3.12 15.53
N ASP J 136 44.31 2.79 16.80
CA ASP J 136 44.14 1.39 17.27
C ASP J 136 42.72 0.93 16.90
N LEU J 137 42.63 -0.24 16.28
CA LEU J 137 41.36 -0.84 15.81
C LEU J 137 41.10 -2.13 16.57
N GLN J 138 39.83 -2.34 16.90
CA GLN J 138 39.26 -3.56 17.47
C GLN J 138 38.39 -4.21 16.38
N GLY J 139 38.71 -5.46 16.06
CA GLY J 139 37.94 -6.31 15.14
C GLY J 139 36.60 -6.74 15.72
N ILE J 140 35.53 -6.62 14.92
CA ILE J 140 34.17 -7.03 15.33
C ILE J 140 33.30 -7.03 14.07
N GLN J 141 32.38 -7.98 13.98
CA GLN J 141 31.69 -8.31 12.72
C GLN J 141 30.24 -8.60 13.04
N GLN J 142 29.34 -8.28 12.13
CA GLN J 142 27.93 -8.67 12.23
C GLN J 142 27.78 -10.17 11.97
N SER J 143 28.65 -10.73 11.11
CA SER J 143 28.67 -12.18 10.81
C SER J 143 30.10 -12.73 10.76
N HIS J 144 30.36 -13.80 11.52
CA HIS J 144 31.70 -14.47 11.56
C HIS J 144 31.94 -15.25 10.26
N LEU J 145 30.93 -15.49 9.44
CA LEU J 145 31.09 -16.39 8.26
C LEU J 145 31.41 -15.62 6.99
N VAL J 146 31.56 -14.30 7.07
CA VAL J 146 31.83 -13.54 5.82
C VAL J 146 33.21 -13.96 5.30
N GLN J 147 33.30 -14.18 4.01
CA GLN J 147 34.58 -14.50 3.33
C GLN J 147 35.03 -13.22 2.65
N TYR J 148 36.04 -12.55 3.19
CA TYR J 148 36.46 -11.21 2.72
C TYR J 148 37.43 -11.40 1.56
N PRO J 149 37.40 -10.50 0.57
CA PRO J 149 38.29 -10.60 -0.58
C PRO J 149 39.77 -10.44 -0.20
N GLU J 150 40.67 -10.99 -1.03
CA GLU J 150 42.15 -10.85 -0.85
C GLU J 150 42.47 -9.36 -0.96
N GLY J 151 43.52 -8.87 -0.30
CA GLY J 151 44.00 -7.49 -0.45
C GLY J 151 43.45 -6.54 0.62
N LEU J 152 42.48 -6.96 1.43
CA LEU J 152 41.92 -6.15 2.55
C LEU J 152 42.53 -6.61 3.88
N ILE J 153 42.71 -5.70 4.84
CA ILE J 153 43.04 -6.07 6.24
C ILE J 153 41.72 -6.22 7.01
N VAL J 154 41.46 -7.42 7.52
CA VAL J 154 40.24 -7.81 8.28
C VAL J 154 40.71 -8.64 9.45
N PRO J 155 39.84 -8.93 10.45
CA PRO J 155 40.26 -9.66 11.64
C PRO J 155 41.01 -10.98 11.35
N LYS J 156 40.59 -11.68 10.30
CA LYS J 156 41.24 -12.91 9.79
C LYS J 156 42.75 -12.63 9.61
N SER J 157 43.11 -11.40 9.23
CA SER J 157 44.51 -10.97 8.97
C SER J 157 45.34 -11.02 10.25
N VAL J 158 44.72 -10.99 11.44
CA VAL J 158 45.45 -10.86 12.74
C VAL J 158 45.08 -11.99 13.72
N THR J 159 43.96 -12.69 13.55
CA THR J 159 43.56 -13.75 14.53
C THR J 159 42.69 -14.80 13.85
N ASP J 160 42.37 -15.88 14.58
CA ASP J 160 41.42 -16.94 14.14
C ASP J 160 40.01 -16.38 14.28
N VAL J 161 39.23 -16.34 13.21
CA VAL J 161 37.85 -15.78 13.26
C VAL J 161 36.87 -16.88 13.63
N THR J 162 36.18 -16.69 14.75
CA THR J 162 35.14 -17.58 15.30
C THR J 162 33.90 -16.72 15.58
N ALA J 163 32.84 -17.29 16.13
CA ALA J 163 31.64 -16.54 16.57
C ALA J 163 32.02 -15.44 17.56
N LYS J 164 33.18 -15.54 18.22
CA LYS J 164 33.61 -14.53 19.23
C LYS J 164 33.64 -13.15 18.59
N ILE J 165 33.92 -13.08 17.30
CA ILE J 165 34.13 -11.83 16.53
C ILE J 165 32.81 -11.06 16.42
N GLN J 166 31.68 -11.71 16.70
CA GLN J 166 30.34 -11.06 16.70
C GLN J 166 30.14 -10.24 17.97
N CYS J 167 30.99 -10.46 18.97
CA CYS J 167 31.09 -9.65 20.20
C CYS J 167 32.54 -9.15 20.28
N LEU J 168 33.14 -9.14 21.47
CA LEU J 168 34.49 -8.59 21.65
C LEU J 168 35.46 -9.75 21.83
N ASP J 169 36.29 -10.00 20.82
CA ASP J 169 37.43 -10.93 20.82
C ASP J 169 38.68 -10.10 21.01
N PRO J 170 39.31 -10.16 22.21
CA PRO J 170 40.44 -9.29 22.53
C PRO J 170 41.69 -9.58 21.70
N SER J 171 41.72 -10.64 20.89
CA SER J 171 42.87 -10.93 20.01
C SER J 171 42.78 -10.13 18.72
N ALA J 172 41.59 -9.61 18.39
CA ALA J 172 41.33 -8.93 17.10
C ALA J 172 41.77 -7.46 17.20
N LYS J 173 43.09 -7.24 17.26
CA LYS J 173 43.75 -5.93 17.42
C LYS J 173 44.51 -5.64 16.14
N ALA J 174 44.39 -4.42 15.63
CA ALA J 174 45.16 -3.94 14.48
C ALA J 174 45.36 -2.44 14.58
N LYS J 175 46.17 -1.91 13.68
CA LYS J 175 46.39 -0.45 13.57
C LYS J 175 45.95 -0.02 12.17
N LEU J 176 45.30 1.15 12.10
CA LEU J 176 44.88 1.74 10.82
C LEU J 176 46.10 2.35 10.14
N ASP J 177 46.77 1.55 9.30
CA ASP J 177 48.07 1.93 8.68
C ASP J 177 48.01 1.84 7.16
N LYS J 178 46.84 1.56 6.57
CA LYS J 178 46.67 1.64 5.09
C LYS J 178 45.33 2.30 4.75
N ASP J 179 45.36 3.28 3.85
CA ASP J 179 44.16 3.95 3.33
C ASP J 179 43.36 3.00 2.43
N GLY J 180 42.03 2.96 2.61
CA GLY J 180 41.09 2.22 1.74
C GLY J 180 41.25 0.72 1.81
N LYS J 181 41.75 0.15 2.91
CA LYS J 181 41.93 -1.32 3.00
C LYS J 181 41.30 -1.90 4.27
N TYR J 182 41.04 -1.11 5.30
CA TYR J 182 40.38 -1.60 6.54
C TYR J 182 38.89 -1.30 6.41
N PRO J 183 38.02 -2.30 6.14
CA PRO J 183 36.60 -2.03 5.96
C PRO J 183 35.98 -1.51 7.26
N ILE J 184 35.13 -0.50 7.17
CA ILE J 184 34.49 -0.04 8.44
C ILE J 184 33.68 -1.19 9.06
N GLU J 185 33.15 -2.12 8.29
CA GLU J 185 32.19 -3.08 8.87
C GLU J 185 32.88 -4.11 9.76
N THR J 186 34.22 -4.20 9.78
CA THR J 186 34.95 -5.20 10.62
C THR J 186 35.83 -4.55 11.70
N TRP J 187 35.86 -3.22 11.78
CA TRP J 187 36.85 -2.51 12.63
C TRP J 187 36.20 -1.33 13.35
N SER J 188 36.27 -1.34 14.66
CA SER J 188 35.92 -0.20 15.54
C SER J 188 37.19 0.43 16.07
N PRO J 189 37.19 1.76 16.32
CA PRO J 189 38.22 2.37 17.15
C PRO J 189 38.25 1.65 18.51
N ASP J 190 39.45 1.28 18.95
CA ASP J 190 39.66 0.48 20.16
C ASP J 190 39.72 1.43 21.36
N PRO J 191 38.70 1.42 22.26
CA PRO J 191 38.70 2.33 23.41
C PRO J 191 39.67 1.89 24.53
N SER J 192 40.18 0.65 24.45
CA SER J 192 41.13 0.05 25.43
C SER J 192 42.57 0.47 25.10
N ARG J 193 42.79 1.05 23.91
CA ARG J 193 44.07 1.68 23.52
C ARG J 193 43.81 3.14 23.17
N ASN J 194 44.45 3.66 22.13
CA ASN J 194 44.26 5.04 21.62
C ASN J 194 44.56 6.06 22.72
N GLU J 195 45.55 5.79 23.57
CA GLU J 195 45.98 6.73 24.65
C GLU J 195 46.56 8.00 23.99
N ASN J 196 47.10 7.87 22.78
CA ASN J 196 47.81 8.95 22.06
C ASN J 196 47.01 9.39 20.82
N THR J 197 45.71 9.07 20.75
CA THR J 197 44.78 9.50 19.66
C THR J 197 43.49 10.05 20.30
N ARG J 198 42.87 11.07 19.73
CA ARG J 198 41.47 11.41 20.06
C ARG J 198 40.59 11.01 18.88
N TYR J 199 39.56 10.19 19.10
CA TYR J 199 38.58 9.86 18.04
C TYR J 199 37.18 10.27 18.48
N PHE J 200 36.35 10.57 17.48
CA PHE J 200 34.96 11.03 17.62
C PHE J 200 34.14 10.35 16.53
N GLY J 201 32.94 9.89 16.84
CA GLY J 201 32.09 9.20 15.85
C GLY J 201 30.62 9.31 16.14
N ASN J 202 29.80 9.16 15.10
CA ASN J 202 28.33 9.04 15.26
C ASN J 202 27.84 8.11 14.17
N TYR J 203 26.99 7.20 14.59
CA TYR J 203 26.25 6.26 13.74
C TYR J 203 24.74 6.52 13.89
N TYR J 204 24.01 6.43 12.79
CA TYR J 204 22.54 6.57 12.69
C TYR J 204 22.13 5.55 11.62
N GLY J 205 21.39 4.52 11.99
CA GLY J 205 21.02 3.43 11.07
C GLY J 205 19.79 3.69 10.21
N GLY J 206 19.16 2.61 9.76
CA GLY J 206 17.94 2.65 8.94
C GLY J 206 18.23 2.52 7.47
N LEU J 207 17.21 2.10 6.72
CA LEU J 207 17.34 1.91 5.27
C LEU J 207 17.20 3.25 4.53
N THR J 208 16.32 4.14 4.98
CA THR J 208 15.93 5.35 4.21
C THR J 208 16.00 6.60 5.07
N THR J 209 16.69 6.53 6.19
CA THR J 209 16.93 7.67 7.10
C THR J 209 17.53 8.85 6.34
N PRO J 210 16.98 10.08 6.50
CA PRO J 210 17.59 11.26 5.88
C PRO J 210 18.94 11.61 6.50
N PRO J 211 19.96 11.94 5.70
CA PRO J 211 21.23 12.37 6.26
C PRO J 211 21.17 13.80 6.81
N VAL J 212 22.02 14.07 7.80
CA VAL J 212 22.14 15.37 8.51
C VAL J 212 23.60 15.78 8.54
N LEU J 213 23.88 17.06 8.26
CA LEU J 213 25.26 17.62 8.29
C LEU J 213 25.18 19.08 8.72
N THR J 214 26.14 19.50 9.54
CA THR J 214 26.39 20.91 9.82
C THR J 214 27.79 21.24 9.31
N PHE J 215 28.04 22.51 9.02
CA PHE J 215 29.36 22.93 8.49
C PHE J 215 29.56 24.37 8.90
N THR J 216 30.81 24.73 9.15
CA THR J 216 31.22 26.04 9.69
C THR J 216 32.75 26.03 9.71
N ASN J 217 33.34 27.23 9.68
CA ASN J 217 34.80 27.39 9.86
C ASN J 217 35.02 27.98 11.26
N THR J 218 34.04 27.99 12.16
CA THR J 218 34.14 28.73 13.43
C THR J 218 34.32 27.79 14.62
N VAL J 219 34.32 26.47 14.42
CA VAL J 219 34.30 25.52 15.57
C VAL J 219 35.64 24.81 15.67
N THR J 220 36.27 24.88 16.84
CA THR J 220 37.56 24.21 17.12
C THR J 220 37.29 23.10 18.13
N THR J 221 37.73 21.88 17.86
CA THR J 221 37.70 20.74 18.82
C THR J 221 39.03 20.70 19.57
N ILE J 222 39.02 20.86 20.90
CA ILE J 222 40.24 20.76 21.74
C ILE J 222 40.67 19.28 21.84
N LEU J 223 41.97 19.00 21.70
CA LEU J 223 42.48 17.60 21.64
C LEU J 223 43.24 17.26 22.93
N LEU J 224 43.39 18.22 23.84
CA LEU J 224 44.05 17.99 25.15
C LEU J 224 43.21 17.01 25.96
N ASP J 225 43.83 16.07 26.68
CA ASP J 225 43.11 15.13 27.56
C ASP J 225 42.88 15.80 28.92
N GLU J 226 42.44 15.01 29.91
CA GLU J 226 42.10 15.43 31.29
C GLU J 226 43.32 16.10 31.93
N ASN J 227 44.52 15.82 31.44
CA ASN J 227 45.79 16.27 32.06
C ASN J 227 46.40 17.41 31.27
N GLY J 228 45.70 17.93 30.26
CA GLY J 228 46.20 19.03 29.41
C GLY J 228 47.22 18.55 28.37
N VAL J 229 47.26 17.25 28.05
CA VAL J 229 48.17 16.71 27.01
C VAL J 229 47.40 16.27 25.76
N GLY J 230 47.79 16.83 24.62
CA GLY J 230 47.29 16.39 23.30
C GLY J 230 48.12 15.23 22.74
N PRO J 231 47.65 14.62 21.63
CA PRO J 231 48.42 13.59 20.93
C PRO J 231 49.83 14.09 20.66
N LEU J 232 50.80 13.26 21.00
CA LEU J 232 52.24 13.54 20.82
C LEU J 232 52.80 12.68 19.69
N CYS J 233 53.41 13.36 18.74
CA CYS J 233 53.78 12.77 17.43
C CYS J 233 55.12 12.05 17.60
N LYS J 234 55.08 10.91 18.31
CA LYS J 234 56.25 10.05 18.70
C LYS J 234 57.24 9.93 17.53
N GLY J 235 56.69 9.61 16.34
CA GLY J 235 57.46 9.25 15.13
C GLY J 235 57.54 10.37 14.13
N ASP J 236 57.29 11.62 14.54
CA ASP J 236 57.42 12.83 13.67
C ASP J 236 56.29 12.82 12.61
N GLY J 237 55.17 12.18 12.94
CA GLY J 237 54.01 12.08 12.03
C GLY J 237 52.70 12.31 12.74
N LEU J 238 51.81 13.04 12.08
CA LEU J 238 50.43 13.30 12.54
C LEU J 238 49.47 12.43 11.74
N PHE J 239 48.74 11.59 12.45
CA PHE J 239 47.80 10.60 11.88
C PHE J 239 46.40 11.19 11.86
N LEU J 240 45.87 11.32 10.66
CA LEU J 240 44.48 11.74 10.40
C LEU J 240 43.74 10.50 9.90
N SER J 241 42.61 10.18 10.51
CA SER J 241 41.74 9.07 10.09
C SER J 241 40.29 9.55 10.01
N CYS J 242 39.49 9.00 9.11
CA CYS J 242 38.06 9.34 9.02
C CYS J 242 37.28 8.30 8.20
N CYS J 243 35.97 8.38 8.37
CA CYS J 243 35.00 7.80 7.42
C CYS J 243 33.73 8.65 7.49
N ASP J 244 33.12 8.97 6.35
CA ASP J 244 31.93 9.84 6.25
C ASP J 244 30.95 9.24 5.23
N VAL J 245 30.26 8.18 5.63
CA VAL J 245 29.21 7.53 4.81
C VAL J 245 27.94 8.35 4.99
N MET J 246 27.37 8.81 3.89
CA MET J 246 26.16 9.68 3.87
C MET J 246 24.88 8.87 3.59
N GLY J 247 25.00 7.57 3.31
CA GLY J 247 23.89 6.67 2.93
C GLY J 247 24.08 6.08 1.56
N TRP J 248 22.99 5.69 0.92
CA TRP J 248 22.99 5.01 -0.38
C TRP J 248 22.41 5.91 -1.46
N PHE J 249 23.05 5.85 -2.62
CA PHE J 249 22.55 6.42 -3.89
C PHE J 249 21.86 5.28 -4.65
N THR J 250 20.76 5.61 -5.33
CA THR J 250 20.09 4.70 -6.29
C THR J 250 20.02 5.34 -7.69
N ALA J 251 20.76 4.77 -8.64
CA ALA J 251 20.73 5.22 -10.07
C ALA J 251 19.39 4.82 -10.69
N GLY J 252 18.91 5.65 -11.63
CA GLY J 252 17.62 5.44 -12.29
C GLY J 252 17.61 4.21 -13.17
N SER J 253 18.75 3.56 -13.35
CA SER J 253 18.87 2.28 -14.11
C SER J 253 18.18 1.14 -13.36
N GLY J 254 17.92 1.25 -12.06
CA GLY J 254 17.26 0.16 -11.33
C GLY J 254 17.10 0.43 -9.84
N THR J 255 17.17 -0.63 -9.03
CA THR J 255 16.98 -0.57 -7.57
C THR J 255 18.32 -0.86 -6.88
N HIS J 256 19.38 -1.07 -7.65
CA HIS J 256 20.74 -1.34 -7.12
C HIS J 256 21.22 -0.07 -6.45
N GLN J 257 21.89 -0.22 -5.32
CA GLN J 257 22.30 0.94 -4.50
C GLN J 257 23.82 0.98 -4.38
N ARG J 258 24.33 2.18 -4.11
CA ARG J 258 25.77 2.43 -3.92
C ARG J 258 25.93 3.28 -2.67
N PHE J 259 26.89 2.93 -1.81
CA PHE J 259 27.37 3.85 -0.75
C PHE J 259 27.84 5.15 -1.41
N ARG J 260 27.57 6.26 -0.74
CA ARG J 260 28.08 7.60 -1.10
C ARG J 260 28.74 8.16 0.15
N GLY J 261 30.01 8.58 0.02
CA GLY J 261 30.78 9.26 1.07
C GLY J 261 31.16 10.66 0.63
N LEU J 262 31.66 11.47 1.55
CA LEU J 262 32.16 12.83 1.30
C LEU J 262 33.54 12.95 1.90
N PRO J 263 34.38 13.84 1.32
CA PRO J 263 35.70 14.13 1.89
C PRO J 263 35.61 14.93 3.19
N ARG J 264 36.67 14.86 3.95
CA ARG J 264 36.83 15.58 5.21
C ARG J 264 38.10 16.42 5.19
N TYR J 265 37.95 17.67 5.60
CA TYR J 265 39.03 18.66 5.82
C TYR J 265 39.50 18.56 7.27
N PHE J 266 40.80 18.60 7.49
CA PHE J 266 41.40 18.79 8.83
C PHE J 266 42.35 19.98 8.83
N ASN J 267 42.25 20.81 9.87
CA ASN J 267 43.22 21.87 10.22
C ASN J 267 43.59 21.68 11.68
N VAL J 268 44.78 21.11 11.93
CA VAL J 268 45.25 20.77 13.28
C VAL J 268 46.24 21.85 13.75
N GLN J 269 46.05 22.35 14.97
CA GLN J 269 47.01 23.28 15.61
C GLN J 269 48.02 22.45 16.41
N LEU J 270 49.30 22.67 16.17
CA LEU J 270 50.39 21.95 16.88
C LEU J 270 51.20 22.94 17.71
N ARG J 271 51.72 22.48 18.84
CA ARG J 271 52.80 23.19 19.57
C ARG J 271 53.94 22.21 19.86
N LYS J 272 55.08 22.72 20.31
CA LYS J 272 56.22 21.86 20.69
C LYS J 272 56.11 21.58 22.18
N ARG J 273 56.20 20.33 22.57
CA ARG J 273 56.12 19.96 23.99
C ARG J 273 57.37 19.16 24.35
N ALA J 274 58.01 19.49 25.47
CA ALA J 274 59.17 18.73 25.98
C ALA J 274 58.61 17.52 26.72
N VAL J 275 59.28 16.38 26.62
CA VAL J 275 58.78 15.08 27.16
C VAL J 275 59.96 14.33 27.81
N ARG J 276 59.65 13.59 28.88
CA ARG J 276 60.62 12.77 29.66
C ARG J 276 60.85 11.49 28.87
N ASN J 277 62.10 11.22 28.49
CA ASN J 277 62.52 9.97 27.82
C ASN J 277 63.47 9.23 28.77
#